data_6GV8
# 
_entry.id   6GV8 
# 
_audit_conform.dict_name       mmcif_pdbx.dic 
_audit_conform.dict_version    5.392 
_audit_conform.dict_location   http://mmcif.pdb.org/dictionaries/ascii/mmcif_pdbx.dic 
# 
loop_
_database_2.database_id 
_database_2.database_code 
_database_2.pdbx_database_accession 
_database_2.pdbx_DOI 
PDB   6GV8         pdb_00006gv8 10.2210/pdb6gv8/pdb 
WWPDB D_1200010602 ?            ?                   
# 
loop_
_pdbx_audit_revision_history.ordinal 
_pdbx_audit_revision_history.data_content_type 
_pdbx_audit_revision_history.major_revision 
_pdbx_audit_revision_history.minor_revision 
_pdbx_audit_revision_history.revision_date 
1 'Structure model' 1 0 2019-07-03 
2 'Structure model' 1 1 2021-01-13 
3 'Structure model' 1 2 2024-05-15 
# 
_pdbx_audit_revision_details.ordinal             1 
_pdbx_audit_revision_details.revision_ordinal    1 
_pdbx_audit_revision_details.data_content_type   'Structure model' 
_pdbx_audit_revision_details.provider            repository 
_pdbx_audit_revision_details.type                'Initial release' 
_pdbx_audit_revision_details.description         ? 
_pdbx_audit_revision_details.details             ? 
# 
loop_
_pdbx_audit_revision_group.ordinal 
_pdbx_audit_revision_group.revision_ordinal 
_pdbx_audit_revision_group.data_content_type 
_pdbx_audit_revision_group.group 
1 2 'Structure model' 'Database references' 
2 3 'Structure model' 'Data collection'     
3 3 'Structure model' 'Database references' 
# 
loop_
_pdbx_audit_revision_category.ordinal 
_pdbx_audit_revision_category.revision_ordinal 
_pdbx_audit_revision_category.data_content_type 
_pdbx_audit_revision_category.category 
1 2 'Structure model' citation        
2 2 'Structure model' citation_author 
3 3 'Structure model' chem_comp_atom  
4 3 'Structure model' chem_comp_bond  
5 3 'Structure model' database_2      
# 
loop_
_pdbx_audit_revision_item.ordinal 
_pdbx_audit_revision_item.revision_ordinal 
_pdbx_audit_revision_item.data_content_type 
_pdbx_audit_revision_item.item 
1  2 'Structure model' '_citation.country'                   
2  2 'Structure model' '_citation.journal_abbrev'            
3  2 'Structure model' '_citation.journal_id_CSD'            
4  2 'Structure model' '_citation.journal_id_ISSN'           
5  2 'Structure model' '_citation.journal_volume'            
6  2 'Structure model' '_citation.pdbx_database_id_DOI'      
7  2 'Structure model' '_citation.pdbx_database_id_PubMed'   
8  2 'Structure model' '_citation.title'                     
9  2 'Structure model' '_citation.year'                      
10 3 'Structure model' '_database_2.pdbx_DOI'                
11 3 'Structure model' '_database_2.pdbx_database_accession' 
# 
_pdbx_database_status.status_code                     REL 
_pdbx_database_status.status_code_sf                  REL 
_pdbx_database_status.status_code_mr                  ? 
_pdbx_database_status.entry_id                        6GV8 
_pdbx_database_status.recvd_initial_deposition_date   2018-06-20 
_pdbx_database_status.SG_entry                        N 
_pdbx_database_status.deposit_site                    PDBE 
_pdbx_database_status.process_site                    PDBE 
_pdbx_database_status.status_code_cs                  ? 
_pdbx_database_status.methods_development_category    ? 
_pdbx_database_status.pdb_format_compatible           Y 
_pdbx_database_status.status_code_nmr_data            ? 
# 
_pdbx_database_related.db_name        PDB 
_pdbx_database_related.details        . 
_pdbx_database_related.db_id          6GV5 
_pdbx_database_related.content_type   unspecified 
# 
loop_
_audit_author.name 
_audit_author.pdbx_ordinal 
_audit_author.identifier_ORCID 
'Buettner, H.' 1 ? 
'Rohde, H.'    2 ? 
'Perbandt, M.' 3 ? 
# 
_citation.abstract                  ? 
_citation.abstract_id_CAS           ? 
_citation.book_id_ISBN              ? 
_citation.book_publisher            ? 
_citation.book_publisher_city       ? 
_citation.book_title                ? 
_citation.coordinate_linkage        ? 
_citation.country                   US 
_citation.database_id_Medline       ? 
_citation.details                   ? 
_citation.id                        primary 
_citation.journal_abbrev            Mbio 
_citation.journal_id_ASTM           ? 
_citation.journal_id_CSD            ? 
_citation.journal_id_ISSN           2150-7511 
_citation.journal_full              ? 
_citation.journal_issue             ? 
_citation.journal_volume            11 
_citation.language                  ? 
_citation.page_first                ? 
_citation.page_last                 ? 
_citation.title                     
;A Giant Extracellular Matrix Binding Protein of Staphylococcus epidermidis Binds Surface-Immobilized Fibronectin via a Novel Mechanism.
;
_citation.year                      2020 
_citation.database_id_CSD           ? 
_citation.pdbx_database_id_DOI      10.1128/mBio.01612-20 
_citation.pdbx_database_id_PubMed   33082256 
_citation.unpublished_flag          ? 
# 
loop_
_citation_author.citation_id 
_citation_author.name 
_citation_author.ordinal 
_citation_author.identifier_ORCID 
primary 'Buttner, H.'       1  ?                   
primary 'Perbandt, M.'      2  ?                   
primary 'Kohler, T.'        3  ?                   
primary 'Kikhney, A.'       4  ?                   
primary 'Wolters, M.'       5  ?                   
primary 'Christner, M.'     6  ?                   
primary 'Heise, M.'         7  ?                   
primary 'Wilde, J.'         8  ?                   
primary 'Weisselberg, S.'   9  ?                   
primary 'Both, A.'          10 ?                   
primary 'Betzel, C.'        11 ?                   
primary 'Hammerschmidt, S.' 12 0000-0002-6382-6681 
primary 'Svergun, D.'       13 ?                   
primary 'Aepfelbacher, M.'  14 ?                   
primary 'Rohde, H.'         15 0000-0001-8587-4433 
# 
loop_
_entity.id 
_entity.type 
_entity.src_method 
_entity.pdbx_description 
_entity.formula_weight 
_entity.pdbx_number_of_molecules 
_entity.pdbx_ec 
_entity.pdbx_mutation 
_entity.pdbx_fragment 
_entity.details 
1 polymer man 'Hyperosmolarity resistance protein Emb' 18836.570 1   ? ? ? ? 
2 water   nat water                                    18.015    262 ? ? ? ? 
# 
_entity_poly.entity_id                      1 
_entity_poly.type                           'polypeptide(L)' 
_entity_poly.nstd_linkage                   no 
_entity_poly.nstd_monomer                   no 
_entity_poly.pdbx_seq_one_letter_code       
;TKVNKTELINARRRLDEEISKENKTPSSIRNFDQAMNRAQSQINTAKSDADQVIGTEFATPQQVNSALSKVQAAQNKINE
AKALLQNKADNSQLVRAKEQLQQSIQPAASTDGMTQDSTRNYKNKRQAAEQAIQHANSVINNGDATSQQINDAKNTVEQA
QRDYVEAKSN
;
_entity_poly.pdbx_seq_one_letter_code_can   
;TKVNKTELINARRRLDEEISKENKTPSSIRNFDQAMNRAQSQINTAKSDADQVIGTEFATPQQVNSALSKVQAAQNKINE
AKALLQNKADNSQLVRAKEQLQQSIQPAASTDGMTQDSTRNYKNKRQAAEQAIQHANSVINNGDATSQQINDAKNTVEQA
QRDYVEAKSN
;
_entity_poly.pdbx_strand_id                 A 
_entity_poly.pdbx_target_identifier         ? 
# 
_pdbx_entity_nonpoly.entity_id   2 
_pdbx_entity_nonpoly.name        water 
_pdbx_entity_nonpoly.comp_id     HOH 
# 
loop_
_entity_poly_seq.entity_id 
_entity_poly_seq.num 
_entity_poly_seq.mon_id 
_entity_poly_seq.hetero 
1 1   THR n 
1 2   LYS n 
1 3   VAL n 
1 4   ASN n 
1 5   LYS n 
1 6   THR n 
1 7   GLU n 
1 8   LEU n 
1 9   ILE n 
1 10  ASN n 
1 11  ALA n 
1 12  ARG n 
1 13  ARG n 
1 14  ARG n 
1 15  LEU n 
1 16  ASP n 
1 17  GLU n 
1 18  GLU n 
1 19  ILE n 
1 20  SER n 
1 21  LYS n 
1 22  GLU n 
1 23  ASN n 
1 24  LYS n 
1 25  THR n 
1 26  PRO n 
1 27  SER n 
1 28  SER n 
1 29  ILE n 
1 30  ARG n 
1 31  ASN n 
1 32  PHE n 
1 33  ASP n 
1 34  GLN n 
1 35  ALA n 
1 36  MET n 
1 37  ASN n 
1 38  ARG n 
1 39  ALA n 
1 40  GLN n 
1 41  SER n 
1 42  GLN n 
1 43  ILE n 
1 44  ASN n 
1 45  THR n 
1 46  ALA n 
1 47  LYS n 
1 48  SER n 
1 49  ASP n 
1 50  ALA n 
1 51  ASP n 
1 52  GLN n 
1 53  VAL n 
1 54  ILE n 
1 55  GLY n 
1 56  THR n 
1 57  GLU n 
1 58  PHE n 
1 59  ALA n 
1 60  THR n 
1 61  PRO n 
1 62  GLN n 
1 63  GLN n 
1 64  VAL n 
1 65  ASN n 
1 66  SER n 
1 67  ALA n 
1 68  LEU n 
1 69  SER n 
1 70  LYS n 
1 71  VAL n 
1 72  GLN n 
1 73  ALA n 
1 74  ALA n 
1 75  GLN n 
1 76  ASN n 
1 77  LYS n 
1 78  ILE n 
1 79  ASN n 
1 80  GLU n 
1 81  ALA n 
1 82  LYS n 
1 83  ALA n 
1 84  LEU n 
1 85  LEU n 
1 86  GLN n 
1 87  ASN n 
1 88  LYS n 
1 89  ALA n 
1 90  ASP n 
1 91  ASN n 
1 92  SER n 
1 93  GLN n 
1 94  LEU n 
1 95  VAL n 
1 96  ARG n 
1 97  ALA n 
1 98  LYS n 
1 99  GLU n 
1 100 GLN n 
1 101 LEU n 
1 102 GLN n 
1 103 GLN n 
1 104 SER n 
1 105 ILE n 
1 106 GLN n 
1 107 PRO n 
1 108 ALA n 
1 109 ALA n 
1 110 SER n 
1 111 THR n 
1 112 ASP n 
1 113 GLY n 
1 114 MET n 
1 115 THR n 
1 116 GLN n 
1 117 ASP n 
1 118 SER n 
1 119 THR n 
1 120 ARG n 
1 121 ASN n 
1 122 TYR n 
1 123 LYS n 
1 124 ASN n 
1 125 LYS n 
1 126 ARG n 
1 127 GLN n 
1 128 ALA n 
1 129 ALA n 
1 130 GLU n 
1 131 GLN n 
1 132 ALA n 
1 133 ILE n 
1 134 GLN n 
1 135 HIS n 
1 136 ALA n 
1 137 ASN n 
1 138 SER n 
1 139 VAL n 
1 140 ILE n 
1 141 ASN n 
1 142 ASN n 
1 143 GLY n 
1 144 ASP n 
1 145 ALA n 
1 146 THR n 
1 147 SER n 
1 148 GLN n 
1 149 GLN n 
1 150 ILE n 
1 151 ASN n 
1 152 ASP n 
1 153 ALA n 
1 154 LYS n 
1 155 ASN n 
1 156 THR n 
1 157 VAL n 
1 158 GLU n 
1 159 GLN n 
1 160 ALA n 
1 161 GLN n 
1 162 ARG n 
1 163 ASP n 
1 164 TYR n 
1 165 VAL n 
1 166 GLU n 
1 167 ALA n 
1 168 LYS n 
1 169 SER n 
1 170 ASN n 
# 
_entity_src_gen.entity_id                          1 
_entity_src_gen.pdbx_src_id                        1 
_entity_src_gen.pdbx_alt_source_flag               sample 
_entity_src_gen.pdbx_seq_type                      'Biological sequence' 
_entity_src_gen.pdbx_beg_seq_num                   1 
_entity_src_gen.pdbx_end_seq_num                   170 
_entity_src_gen.gene_src_common_name               ? 
_entity_src_gen.gene_src_genus                     ? 
_entity_src_gen.pdbx_gene_src_gene                 'ebh, CTJ08_00575' 
_entity_src_gen.gene_src_species                   ? 
_entity_src_gen.gene_src_strain                    ? 
_entity_src_gen.gene_src_tissue                    ? 
_entity_src_gen.gene_src_tissue_fraction           ? 
_entity_src_gen.gene_src_details                   ? 
_entity_src_gen.pdbx_gene_src_fragment             ? 
_entity_src_gen.pdbx_gene_src_scientific_name      'Staphylococcus epidermidis' 
_entity_src_gen.pdbx_gene_src_ncbi_taxonomy_id     1282 
_entity_src_gen.pdbx_gene_src_variant              ? 
_entity_src_gen.pdbx_gene_src_cell_line            ? 
_entity_src_gen.pdbx_gene_src_atcc                 ? 
_entity_src_gen.pdbx_gene_src_organ                ? 
_entity_src_gen.pdbx_gene_src_organelle            ? 
_entity_src_gen.pdbx_gene_src_cell                 ? 
_entity_src_gen.pdbx_gene_src_cellular_location    ? 
_entity_src_gen.host_org_common_name               ? 
_entity_src_gen.pdbx_host_org_scientific_name      'Escherichia coli' 
_entity_src_gen.pdbx_host_org_ncbi_taxonomy_id     562 
_entity_src_gen.host_org_genus                     ? 
_entity_src_gen.pdbx_host_org_gene                 ? 
_entity_src_gen.pdbx_host_org_organ                ? 
_entity_src_gen.host_org_species                   ? 
_entity_src_gen.pdbx_host_org_tissue               ? 
_entity_src_gen.pdbx_host_org_tissue_fraction      ? 
_entity_src_gen.pdbx_host_org_strain               ? 
_entity_src_gen.pdbx_host_org_variant              ? 
_entity_src_gen.pdbx_host_org_cell_line            ? 
_entity_src_gen.pdbx_host_org_atcc                 ? 
_entity_src_gen.pdbx_host_org_culture_collection   ? 
_entity_src_gen.pdbx_host_org_cell                 ? 
_entity_src_gen.pdbx_host_org_organelle            ? 
_entity_src_gen.pdbx_host_org_cellular_location    ? 
_entity_src_gen.pdbx_host_org_vector_type          ? 
_entity_src_gen.pdbx_host_org_vector               ? 
_entity_src_gen.host_org_details                   ? 
_entity_src_gen.expression_system_id               ? 
_entity_src_gen.plasmid_name                       ? 
_entity_src_gen.plasmid_details                    ? 
_entity_src_gen.pdbx_description                   ? 
# 
loop_
_chem_comp.id 
_chem_comp.type 
_chem_comp.mon_nstd_flag 
_chem_comp.name 
_chem_comp.pdbx_synonyms 
_chem_comp.formula 
_chem_comp.formula_weight 
ALA 'L-peptide linking' y ALANINE         ? 'C3 H7 N O2'     89.093  
ARG 'L-peptide linking' y ARGININE        ? 'C6 H15 N4 O2 1' 175.209 
ASN 'L-peptide linking' y ASPARAGINE      ? 'C4 H8 N2 O3'    132.118 
ASP 'L-peptide linking' y 'ASPARTIC ACID' ? 'C4 H7 N O4'     133.103 
GLN 'L-peptide linking' y GLUTAMINE       ? 'C5 H10 N2 O3'   146.144 
GLU 'L-peptide linking' y 'GLUTAMIC ACID' ? 'C5 H9 N O4'     147.129 
GLY 'peptide linking'   y GLYCINE         ? 'C2 H5 N O2'     75.067  
HIS 'L-peptide linking' y HISTIDINE       ? 'C6 H10 N3 O2 1' 156.162 
HOH non-polymer         . WATER           ? 'H2 O'           18.015  
ILE 'L-peptide linking' y ISOLEUCINE      ? 'C6 H13 N O2'    131.173 
LEU 'L-peptide linking' y LEUCINE         ? 'C6 H13 N O2'    131.173 
LYS 'L-peptide linking' y LYSINE          ? 'C6 H15 N2 O2 1' 147.195 
MET 'L-peptide linking' y METHIONINE      ? 'C5 H11 N O2 S'  149.211 
PHE 'L-peptide linking' y PHENYLALANINE   ? 'C9 H11 N O2'    165.189 
PRO 'L-peptide linking' y PROLINE         ? 'C5 H9 N O2'     115.130 
SER 'L-peptide linking' y SERINE          ? 'C3 H7 N O3'     105.093 
THR 'L-peptide linking' y THREONINE       ? 'C4 H9 N O3'     119.119 
TYR 'L-peptide linking' y TYROSINE        ? 'C9 H11 N O3'    181.189 
VAL 'L-peptide linking' y VALINE          ? 'C5 H11 N O2'    117.146 
# 
loop_
_pdbx_poly_seq_scheme.asym_id 
_pdbx_poly_seq_scheme.entity_id 
_pdbx_poly_seq_scheme.seq_id 
_pdbx_poly_seq_scheme.mon_id 
_pdbx_poly_seq_scheme.ndb_seq_num 
_pdbx_poly_seq_scheme.pdb_seq_num 
_pdbx_poly_seq_scheme.auth_seq_num 
_pdbx_poly_seq_scheme.pdb_mon_id 
_pdbx_poly_seq_scheme.auth_mon_id 
_pdbx_poly_seq_scheme.pdb_strand_id 
_pdbx_poly_seq_scheme.pdb_ins_code 
_pdbx_poly_seq_scheme.hetero 
A 1 1   THR 1   4   ?   ?   ?   A . n 
A 1 2   LYS 2   5   ?   ?   ?   A . n 
A 1 3   VAL 3   6   6   VAL VAL A . n 
A 1 4   ASN 4   7   7   ASN ASN A . n 
A 1 5   LYS 5   8   8   LYS LYS A . n 
A 1 6   THR 6   9   9   THR THR A . n 
A 1 7   GLU 7   10  10  GLU GLU A . n 
A 1 8   LEU 8   11  11  LEU LEU A . n 
A 1 9   ILE 9   12  12  ILE ILE A . n 
A 1 10  ASN 10  13  13  ASN ASN A . n 
A 1 11  ALA 11  14  14  ALA ALA A . n 
A 1 12  ARG 12  15  15  ARG ARG A . n 
A 1 13  ARG 13  16  16  ARG ARG A . n 
A 1 14  ARG 14  17  17  ARG ARG A . n 
A 1 15  LEU 15  18  18  LEU LEU A . n 
A 1 16  ASP 16  19  19  ASP ASP A . n 
A 1 17  GLU 17  20  20  GLU GLU A . n 
A 1 18  GLU 18  21  21  GLU GLU A . n 
A 1 19  ILE 19  22  22  ILE ILE A . n 
A 1 20  SER 20  23  23  SER SER A . n 
A 1 21  LYS 21  24  24  LYS LYS A . n 
A 1 22  GLU 22  25  25  GLU GLU A . n 
A 1 23  ASN 23  26  26  ASN ASN A . n 
A 1 24  LYS 24  27  27  LYS LYS A . n 
A 1 25  THR 25  28  28  THR THR A . n 
A 1 26  PRO 26  29  29  PRO PRO A . n 
A 1 27  SER 27  30  30  SER SER A . n 
A 1 28  SER 28  31  31  SER SER A . n 
A 1 29  ILE 29  32  32  ILE ILE A . n 
A 1 30  ARG 30  33  33  ARG ARG A . n 
A 1 31  ASN 31  34  34  ASN ASN A . n 
A 1 32  PHE 32  35  35  PHE PHE A . n 
A 1 33  ASP 33  36  36  ASP ASP A . n 
A 1 34  GLN 34  37  37  GLN GLN A . n 
A 1 35  ALA 35  38  38  ALA ALA A . n 
A 1 36  MET 36  39  39  MET MET A . n 
A 1 37  ASN 37  40  40  ASN ASN A . n 
A 1 38  ARG 38  41  41  ARG ARG A . n 
A 1 39  ALA 39  42  42  ALA ALA A . n 
A 1 40  GLN 40  43  43  GLN GLN A . n 
A 1 41  SER 41  44  44  SER SER A . n 
A 1 42  GLN 42  45  45  GLN GLN A . n 
A 1 43  ILE 43  46  46  ILE ILE A . n 
A 1 44  ASN 44  47  47  ASN ASN A . n 
A 1 45  THR 45  48  48  THR THR A . n 
A 1 46  ALA 46  49  49  ALA ALA A . n 
A 1 47  LYS 47  50  50  LYS LYS A . n 
A 1 48  SER 48  51  51  SER SER A . n 
A 1 49  ASP 49  52  52  ASP ASP A . n 
A 1 50  ALA 50  53  53  ALA ALA A . n 
A 1 51  ASP 51  54  54  ASP ASP A . n 
A 1 52  GLN 52  55  55  GLN GLN A . n 
A 1 53  VAL 53  56  56  VAL VAL A . n 
A 1 54  ILE 54  57  57  ILE ILE A . n 
A 1 55  GLY 55  58  58  GLY GLY A . n 
A 1 56  THR 56  59  59  THR THR A . n 
A 1 57  GLU 57  60  60  GLU GLU A . n 
A 1 58  PHE 58  61  61  PHE PHE A . n 
A 1 59  ALA 59  62  62  ALA ALA A . n 
A 1 60  THR 60  63  63  THR THR A . n 
A 1 61  PRO 61  64  64  PRO PRO A . n 
A 1 62  GLN 62  65  65  GLN GLN A . n 
A 1 63  GLN 63  66  66  GLN GLN A . n 
A 1 64  VAL 64  67  67  VAL VAL A . n 
A 1 65  ASN 65  68  68  ASN ASN A . n 
A 1 66  SER 66  69  69  SER SER A . n 
A 1 67  ALA 67  70  70  ALA ALA A . n 
A 1 68  LEU 68  71  71  LEU LEU A . n 
A 1 69  SER 69  72  72  SER SER A . n 
A 1 70  LYS 70  73  73  LYS LYS A . n 
A 1 71  VAL 71  74  74  VAL VAL A . n 
A 1 72  GLN 72  75  75  GLN GLN A . n 
A 1 73  ALA 73  76  76  ALA ALA A . n 
A 1 74  ALA 74  77  77  ALA ALA A . n 
A 1 75  GLN 75  78  78  GLN GLN A . n 
A 1 76  ASN 76  79  79  ASN ASN A . n 
A 1 77  LYS 77  80  80  LYS LYS A . n 
A 1 78  ILE 78  81  81  ILE ILE A . n 
A 1 79  ASN 79  82  82  ASN ASN A . n 
A 1 80  GLU 80  83  83  GLU GLU A . n 
A 1 81  ALA 81  84  84  ALA ALA A . n 
A 1 82  LYS 82  85  85  LYS LYS A . n 
A 1 83  ALA 83  86  86  ALA ALA A . n 
A 1 84  LEU 84  87  87  LEU LEU A . n 
A 1 85  LEU 85  88  88  LEU LEU A . n 
A 1 86  GLN 86  89  89  GLN GLN A . n 
A 1 87  ASN 87  90  90  ASN ASN A . n 
A 1 88  LYS 88  91  91  LYS LYS A . n 
A 1 89  ALA 89  92  92  ALA ALA A . n 
A 1 90  ASP 90  93  93  ASP ASP A . n 
A 1 91  ASN 91  94  94  ASN ASN A . n 
A 1 92  SER 92  95  95  SER SER A . n 
A 1 93  GLN 93  96  96  GLN GLN A . n 
A 1 94  LEU 94  97  97  LEU LEU A . n 
A 1 95  VAL 95  98  98  VAL VAL A . n 
A 1 96  ARG 96  99  99  ARG ARG A . n 
A 1 97  ALA 97  100 100 ALA ALA A . n 
A 1 98  LYS 98  101 101 LYS LYS A . n 
A 1 99  GLU 99  102 102 GLU GLU A . n 
A 1 100 GLN 100 103 103 GLN GLN A . n 
A 1 101 LEU 101 104 104 LEU LEU A . n 
A 1 102 GLN 102 105 105 GLN GLN A . n 
A 1 103 GLN 103 106 106 GLN GLN A . n 
A 1 104 SER 104 107 107 SER SER A . n 
A 1 105 ILE 105 108 108 ILE ILE A . n 
A 1 106 GLN 106 109 ?   ?   ?   A . n 
A 1 107 PRO 107 110 ?   ?   ?   A . n 
A 1 108 ALA 108 111 ?   ?   ?   A . n 
A 1 109 ALA 109 112 ?   ?   ?   A . n 
A 1 110 SER 110 113 ?   ?   ?   A . n 
A 1 111 THR 111 114 ?   ?   ?   A . n 
A 1 112 ASP 112 115 ?   ?   ?   A . n 
A 1 113 GLY 113 116 ?   ?   ?   A . n 
A 1 114 MET 114 117 ?   ?   ?   A . n 
A 1 115 THR 115 118 ?   ?   ?   A . n 
A 1 116 GLN 116 119 ?   ?   ?   A . n 
A 1 117 ASP 117 120 120 ASP ASP A . n 
A 1 118 SER 118 121 121 SER SER A . n 
A 1 119 THR 119 122 122 THR THR A . n 
A 1 120 ARG 120 123 123 ARG ARG A . n 
A 1 121 ASN 121 124 124 ASN ASN A . n 
A 1 122 TYR 122 125 125 TYR TYR A . n 
A 1 123 LYS 123 126 126 LYS LYS A . n 
A 1 124 ASN 124 127 127 ASN ASN A . n 
A 1 125 LYS 125 128 128 LYS LYS A . n 
A 1 126 ARG 126 129 129 ARG ARG A . n 
A 1 127 GLN 127 130 130 GLN GLN A . n 
A 1 128 ALA 128 131 131 ALA ALA A . n 
A 1 129 ALA 129 132 132 ALA ALA A . n 
A 1 130 GLU 130 133 133 GLU GLU A . n 
A 1 131 GLN 131 134 134 GLN GLN A . n 
A 1 132 ALA 132 135 135 ALA ALA A . n 
A 1 133 ILE 133 136 136 ILE ILE A . n 
A 1 134 GLN 134 137 137 GLN GLN A . n 
A 1 135 HIS 135 138 138 HIS HIS A . n 
A 1 136 ALA 136 139 139 ALA ALA A . n 
A 1 137 ASN 137 140 140 ASN ASN A . n 
A 1 138 SER 138 141 141 SER SER A . n 
A 1 139 VAL 139 142 142 VAL VAL A . n 
A 1 140 ILE 140 143 143 ILE ILE A . n 
A 1 141 ASN 141 144 144 ASN ASN A . n 
A 1 142 ASN 142 145 145 ASN ASN A . n 
A 1 143 GLY 143 146 146 GLY GLY A . n 
A 1 144 ASP 144 147 147 ASP ASP A . n 
A 1 145 ALA 145 148 148 ALA ALA A . n 
A 1 146 THR 146 149 149 THR THR A . n 
A 1 147 SER 147 150 150 SER SER A . n 
A 1 148 GLN 148 151 151 GLN GLN A . n 
A 1 149 GLN 149 152 152 GLN GLN A . n 
A 1 150 ILE 150 153 153 ILE ILE A . n 
A 1 151 ASN 151 154 154 ASN ASN A . n 
A 1 152 ASP 152 155 155 ASP ASP A . n 
A 1 153 ALA 153 156 156 ALA ALA A . n 
A 1 154 LYS 154 157 157 LYS LYS A . n 
A 1 155 ASN 155 158 158 ASN ASN A . n 
A 1 156 THR 156 159 159 THR THR A . n 
A 1 157 VAL 157 160 160 VAL VAL A . n 
A 1 158 GLU 158 161 161 GLU GLU A . n 
A 1 159 GLN 159 162 162 GLN GLN A . n 
A 1 160 ALA 160 163 163 ALA ALA A . n 
A 1 161 GLN 161 164 164 GLN GLN A . n 
A 1 162 ARG 162 165 165 ARG ARG A . n 
A 1 163 ASP 163 166 166 ASP ASP A . n 
A 1 164 TYR 164 167 167 TYR TYR A . n 
A 1 165 VAL 165 168 168 VAL VAL A . n 
A 1 166 GLU 166 169 169 GLU GLU A . n 
A 1 167 ALA 167 170 170 ALA ALA A . n 
A 1 168 LYS 168 171 171 LYS LYS A . n 
A 1 169 SER 169 172 172 SER SER A . n 
A 1 170 ASN 170 173 173 ASN ASN A . n 
# 
loop_
_pdbx_nonpoly_scheme.asym_id 
_pdbx_nonpoly_scheme.entity_id 
_pdbx_nonpoly_scheme.mon_id 
_pdbx_nonpoly_scheme.ndb_seq_num 
_pdbx_nonpoly_scheme.pdb_seq_num 
_pdbx_nonpoly_scheme.auth_seq_num 
_pdbx_nonpoly_scheme.pdb_mon_id 
_pdbx_nonpoly_scheme.auth_mon_id 
_pdbx_nonpoly_scheme.pdb_strand_id 
_pdbx_nonpoly_scheme.pdb_ins_code 
B 2 HOH 1   201 284 HOH HOH A . 
B 2 HOH 2   202 231 HOH HOH A . 
B 2 HOH 3   203 164 HOH HOH A . 
B 2 HOH 4   204 99  HOH HOH A . 
B 2 HOH 5   205 105 HOH HOH A . 
B 2 HOH 6   206 286 HOH HOH A . 
B 2 HOH 7   207 229 HOH HOH A . 
B 2 HOH 8   208 101 HOH HOH A . 
B 2 HOH 9   209 145 HOH HOH A . 
B 2 HOH 10  210 266 HOH HOH A . 
B 2 HOH 11  211 84  HOH HOH A . 
B 2 HOH 12  212 221 HOH HOH A . 
B 2 HOH 13  213 69  HOH HOH A . 
B 2 HOH 14  214 125 HOH HOH A . 
B 2 HOH 15  215 237 HOH HOH A . 
B 2 HOH 16  216 49  HOH HOH A . 
B 2 HOH 17  217 222 HOH HOH A . 
B 2 HOH 18  218 246 HOH HOH A . 
B 2 HOH 19  219 250 HOH HOH A . 
B 2 HOH 20  220 282 HOH HOH A . 
B 2 HOH 21  221 109 HOH HOH A . 
B 2 HOH 22  222 76  HOH HOH A . 
B 2 HOH 23  223 10  HOH HOH A . 
B 2 HOH 24  224 100 HOH HOH A . 
B 2 HOH 25  225 33  HOH HOH A . 
B 2 HOH 26  226 218 HOH HOH A . 
B 2 HOH 27  227 71  HOH HOH A . 
B 2 HOH 28  228 86  HOH HOH A . 
B 2 HOH 29  229 144 HOH HOH A . 
B 2 HOH 30  230 8   HOH HOH A . 
B 2 HOH 31  231 18  HOH HOH A . 
B 2 HOH 32  232 79  HOH HOH A . 
B 2 HOH 33  233 39  HOH HOH A . 
B 2 HOH 34  234 12  HOH HOH A . 
B 2 HOH 35  235 154 HOH HOH A . 
B 2 HOH 36  236 95  HOH HOH A . 
B 2 HOH 37  237 134 HOH HOH A . 
B 2 HOH 38  238 173 HOH HOH A . 
B 2 HOH 39  239 211 HOH HOH A . 
B 2 HOH 40  240 136 HOH HOH A . 
B 2 HOH 41  241 169 HOH HOH A . 
B 2 HOH 42  242 23  HOH HOH A . 
B 2 HOH 43  243 116 HOH HOH A . 
B 2 HOH 44  244 247 HOH HOH A . 
B 2 HOH 45  245 120 HOH HOH A . 
B 2 HOH 46  246 15  HOH HOH A . 
B 2 HOH 47  247 9   HOH HOH A . 
B 2 HOH 48  248 70  HOH HOH A . 
B 2 HOH 49  249 194 HOH HOH A . 
B 2 HOH 50  250 140 HOH HOH A . 
B 2 HOH 51  251 38  HOH HOH A . 
B 2 HOH 52  252 77  HOH HOH A . 
B 2 HOH 53  253 59  HOH HOH A . 
B 2 HOH 54  254 198 HOH HOH A . 
B 2 HOH 55  255 62  HOH HOH A . 
B 2 HOH 56  256 163 HOH HOH A . 
B 2 HOH 57  257 102 HOH HOH A . 
B 2 HOH 58  258 190 HOH HOH A . 
B 2 HOH 59  259 184 HOH HOH A . 
B 2 HOH 60  260 82  HOH HOH A . 
B 2 HOH 61  261 20  HOH HOH A . 
B 2 HOH 62  262 34  HOH HOH A . 
B 2 HOH 63  263 6   HOH HOH A . 
B 2 HOH 64  264 52  HOH HOH A . 
B 2 HOH 65  265 124 HOH HOH A . 
B 2 HOH 66  266 55  HOH HOH A . 
B 2 HOH 67  267 22  HOH HOH A . 
B 2 HOH 68  268 107 HOH HOH A . 
B 2 HOH 69  269 94  HOH HOH A . 
B 2 HOH 70  270 162 HOH HOH A . 
B 2 HOH 71  271 193 HOH HOH A . 
B 2 HOH 72  272 98  HOH HOH A . 
B 2 HOH 73  273 4   HOH HOH A . 
B 2 HOH 74  274 32  HOH HOH A . 
B 2 HOH 75  275 26  HOH HOH A . 
B 2 HOH 76  276 220 HOH HOH A . 
B 2 HOH 77  277 118 HOH HOH A . 
B 2 HOH 78  278 1   HOH HOH A . 
B 2 HOH 79  279 58  HOH HOH A . 
B 2 HOH 80  280 160 HOH HOH A . 
B 2 HOH 81  281 159 HOH HOH A . 
B 2 HOH 82  282 127 HOH HOH A . 
B 2 HOH 83  283 36  HOH HOH A . 
B 2 HOH 84  284 171 HOH HOH A . 
B 2 HOH 85  285 51  HOH HOH A . 
B 2 HOH 86  286 115 HOH HOH A . 
B 2 HOH 87  287 25  HOH HOH A . 
B 2 HOH 88  288 11  HOH HOH A . 
B 2 HOH 89  289 90  HOH HOH A . 
B 2 HOH 90  290 75  HOH HOH A . 
B 2 HOH 91  291 14  HOH HOH A . 
B 2 HOH 92  292 60  HOH HOH A . 
B 2 HOH 93  293 29  HOH HOH A . 
B 2 HOH 94  294 138 HOH HOH A . 
B 2 HOH 95  295 17  HOH HOH A . 
B 2 HOH 96  296 16  HOH HOH A . 
B 2 HOH 97  297 158 HOH HOH A . 
B 2 HOH 98  298 170 HOH HOH A . 
B 2 HOH 99  299 230 HOH HOH A . 
B 2 HOH 100 300 104 HOH HOH A . 
B 2 HOH 101 301 92  HOH HOH A . 
B 2 HOH 102 302 68  HOH HOH A . 
B 2 HOH 103 303 19  HOH HOH A . 
B 2 HOH 104 304 7   HOH HOH A . 
B 2 HOH 105 305 87  HOH HOH A . 
B 2 HOH 106 306 123 HOH HOH A . 
B 2 HOH 107 307 5   HOH HOH A . 
B 2 HOH 108 308 56  HOH HOH A . 
B 2 HOH 109 309 255 HOH HOH A . 
B 2 HOH 110 310 179 HOH HOH A . 
B 2 HOH 111 311 35  HOH HOH A . 
B 2 HOH 112 312 2   HOH HOH A . 
B 2 HOH 113 313 155 HOH HOH A . 
B 2 HOH 114 314 21  HOH HOH A . 
B 2 HOH 115 315 78  HOH HOH A . 
B 2 HOH 116 316 180 HOH HOH A . 
B 2 HOH 117 317 189 HOH HOH A . 
B 2 HOH 118 318 285 HOH HOH A . 
B 2 HOH 119 319 130 HOH HOH A . 
B 2 HOH 120 320 64  HOH HOH A . 
B 2 HOH 121 321 110 HOH HOH A . 
B 2 HOH 122 322 13  HOH HOH A . 
B 2 HOH 123 323 28  HOH HOH A . 
B 2 HOH 124 324 238 HOH HOH A . 
B 2 HOH 125 325 143 HOH HOH A . 
B 2 HOH 126 326 48  HOH HOH A . 
B 2 HOH 127 327 3   HOH HOH A . 
B 2 HOH 128 328 63  HOH HOH A . 
B 2 HOH 129 329 112 HOH HOH A . 
B 2 HOH 130 330 114 HOH HOH A . 
B 2 HOH 131 331 27  HOH HOH A . 
B 2 HOH 132 332 150 HOH HOH A . 
B 2 HOH 133 333 74  HOH HOH A . 
B 2 HOH 134 334 149 HOH HOH A . 
B 2 HOH 135 335 174 HOH HOH A . 
B 2 HOH 136 336 139 HOH HOH A . 
B 2 HOH 137 337 132 HOH HOH A . 
B 2 HOH 138 338 182 HOH HOH A . 
B 2 HOH 139 339 188 HOH HOH A . 
B 2 HOH 140 340 152 HOH HOH A . 
B 2 HOH 141 341 44  HOH HOH A . 
B 2 HOH 142 342 103 HOH HOH A . 
B 2 HOH 143 343 46  HOH HOH A . 
B 2 HOH 144 344 65  HOH HOH A . 
B 2 HOH 145 345 135 HOH HOH A . 
B 2 HOH 146 346 281 HOH HOH A . 
B 2 HOH 147 347 206 HOH HOH A . 
B 2 HOH 148 348 43  HOH HOH A . 
B 2 HOH 149 349 175 HOH HOH A . 
B 2 HOH 150 350 93  HOH HOH A . 
B 2 HOH 151 351 165 HOH HOH A . 
B 2 HOH 152 352 72  HOH HOH A . 
B 2 HOH 153 353 45  HOH HOH A . 
B 2 HOH 154 354 283 HOH HOH A . 
B 2 HOH 155 355 24  HOH HOH A . 
B 2 HOH 156 356 57  HOH HOH A . 
B 2 HOH 157 357 261 HOH HOH A . 
B 2 HOH 158 358 196 HOH HOH A . 
B 2 HOH 159 359 121 HOH HOH A . 
B 2 HOH 160 360 66  HOH HOH A . 
B 2 HOH 161 361 81  HOH HOH A . 
B 2 HOH 162 362 37  HOH HOH A . 
B 2 HOH 163 363 172 HOH HOH A . 
B 2 HOH 164 364 91  HOH HOH A . 
B 2 HOH 165 365 80  HOH HOH A . 
B 2 HOH 166 366 96  HOH HOH A . 
B 2 HOH 167 367 228 HOH HOH A . 
B 2 HOH 168 368 235 HOH HOH A . 
B 2 HOH 169 369 67  HOH HOH A . 
B 2 HOH 170 370 212 HOH HOH A . 
B 2 HOH 171 371 61  HOH HOH A . 
B 2 HOH 172 372 108 HOH HOH A . 
B 2 HOH 173 373 260 HOH HOH A . 
B 2 HOH 174 374 277 HOH HOH A . 
B 2 HOH 175 375 207 HOH HOH A . 
B 2 HOH 176 376 232 HOH HOH A . 
B 2 HOH 177 377 126 HOH HOH A . 
B 2 HOH 178 378 280 HOH HOH A . 
B 2 HOH 179 379 252 HOH HOH A . 
B 2 HOH 180 380 85  HOH HOH A . 
B 2 HOH 181 381 254 HOH HOH A . 
B 2 HOH 182 382 268 HOH HOH A . 
B 2 HOH 183 383 167 HOH HOH A . 
B 2 HOH 184 384 148 HOH HOH A . 
B 2 HOH 185 385 111 HOH HOH A . 
B 2 HOH 186 386 89  HOH HOH A . 
B 2 HOH 187 387 151 HOH HOH A . 
B 2 HOH 188 388 208 HOH HOH A . 
B 2 HOH 189 389 217 HOH HOH A . 
B 2 HOH 190 390 275 HOH HOH A . 
B 2 HOH 191 391 106 HOH HOH A . 
B 2 HOH 192 392 83  HOH HOH A . 
B 2 HOH 193 393 226 HOH HOH A . 
B 2 HOH 194 394 181 HOH HOH A . 
B 2 HOH 195 395 119 HOH HOH A . 
B 2 HOH 196 396 161 HOH HOH A . 
B 2 HOH 197 397 257 HOH HOH A . 
B 2 HOH 198 398 245 HOH HOH A . 
B 2 HOH 199 399 113 HOH HOH A . 
B 2 HOH 200 400 117 HOH HOH A . 
B 2 HOH 201 401 214 HOH HOH A . 
B 2 HOH 202 402 166 HOH HOH A . 
B 2 HOH 203 403 202 HOH HOH A . 
B 2 HOH 204 404 31  HOH HOH A . 
B 2 HOH 205 405 192 HOH HOH A . 
B 2 HOH 206 406 156 HOH HOH A . 
B 2 HOH 207 407 240 HOH HOH A . 
B 2 HOH 208 408 157 HOH HOH A . 
B 2 HOH 209 409 133 HOH HOH A . 
B 2 HOH 210 410 129 HOH HOH A . 
B 2 HOH 211 411 273 HOH HOH A . 
B 2 HOH 212 412 128 HOH HOH A . 
B 2 HOH 213 413 168 HOH HOH A . 
B 2 HOH 214 414 97  HOH HOH A . 
B 2 HOH 215 415 258 HOH HOH A . 
B 2 HOH 216 416 248 HOH HOH A . 
B 2 HOH 217 417 47  HOH HOH A . 
B 2 HOH 218 418 262 HOH HOH A . 
B 2 HOH 219 419 176 HOH HOH A . 
B 2 HOH 220 420 197 HOH HOH A . 
B 2 HOH 221 421 53  HOH HOH A . 
B 2 HOH 222 422 186 HOH HOH A . 
B 2 HOH 223 423 141 HOH HOH A . 
B 2 HOH 224 424 42  HOH HOH A . 
B 2 HOH 225 425 54  HOH HOH A . 
B 2 HOH 226 426 146 HOH HOH A . 
B 2 HOH 227 427 203 HOH HOH A . 
B 2 HOH 228 428 41  HOH HOH A . 
B 2 HOH 229 429 244 HOH HOH A . 
B 2 HOH 230 430 239 HOH HOH A . 
B 2 HOH 231 431 147 HOH HOH A . 
B 2 HOH 232 432 185 HOH HOH A . 
B 2 HOH 233 433 256 HOH HOH A . 
B 2 HOH 234 434 30  HOH HOH A . 
B 2 HOH 235 435 287 HOH HOH A . 
B 2 HOH 236 436 267 HOH HOH A . 
B 2 HOH 237 437 178 HOH HOH A . 
B 2 HOH 238 438 236 HOH HOH A . 
B 2 HOH 239 439 264 HOH HOH A . 
B 2 HOH 240 440 50  HOH HOH A . 
B 2 HOH 241 441 122 HOH HOH A . 
B 2 HOH 242 442 195 HOH HOH A . 
B 2 HOH 243 443 270 HOH HOH A . 
B 2 HOH 244 444 209 HOH HOH A . 
B 2 HOH 245 445 177 HOH HOH A . 
B 2 HOH 246 446 73  HOH HOH A . 
B 2 HOH 247 447 88  HOH HOH A . 
B 2 HOH 248 448 191 HOH HOH A . 
B 2 HOH 249 449 200 HOH HOH A . 
B 2 HOH 250 450 40  HOH HOH A . 
B 2 HOH 251 451 199 HOH HOH A . 
B 2 HOH 252 452 219 HOH HOH A . 
B 2 HOH 253 453 271 HOH HOH A . 
B 2 HOH 254 454 131 HOH HOH A . 
B 2 HOH 255 455 234 HOH HOH A . 
B 2 HOH 256 456 204 HOH HOH A . 
B 2 HOH 257 457 276 HOH HOH A . 
B 2 HOH 258 458 137 HOH HOH A . 
B 2 HOH 259 459 213 HOH HOH A . 
B 2 HOH 260 460 269 HOH HOH A . 
B 2 HOH 261 461 142 HOH HOH A . 
B 2 HOH 262 462 265 HOH HOH A . 
# 
loop_
_software.citation_id 
_software.classification 
_software.compiler_name 
_software.compiler_version 
_software.contact_author 
_software.contact_author_email 
_software.date 
_software.description 
_software.dependencies 
_software.hardware 
_software.language 
_software.location 
_software.mods 
_software.name 
_software.os 
_software.os_version 
_software.type 
_software.version 
_software.pdbx_ordinal 
? refinement        ? ? ? ? ? ? ? ? ? ? ? PHENIX      ? ? ? 1.13_2998 1 
? 'data extraction' ? ? ? ? ? ? ? ? ? ? ? PDB_EXTRACT ? ? ? 3.24      2 
? 'data reduction'  ? ? ? ? ? ? ? ? ? ? ? XDS         ? ? ? .         3 
? 'data scaling'    ? ? ? ? ? ? ? ? ? ? ? XDS         ? ? ? .         4 
? phasing           ? ? ? ? ? ? ? ? ? ? ? PHENIX      ? ? ? .         5 
# 
_cell.angle_alpha                  95.910 
_cell.angle_alpha_esd              ? 
_cell.angle_beta                   103.110 
_cell.angle_beta_esd               ? 
_cell.angle_gamma                  113.540 
_cell.angle_gamma_esd              ? 
_cell.entry_id                     6GV8 
_cell.details                      ? 
_cell.formula_units_Z              ? 
_cell.length_a                     30.800 
_cell.length_a_esd                 ? 
_cell.length_b                     34.250 
_cell.length_b_esd                 ? 
_cell.length_c                     40.163 
_cell.length_c_esd                 ? 
_cell.volume                       ? 
_cell.volume_esd                   ? 
_cell.Z_PDB                        1 
_cell.reciprocal_angle_alpha       ? 
_cell.reciprocal_angle_beta        ? 
_cell.reciprocal_angle_gamma       ? 
_cell.reciprocal_angle_alpha_esd   ? 
_cell.reciprocal_angle_beta_esd    ? 
_cell.reciprocal_angle_gamma_esd   ? 
_cell.reciprocal_length_a          ? 
_cell.reciprocal_length_b          ? 
_cell.reciprocal_length_c          ? 
_cell.reciprocal_length_a_esd      ? 
_cell.reciprocal_length_b_esd      ? 
_cell.reciprocal_length_c_esd      ? 
_cell.pdbx_unique_axis             ? 
# 
_symmetry.entry_id                         6GV8 
_symmetry.cell_setting                     ? 
_symmetry.Int_Tables_number                1 
_symmetry.space_group_name_Hall            ? 
_symmetry.space_group_name_H-M             'P 1' 
_symmetry.pdbx_full_space_group_name_H-M   ? 
# 
_exptl.absorpt_coefficient_mu     ? 
_exptl.absorpt_correction_T_max   ? 
_exptl.absorpt_correction_T_min   ? 
_exptl.absorpt_correction_type    ? 
_exptl.absorpt_process_details    ? 
_exptl.entry_id                   6GV8 
_exptl.crystals_number            1 
_exptl.details                    ? 
_exptl.method                     'X-RAY DIFFRACTION' 
_exptl.method_details             ? 
# 
_exptl_crystal.colour                      ? 
_exptl_crystal.density_diffrn              ? 
_exptl_crystal.density_Matthews            1.96 
_exptl_crystal.density_method              ? 
_exptl_crystal.density_percent_sol         37.26 
_exptl_crystal.description                 ? 
_exptl_crystal.F_000                       ? 
_exptl_crystal.id                          1 
_exptl_crystal.preparation                 ? 
_exptl_crystal.size_max                    ? 
_exptl_crystal.size_mid                    ? 
_exptl_crystal.size_min                    ? 
_exptl_crystal.size_rad                    ? 
_exptl_crystal.colour_lustre               ? 
_exptl_crystal.colour_modifier             ? 
_exptl_crystal.colour_primary              ? 
_exptl_crystal.density_meas                ? 
_exptl_crystal.density_meas_esd            ? 
_exptl_crystal.density_meas_gt             ? 
_exptl_crystal.density_meas_lt             ? 
_exptl_crystal.density_meas_temp           ? 
_exptl_crystal.density_meas_temp_esd       ? 
_exptl_crystal.density_meas_temp_gt        ? 
_exptl_crystal.density_meas_temp_lt        ? 
_exptl_crystal.pdbx_crystal_image_url      ? 
_exptl_crystal.pdbx_crystal_image_format   ? 
_exptl_crystal.pdbx_mosaicity              ? 
_exptl_crystal.pdbx_mosaicity_esd          ? 
# 
_exptl_crystal_grow.apparatus       ? 
_exptl_crystal_grow.atmosphere      ? 
_exptl_crystal_grow.crystal_id      1 
_exptl_crystal_grow.details         ? 
_exptl_crystal_grow.method          'VAPOR DIFFUSION' 
_exptl_crystal_grow.method_ref      ? 
_exptl_crystal_grow.pH              ? 
_exptl_crystal_grow.pressure        ? 
_exptl_crystal_grow.pressure_esd    ? 
_exptl_crystal_grow.seeding         ? 
_exptl_crystal_grow.seeding_ref     ? 
_exptl_crystal_grow.temp            290 
_exptl_crystal_grow.temp_details    ? 
_exptl_crystal_grow.temp_esd        ? 
_exptl_crystal_grow.time            ? 
_exptl_crystal_grow.pdbx_details    'Morpheus Screen E12' 
_exptl_crystal_grow.pdbx_pH_range   ? 
# 
_diffrn.ambient_environment    ? 
_diffrn.ambient_temp           100 
_diffrn.ambient_temp_details   ? 
_diffrn.ambient_temp_esd       ? 
_diffrn.crystal_id             1 
_diffrn.crystal_support        ? 
_diffrn.crystal_treatment      ? 
_diffrn.details                ? 
_diffrn.id                     1 
_diffrn.ambient_pressure       ? 
_diffrn.ambient_pressure_esd   ? 
_diffrn.ambient_pressure_gt    ? 
_diffrn.ambient_pressure_lt    ? 
_diffrn.ambient_temp_gt        ? 
_diffrn.ambient_temp_lt        ? 
# 
_diffrn_detector.details                      ? 
_diffrn_detector.detector                     PIXEL 
_diffrn_detector.diffrn_id                    1 
_diffrn_detector.type                         'DECTRIS PILATUS3 6M' 
_diffrn_detector.area_resol_mean              ? 
_diffrn_detector.dtime                        ? 
_diffrn_detector.pdbx_frames_total            ? 
_diffrn_detector.pdbx_collection_time_total   ? 
_diffrn_detector.pdbx_collection_date         2018-04-10 
# 
_diffrn_radiation.collimation                      ? 
_diffrn_radiation.diffrn_id                        1 
_diffrn_radiation.filter_edge                      ? 
_diffrn_radiation.inhomogeneity                    ? 
_diffrn_radiation.monochromator                    ? 
_diffrn_radiation.polarisn_norm                    ? 
_diffrn_radiation.polarisn_ratio                   ? 
_diffrn_radiation.probe                            ? 
_diffrn_radiation.type                             ? 
_diffrn_radiation.xray_symbol                      ? 
_diffrn_radiation.wavelength_id                    1 
_diffrn_radiation.pdbx_monochromatic_or_laue_m_l   M 
_diffrn_radiation.pdbx_wavelength_list             ? 
_diffrn_radiation.pdbx_wavelength                  ? 
_diffrn_radiation.pdbx_diffrn_protocol             'SINGLE WAVELENGTH' 
_diffrn_radiation.pdbx_analyzer                    ? 
_diffrn_radiation.pdbx_scattering_type             x-ray 
# 
_diffrn_radiation_wavelength.id           1 
_diffrn_radiation_wavelength.wavelength   0.9795 
_diffrn_radiation_wavelength.wt           1.0 
# 
_diffrn_source.current                     ? 
_diffrn_source.details                     ? 
_diffrn_source.diffrn_id                   1 
_diffrn_source.power                       ? 
_diffrn_source.size                        ? 
_diffrn_source.source                      SYNCHROTRON 
_diffrn_source.target                      ? 
_diffrn_source.type                        'PETRA III, DESY BEAMLINE P11' 
_diffrn_source.voltage                     ? 
_diffrn_source.take-off_angle              ? 
_diffrn_source.pdbx_wavelength_list        0.9795 
_diffrn_source.pdbx_wavelength             ? 
_diffrn_source.pdbx_synchrotron_beamline   P11 
_diffrn_source.pdbx_synchrotron_site       'PETRA III, DESY' 
# 
_reflns.B_iso_Wilson_estimate            ? 
_reflns.entry_id                         6GV8 
_reflns.data_reduction_details           ? 
_reflns.data_reduction_method            ? 
_reflns.d_resolution_high                1.39 
_reflns.d_resolution_low                 50 
_reflns.details                          ? 
_reflns.limit_h_max                      ? 
_reflns.limit_h_min                      ? 
_reflns.limit_k_max                      ? 
_reflns.limit_k_min                      ? 
_reflns.limit_l_max                      ? 
_reflns.limit_l_min                      ? 
_reflns.number_all                       ? 
_reflns.number_obs                       91935 
_reflns.observed_criterion               ? 
_reflns.observed_criterion_F_max         ? 
_reflns.observed_criterion_F_min         ? 
_reflns.observed_criterion_I_max         ? 
_reflns.observed_criterion_I_min         ? 
_reflns.observed_criterion_sigma_F       ? 
_reflns.observed_criterion_sigma_I       ? 
_reflns.percent_possible_obs             86.8 
_reflns.R_free_details                   ? 
_reflns.Rmerge_F_all                     ? 
_reflns.Rmerge_F_obs                     ? 
_reflns.Friedel_coverage                 ? 
_reflns.number_gt                        ? 
_reflns.threshold_expression             ? 
_reflns.pdbx_redundancy                  3.7 
_reflns.pdbx_Rmerge_I_obs                ? 
_reflns.pdbx_Rmerge_I_all                ? 
_reflns.pdbx_Rsym_value                  ? 
_reflns.pdbx_netI_over_av_sigmaI         ? 
_reflns.pdbx_netI_over_sigmaI            18.95 
_reflns.pdbx_res_netI_over_av_sigmaI_2   ? 
_reflns.pdbx_res_netI_over_sigmaI_2      ? 
_reflns.pdbx_chi_squared                 ? 
_reflns.pdbx_scaling_rejects             ? 
_reflns.pdbx_d_res_high_opt              ? 
_reflns.pdbx_d_res_low_opt               ? 
_reflns.pdbx_d_res_opt_method            ? 
_reflns.phase_calculation_details        ? 
_reflns.pdbx_Rrim_I_all                  ? 
_reflns.pdbx_Rpim_I_all                  ? 
_reflns.pdbx_d_opt                       ? 
_reflns.pdbx_number_measured_all         ? 
_reflns.pdbx_diffrn_id                   1 
_reflns.pdbx_ordinal                     1 
_reflns.pdbx_CC_half                     ? 
_reflns.pdbx_R_split                     ? 
# 
_reflns_shell.d_res_high                  1.39 
_reflns_shell.d_res_low                   1.48 
_reflns_shell.meanI_over_sigI_all         ? 
_reflns_shell.meanI_over_sigI_obs         ? 
_reflns_shell.number_measured_all         ? 
_reflns_shell.number_measured_obs         ? 
_reflns_shell.number_possible             ? 
_reflns_shell.number_unique_all           ? 
_reflns_shell.number_unique_obs           ? 
_reflns_shell.percent_possible_all        ? 
_reflns_shell.percent_possible_obs        ? 
_reflns_shell.Rmerge_F_all                ? 
_reflns_shell.Rmerge_F_obs                ? 
_reflns_shell.Rmerge_I_all                ? 
_reflns_shell.Rmerge_I_obs                ? 
_reflns_shell.meanI_over_sigI_gt          ? 
_reflns_shell.meanI_over_uI_all           ? 
_reflns_shell.meanI_over_uI_gt            ? 
_reflns_shell.number_measured_gt          ? 
_reflns_shell.number_unique_gt            ? 
_reflns_shell.percent_possible_gt         ? 
_reflns_shell.Rmerge_F_gt                 ? 
_reflns_shell.Rmerge_I_gt                 ? 
_reflns_shell.pdbx_redundancy             ? 
_reflns_shell.pdbx_Rsym_value             ? 
_reflns_shell.pdbx_chi_squared            ? 
_reflns_shell.pdbx_netI_over_sigmaI_all   ? 
_reflns_shell.pdbx_netI_over_sigmaI_obs   ? 
_reflns_shell.pdbx_Rrim_I_all             ? 
_reflns_shell.pdbx_Rpim_I_all             ? 
_reflns_shell.pdbx_rejects                ? 
_reflns_shell.pdbx_ordinal                1 
_reflns_shell.pdbx_diffrn_id              1 
_reflns_shell.pdbx_CC_half                ? 
_reflns_shell.pdbx_R_split                ? 
# 
_refine.aniso_B[1][1]                            ? 
_refine.aniso_B[1][2]                            ? 
_refine.aniso_B[1][3]                            ? 
_refine.aniso_B[2][2]                            ? 
_refine.aniso_B[2][3]                            ? 
_refine.aniso_B[3][3]                            ? 
_refine.B_iso_max                                63.690 
_refine.B_iso_mean                               15.4675 
_refine.B_iso_min                                4.670 
_refine.correlation_coeff_Fo_to_Fc               ? 
_refine.correlation_coeff_Fo_to_Fc_free          ? 
_refine.details                                  ? 
_refine.diff_density_max                         ? 
_refine.diff_density_max_esd                     ? 
_refine.diff_density_min                         ? 
_refine.diff_density_min_esd                     ? 
_refine.diff_density_rms                         ? 
_refine.diff_density_rms_esd                     ? 
_refine.entry_id                                 6GV8 
_refine.pdbx_refine_id                           'X-RAY DIFFRACTION' 
_refine.ls_abs_structure_details                 ? 
_refine.ls_abs_structure_Flack                   ? 
_refine.ls_abs_structure_Flack_esd               ? 
_refine.ls_abs_structure_Rogers                  ? 
_refine.ls_abs_structure_Rogers_esd              ? 
_refine.ls_d_res_high                            1.3940 
_refine.ls_d_res_low                             30.6530 
_refine.ls_extinction_coef                       ? 
_refine.ls_extinction_coef_esd                   ? 
_refine.ls_extinction_expression                 ? 
_refine.ls_extinction_method                     ? 
_refine.ls_goodness_of_fit_all                   ? 
_refine.ls_goodness_of_fit_all_esd               ? 
_refine.ls_goodness_of_fit_obs                   ? 
_refine.ls_goodness_of_fit_obs_esd               ? 
_refine.ls_hydrogen_treatment                    ? 
_refine.ls_matrix_type                           ? 
_refine.ls_number_constraints                    ? 
_refine.ls_number_parameters                     ? 
_refine.ls_number_reflns_all                     ? 
_refine.ls_number_reflns_obs                     24798 
_refine.ls_number_reflns_R_free                  1214 
_refine.ls_number_reflns_R_work                  ? 
_refine.ls_number_restraints                     ? 
_refine.ls_percent_reflns_obs                    86.9400 
_refine.ls_percent_reflns_R_free                 4.9000 
_refine.ls_R_factor_all                          ? 
_refine.ls_R_factor_obs                          0.1580 
_refine.ls_R_factor_R_free                       0.1885 
_refine.ls_R_factor_R_free_error                 ? 
_refine.ls_R_factor_R_free_error_details         ? 
_refine.ls_R_factor_R_work                       0.1563 
_refine.ls_R_Fsqd_factor_obs                     ? 
_refine.ls_R_I_factor_obs                        ? 
_refine.ls_redundancy_reflns_all                 ? 
_refine.ls_redundancy_reflns_obs                 ? 
_refine.ls_restrained_S_all                      ? 
_refine.ls_restrained_S_obs                      ? 
_refine.ls_shift_over_esd_max                    ? 
_refine.ls_shift_over_esd_mean                   ? 
_refine.ls_structure_factor_coef                 ? 
_refine.ls_weighting_details                     ? 
_refine.ls_weighting_scheme                      ? 
_refine.ls_wR_factor_all                         ? 
_refine.ls_wR_factor_obs                         ? 
_refine.ls_wR_factor_R_free                      ? 
_refine.ls_wR_factor_R_work                      ? 
_refine.occupancy_max                            ? 
_refine.occupancy_min                            ? 
_refine.solvent_model_details                    ? 
_refine.solvent_model_param_bsol                 ? 
_refine.solvent_model_param_ksol                 ? 
_refine.ls_R_factor_gt                           ? 
_refine.ls_goodness_of_fit_gt                    ? 
_refine.ls_goodness_of_fit_ref                   ? 
_refine.ls_shift_over_su_max                     ? 
_refine.ls_shift_over_su_max_lt                  ? 
_refine.ls_shift_over_su_mean                    ? 
_refine.ls_shift_over_su_mean_lt                 ? 
_refine.pdbx_ls_sigma_I                          ? 
_refine.pdbx_ls_sigma_F                          1.960 
_refine.pdbx_ls_sigma_Fsqd                       ? 
_refine.pdbx_data_cutoff_high_absF               ? 
_refine.pdbx_data_cutoff_high_rms_absF           ? 
_refine.pdbx_data_cutoff_low_absF                ? 
_refine.pdbx_isotropic_thermal_model             ? 
_refine.pdbx_ls_cross_valid_method               THROUGHOUT 
_refine.pdbx_method_to_determine_struct          ? 
_refine.pdbx_starting_model                      ? 
_refine.pdbx_stereochemistry_target_values       ? 
_refine.pdbx_R_Free_selection_details            ? 
_refine.pdbx_stereochem_target_val_spec_case     ? 
_refine.pdbx_overall_ESU_R                       ? 
_refine.pdbx_overall_ESU_R_Free                  ? 
_refine.pdbx_solvent_vdw_probe_radii             1.1100 
_refine.pdbx_solvent_ion_probe_radii             ? 
_refine.pdbx_solvent_shrinkage_radii             0.9000 
_refine.pdbx_real_space_R                        ? 
_refine.pdbx_density_correlation                 ? 
_refine.pdbx_pd_number_of_powder_patterns        ? 
_refine.pdbx_pd_number_of_points                 ? 
_refine.pdbx_pd_meas_number_of_points            ? 
_refine.pdbx_pd_proc_ls_prof_R_factor            ? 
_refine.pdbx_pd_proc_ls_prof_wR_factor           ? 
_refine.pdbx_pd_Marquardt_correlation_coeff      ? 
_refine.pdbx_pd_Fsqrd_R_factor                   ? 
_refine.pdbx_pd_ls_matrix_band_width             ? 
_refine.pdbx_overall_phase_error                 20.4300 
_refine.pdbx_overall_SU_R_free_Cruickshank_DPI   ? 
_refine.pdbx_overall_SU_R_free_Blow_DPI          ? 
_refine.pdbx_overall_SU_R_Blow_DPI               ? 
_refine.pdbx_TLS_residual_ADP_flag               ? 
_refine.pdbx_diffrn_id                           1 
_refine.overall_SU_B                             ? 
_refine.overall_SU_ML                            0.1500 
_refine.overall_SU_R_Cruickshank_DPI             ? 
_refine.overall_SU_R_free                        ? 
_refine.overall_FOM_free_R_set                   ? 
_refine.overall_FOM_work_R_set                   ? 
_refine.pdbx_average_fsc_overall                 ? 
_refine.pdbx_average_fsc_work                    ? 
_refine.pdbx_average_fsc_free                    ? 
# 
_refine_hist.cycle_id                         final 
_refine_hist.pdbx_refine_id                   'X-RAY DIFFRACTION' 
_refine_hist.d_res_high                       1.3940 
_refine_hist.d_res_low                        30.6530 
_refine_hist.pdbx_number_atoms_ligand         0 
_refine_hist.number_atoms_solvent             262 
_refine_hist.number_atoms_total               1489 
_refine_hist.pdbx_number_residues_total       157 
_refine_hist.pdbx_B_iso_mean_solvent          26.14 
_refine_hist.pdbx_number_atoms_protein        1227 
_refine_hist.pdbx_number_atoms_nucleic_acid   0 
# 
loop_
_refine_ls_shell.pdbx_refine_id 
_refine_ls_shell.d_res_high 
_refine_ls_shell.d_res_low 
_refine_ls_shell.number_reflns_all 
_refine_ls_shell.number_reflns_obs 
_refine_ls_shell.number_reflns_R_free 
_refine_ls_shell.number_reflns_R_work 
_refine_ls_shell.percent_reflns_obs 
_refine_ls_shell.percent_reflns_R_free 
_refine_ls_shell.R_factor_all 
_refine_ls_shell.R_factor_obs 
_refine_ls_shell.R_factor_R_free 
_refine_ls_shell.R_factor_R_free_error 
_refine_ls_shell.R_factor_R_work 
_refine_ls_shell.redundancy_reflns_all 
_refine_ls_shell.redundancy_reflns_obs 
_refine_ls_shell.wR_factor_all 
_refine_ls_shell.wR_factor_obs 
_refine_ls_shell.wR_factor_R_free 
_refine_ls_shell.wR_factor_R_work 
_refine_ls_shell.pdbx_total_number_of_bins_used 
_refine_ls_shell.pdbx_phase_error 
_refine_ls_shell.pdbx_fsc_work 
_refine_ls_shell.pdbx_fsc_free 
'X-RAY DIFFRACTION' 1.3942 1.4501  2473 . 121 2352 79.0000 . . . 0.2884 0.0000 0.2320 . . . . . . 9 . . . 
'X-RAY DIFFRACTION' 1.4501 1.5161  2735 . 143 2592 86.0000 . . . 0.2478 0.0000 0.2101 . . . . . . 9 . . . 
'X-RAY DIFFRACTION' 1.5161 1.5960  2840 . 144 2696 89.0000 . . . 0.1936 0.0000 0.1675 . . . . . . 9 . . . 
'X-RAY DIFFRACTION' 1.5960 1.6960  2687 . 118 2569 84.0000 . . . 0.2117 0.0000 0.1625 . . . . . . 9 . . . 
'X-RAY DIFFRACTION' 1.6960 1.8269  2825 . 131 2694 90.0000 . . . 0.1932 0.0000 0.1676 . . . . . . 9 . . . 
'X-RAY DIFFRACTION' 1.8269 2.0107  2857 . 137 2720 90.0000 . . . 0.1898 0.0000 0.1566 . . . . . . 9 . . . 
'X-RAY DIFFRACTION' 2.0107 2.3016  2603 . 123 2480 82.0000 . . . 0.1827 0.0000 0.1450 . . . . . . 9 . . . 
'X-RAY DIFFRACTION' 2.3016 2.8994  2875 . 136 2739 91.0000 . . . 0.1869 0.0000 0.1534 . . . . . . 9 . . . 
'X-RAY DIFFRACTION' 2.8994 30.6605 2903 . 161 2742 91.0000 . . . 0.1665 0.0000 0.1395 . . . . . . 9 . . . 
# 
_struct.entry_id                     6GV8 
_struct.title                        
'Characterization of extracellular matrix binding protein- (Embp)-mediated Staphylococcus epidermidis adherence to fibronectin' 
_struct.pdbx_model_details           ? 
_struct.pdbx_formula_weight          ? 
_struct.pdbx_formula_weight_method   ? 
_struct.pdbx_model_type_details      ? 
_struct.pdbx_CASP_flag               N 
# 
_struct_keywords.entry_id        6GV8 
_struct_keywords.text            'EMBP, Staphylococcus epidermidis, FG-repeat, CELL ADHESION' 
_struct_keywords.pdbx_keywords   'CELL ADHESION' 
# 
loop_
_struct_asym.id 
_struct_asym.pdbx_blank_PDB_chainid_flag 
_struct_asym.pdbx_modified 
_struct_asym.entity_id 
_struct_asym.details 
A N N 1 ? 
B N N 2 ? 
# 
_struct_ref.id                         1 
_struct_ref.db_name                    UNP 
_struct_ref.db_code                    A0A2G7I4G8_STAEP 
_struct_ref.pdbx_db_accession          A0A2G7I4G8 
_struct_ref.pdbx_db_isoform            ? 
_struct_ref.entity_id                  1 
_struct_ref.pdbx_seq_one_letter_code   
;TKVNKTELINARRRLDEEISKENKTPSSIRNFDQAMNRAQSQINTAKSDADQVIGTEFATPQQVNSALSKVQAAQNKINE
AKALLQNKADNSQLVRAKEQLQQSIQPAASTDGMTQDSTRNYKNKRQAAEQAIQHANSVINNGDATSQQINDAKNTVEQA
QRDYVEAKSN
;
_struct_ref.pdbx_align_begin           2515 
# 
_struct_ref_seq.align_id                      1 
_struct_ref_seq.ref_id                        1 
_struct_ref_seq.pdbx_PDB_id_code              6GV8 
_struct_ref_seq.pdbx_strand_id                A 
_struct_ref_seq.seq_align_beg                 1 
_struct_ref_seq.pdbx_seq_align_beg_ins_code   ? 
_struct_ref_seq.seq_align_end                 170 
_struct_ref_seq.pdbx_seq_align_end_ins_code   ? 
_struct_ref_seq.pdbx_db_accession             A0A2G7I4G8 
_struct_ref_seq.db_align_beg                  2515 
_struct_ref_seq.pdbx_db_align_beg_ins_code    ? 
_struct_ref_seq.db_align_end                  2684 
_struct_ref_seq.pdbx_db_align_end_ins_code    ? 
_struct_ref_seq.pdbx_auth_seq_align_beg       4 
_struct_ref_seq.pdbx_auth_seq_align_end       173 
# 
_pdbx_struct_assembly.id                   1 
_pdbx_struct_assembly.details              author_and_software_defined_assembly 
_pdbx_struct_assembly.method_details       PISA 
_pdbx_struct_assembly.oligomeric_details   monomeric 
_pdbx_struct_assembly.oligomeric_count     1 
# 
loop_
_pdbx_struct_assembly_prop.biol_id 
_pdbx_struct_assembly_prop.type 
_pdbx_struct_assembly_prop.value 
_pdbx_struct_assembly_prop.details 
1 'ABSA (A^2)' 0     ? 
1 MORE         0     ? 
1 'SSA (A^2)'  10930 ? 
# 
_pdbx_struct_assembly_gen.assembly_id       1 
_pdbx_struct_assembly_gen.oper_expression   1 
_pdbx_struct_assembly_gen.asym_id_list      A,B 
# 
_pdbx_struct_assembly_auth_evidence.id                     1 
_pdbx_struct_assembly_auth_evidence.assembly_id            1 
_pdbx_struct_assembly_auth_evidence.experimental_support   none 
_pdbx_struct_assembly_auth_evidence.details                ? 
# 
_pdbx_struct_oper_list.id                   1 
_pdbx_struct_oper_list.type                 'identity operation' 
_pdbx_struct_oper_list.name                 1_555 
_pdbx_struct_oper_list.symmetry_operation   x,y,z 
_pdbx_struct_oper_list.matrix[1][1]         1.0000000000 
_pdbx_struct_oper_list.matrix[1][2]         0.0000000000 
_pdbx_struct_oper_list.matrix[1][3]         0.0000000000 
_pdbx_struct_oper_list.vector[1]            0.0000000000 
_pdbx_struct_oper_list.matrix[2][1]         0.0000000000 
_pdbx_struct_oper_list.matrix[2][2]         1.0000000000 
_pdbx_struct_oper_list.matrix[2][3]         0.0000000000 
_pdbx_struct_oper_list.vector[2]            0.0000000000 
_pdbx_struct_oper_list.matrix[3][1]         0.0000000000 
_pdbx_struct_oper_list.matrix[3][2]         0.0000000000 
_pdbx_struct_oper_list.matrix[3][3]         1.0000000000 
_pdbx_struct_oper_list.vector[3]            0.0000000000 
# 
loop_
_struct_conf.conf_type_id 
_struct_conf.id 
_struct_conf.pdbx_PDB_helix_id 
_struct_conf.beg_label_comp_id 
_struct_conf.beg_label_asym_id 
_struct_conf.beg_label_seq_id 
_struct_conf.pdbx_beg_PDB_ins_code 
_struct_conf.end_label_comp_id 
_struct_conf.end_label_asym_id 
_struct_conf.end_label_seq_id 
_struct_conf.pdbx_end_PDB_ins_code 
_struct_conf.beg_auth_comp_id 
_struct_conf.beg_auth_asym_id 
_struct_conf.beg_auth_seq_id 
_struct_conf.end_auth_comp_id 
_struct_conf.end_auth_asym_id 
_struct_conf.end_auth_seq_id 
_struct_conf.pdbx_PDB_helix_class 
_struct_conf.details 
_struct_conf.pdbx_PDB_helix_length 
HELX_P HELX_P1 AA1 LYS A 5   ? ASP A 16  ? LYS A 8   ASP A 19  1 ? 12 
HELX_P HELX_P2 AA2 THR A 25  ? THR A 56  ? THR A 28  THR A 59  1 ? 32 
HELX_P HELX_P3 AA3 THR A 60  ? ALA A 83  ? THR A 63  ALA A 86  1 ? 24 
HELX_P HELX_P4 AA4 ASN A 91  ? ILE A 105 ? ASN A 94  ILE A 108 1 ? 15 
HELX_P HELX_P5 AA5 SER A 118 ? ASN A 141 ? SER A 121 ASN A 144 1 ? 24 
HELX_P HELX_P6 AA6 THR A 146 ? SER A 169 ? THR A 149 SER A 172 1 ? 24 
# 
_struct_conf_type.id          HELX_P 
_struct_conf_type.criteria    ? 
_struct_conf_type.reference   ? 
# 
loop_
_pdbx_validate_close_contact.id 
_pdbx_validate_close_contact.PDB_model_num 
_pdbx_validate_close_contact.auth_atom_id_1 
_pdbx_validate_close_contact.auth_asym_id_1 
_pdbx_validate_close_contact.auth_comp_id_1 
_pdbx_validate_close_contact.auth_seq_id_1 
_pdbx_validate_close_contact.PDB_ins_code_1 
_pdbx_validate_close_contact.label_alt_id_1 
_pdbx_validate_close_contact.auth_atom_id_2 
_pdbx_validate_close_contact.auth_asym_id_2 
_pdbx_validate_close_contact.auth_comp_id_2 
_pdbx_validate_close_contact.auth_seq_id_2 
_pdbx_validate_close_contact.PDB_ins_code_2 
_pdbx_validate_close_contact.label_alt_id_2 
_pdbx_validate_close_contact.dist 
1 1 O   A HOH 207 ? ? O A HOH 299 ? ? 2.07 
2 1 O   A HOH 378 ? ? O A HOH 415 ? ? 2.11 
3 1 O   A HOH 430 ? ? O A HOH 455 ? ? 2.12 
4 1 O   A HOH 268 ? ? O A HOH 442 ? ? 2.15 
5 1 ND2 A ASN 154 ? B O A HOH 201 ? ? 2.17 
6 1 O   A HOH 367 ? ? O A HOH 438 ? ? 2.19 
# 
_pdbx_validate_symm_contact.id                1 
_pdbx_validate_symm_contact.PDB_model_num     1 
_pdbx_validate_symm_contact.auth_atom_id_1    O 
_pdbx_validate_symm_contact.auth_asym_id_1    A 
_pdbx_validate_symm_contact.auth_comp_id_1    HOH 
_pdbx_validate_symm_contact.auth_seq_id_1     249 
_pdbx_validate_symm_contact.PDB_ins_code_1    ? 
_pdbx_validate_symm_contact.label_alt_id_1    ? 
_pdbx_validate_symm_contact.site_symmetry_1   1_555 
_pdbx_validate_symm_contact.auth_atom_id_2    O 
_pdbx_validate_symm_contact.auth_asym_id_2    A 
_pdbx_validate_symm_contact.auth_comp_id_2    HOH 
_pdbx_validate_symm_contact.auth_seq_id_2     408 
_pdbx_validate_symm_contact.PDB_ins_code_2    ? 
_pdbx_validate_symm_contact.label_alt_id_2    ? 
_pdbx_validate_symm_contact.site_symmetry_2   1_656 
_pdbx_validate_symm_contact.dist              2.18 
# 
_pdbx_validate_torsion.id              1 
_pdbx_validate_torsion.PDB_model_num   1 
_pdbx_validate_torsion.auth_comp_id    PHE 
_pdbx_validate_torsion.auth_asym_id    A 
_pdbx_validate_torsion.auth_seq_id     61 
_pdbx_validate_torsion.PDB_ins_code    ? 
_pdbx_validate_torsion.label_alt_id    ? 
_pdbx_validate_torsion.phi             -115.35 
_pdbx_validate_torsion.psi             60.11 
# 
_pdbx_distant_solvent_atoms.id                                1 
_pdbx_distant_solvent_atoms.PDB_model_num                     1 
_pdbx_distant_solvent_atoms.auth_atom_id                      O 
_pdbx_distant_solvent_atoms.label_alt_id                      ? 
_pdbx_distant_solvent_atoms.auth_asym_id                      A 
_pdbx_distant_solvent_atoms.auth_comp_id                      HOH 
_pdbx_distant_solvent_atoms.auth_seq_id                       462 
_pdbx_distant_solvent_atoms.PDB_ins_code                      ? 
_pdbx_distant_solvent_atoms.neighbor_macromolecule_distance   5.82 
_pdbx_distant_solvent_atoms.neighbor_ligand_distance          . 
# 
loop_
_pdbx_unobs_or_zero_occ_residues.id 
_pdbx_unobs_or_zero_occ_residues.PDB_model_num 
_pdbx_unobs_or_zero_occ_residues.polymer_flag 
_pdbx_unobs_or_zero_occ_residues.occupancy_flag 
_pdbx_unobs_or_zero_occ_residues.auth_asym_id 
_pdbx_unobs_or_zero_occ_residues.auth_comp_id 
_pdbx_unobs_or_zero_occ_residues.auth_seq_id 
_pdbx_unobs_or_zero_occ_residues.PDB_ins_code 
_pdbx_unobs_or_zero_occ_residues.label_asym_id 
_pdbx_unobs_or_zero_occ_residues.label_comp_id 
_pdbx_unobs_or_zero_occ_residues.label_seq_id 
1  1 Y 1 A THR 4   ? A THR 1   
2  1 Y 1 A LYS 5   ? A LYS 2   
3  1 Y 1 A GLN 109 ? A GLN 106 
4  1 Y 1 A PRO 110 ? A PRO 107 
5  1 Y 1 A ALA 111 ? A ALA 108 
6  1 Y 1 A ALA 112 ? A ALA 109 
7  1 Y 1 A SER 113 ? A SER 110 
8  1 Y 1 A THR 114 ? A THR 111 
9  1 Y 1 A ASP 115 ? A ASP 112 
10 1 Y 1 A GLY 116 ? A GLY 113 
11 1 Y 1 A MET 117 ? A MET 114 
12 1 Y 1 A THR 118 ? A THR 115 
13 1 Y 1 A GLN 119 ? A GLN 116 
# 
loop_
_chem_comp_atom.comp_id 
_chem_comp_atom.atom_id 
_chem_comp_atom.type_symbol 
_chem_comp_atom.pdbx_aromatic_flag 
_chem_comp_atom.pdbx_stereo_config 
_chem_comp_atom.pdbx_ordinal 
ALA N    N N N 1   
ALA CA   C N S 2   
ALA C    C N N 3   
ALA O    O N N 4   
ALA CB   C N N 5   
ALA OXT  O N N 6   
ALA H    H N N 7   
ALA H2   H N N 8   
ALA HA   H N N 9   
ALA HB1  H N N 10  
ALA HB2  H N N 11  
ALA HB3  H N N 12  
ALA HXT  H N N 13  
ARG N    N N N 14  
ARG CA   C N S 15  
ARG C    C N N 16  
ARG O    O N N 17  
ARG CB   C N N 18  
ARG CG   C N N 19  
ARG CD   C N N 20  
ARG NE   N N N 21  
ARG CZ   C N N 22  
ARG NH1  N N N 23  
ARG NH2  N N N 24  
ARG OXT  O N N 25  
ARG H    H N N 26  
ARG H2   H N N 27  
ARG HA   H N N 28  
ARG HB2  H N N 29  
ARG HB3  H N N 30  
ARG HG2  H N N 31  
ARG HG3  H N N 32  
ARG HD2  H N N 33  
ARG HD3  H N N 34  
ARG HE   H N N 35  
ARG HH11 H N N 36  
ARG HH12 H N N 37  
ARG HH21 H N N 38  
ARG HH22 H N N 39  
ARG HXT  H N N 40  
ASN N    N N N 41  
ASN CA   C N S 42  
ASN C    C N N 43  
ASN O    O N N 44  
ASN CB   C N N 45  
ASN CG   C N N 46  
ASN OD1  O N N 47  
ASN ND2  N N N 48  
ASN OXT  O N N 49  
ASN H    H N N 50  
ASN H2   H N N 51  
ASN HA   H N N 52  
ASN HB2  H N N 53  
ASN HB3  H N N 54  
ASN HD21 H N N 55  
ASN HD22 H N N 56  
ASN HXT  H N N 57  
ASP N    N N N 58  
ASP CA   C N S 59  
ASP C    C N N 60  
ASP O    O N N 61  
ASP CB   C N N 62  
ASP CG   C N N 63  
ASP OD1  O N N 64  
ASP OD2  O N N 65  
ASP OXT  O N N 66  
ASP H    H N N 67  
ASP H2   H N N 68  
ASP HA   H N N 69  
ASP HB2  H N N 70  
ASP HB3  H N N 71  
ASP HD2  H N N 72  
ASP HXT  H N N 73  
GLN N    N N N 74  
GLN CA   C N S 75  
GLN C    C N N 76  
GLN O    O N N 77  
GLN CB   C N N 78  
GLN CG   C N N 79  
GLN CD   C N N 80  
GLN OE1  O N N 81  
GLN NE2  N N N 82  
GLN OXT  O N N 83  
GLN H    H N N 84  
GLN H2   H N N 85  
GLN HA   H N N 86  
GLN HB2  H N N 87  
GLN HB3  H N N 88  
GLN HG2  H N N 89  
GLN HG3  H N N 90  
GLN HE21 H N N 91  
GLN HE22 H N N 92  
GLN HXT  H N N 93  
GLU N    N N N 94  
GLU CA   C N S 95  
GLU C    C N N 96  
GLU O    O N N 97  
GLU CB   C N N 98  
GLU CG   C N N 99  
GLU CD   C N N 100 
GLU OE1  O N N 101 
GLU OE2  O N N 102 
GLU OXT  O N N 103 
GLU H    H N N 104 
GLU H2   H N N 105 
GLU HA   H N N 106 
GLU HB2  H N N 107 
GLU HB3  H N N 108 
GLU HG2  H N N 109 
GLU HG3  H N N 110 
GLU HE2  H N N 111 
GLU HXT  H N N 112 
GLY N    N N N 113 
GLY CA   C N N 114 
GLY C    C N N 115 
GLY O    O N N 116 
GLY OXT  O N N 117 
GLY H    H N N 118 
GLY H2   H N N 119 
GLY HA2  H N N 120 
GLY HA3  H N N 121 
GLY HXT  H N N 122 
HIS N    N N N 123 
HIS CA   C N S 124 
HIS C    C N N 125 
HIS O    O N N 126 
HIS CB   C N N 127 
HIS CG   C Y N 128 
HIS ND1  N Y N 129 
HIS CD2  C Y N 130 
HIS CE1  C Y N 131 
HIS NE2  N Y N 132 
HIS OXT  O N N 133 
HIS H    H N N 134 
HIS H2   H N N 135 
HIS HA   H N N 136 
HIS HB2  H N N 137 
HIS HB3  H N N 138 
HIS HD1  H N N 139 
HIS HD2  H N N 140 
HIS HE1  H N N 141 
HIS HE2  H N N 142 
HIS HXT  H N N 143 
HOH O    O N N 144 
HOH H1   H N N 145 
HOH H2   H N N 146 
ILE N    N N N 147 
ILE CA   C N S 148 
ILE C    C N N 149 
ILE O    O N N 150 
ILE CB   C N S 151 
ILE CG1  C N N 152 
ILE CG2  C N N 153 
ILE CD1  C N N 154 
ILE OXT  O N N 155 
ILE H    H N N 156 
ILE H2   H N N 157 
ILE HA   H N N 158 
ILE HB   H N N 159 
ILE HG12 H N N 160 
ILE HG13 H N N 161 
ILE HG21 H N N 162 
ILE HG22 H N N 163 
ILE HG23 H N N 164 
ILE HD11 H N N 165 
ILE HD12 H N N 166 
ILE HD13 H N N 167 
ILE HXT  H N N 168 
LEU N    N N N 169 
LEU CA   C N S 170 
LEU C    C N N 171 
LEU O    O N N 172 
LEU CB   C N N 173 
LEU CG   C N N 174 
LEU CD1  C N N 175 
LEU CD2  C N N 176 
LEU OXT  O N N 177 
LEU H    H N N 178 
LEU H2   H N N 179 
LEU HA   H N N 180 
LEU HB2  H N N 181 
LEU HB3  H N N 182 
LEU HG   H N N 183 
LEU HD11 H N N 184 
LEU HD12 H N N 185 
LEU HD13 H N N 186 
LEU HD21 H N N 187 
LEU HD22 H N N 188 
LEU HD23 H N N 189 
LEU HXT  H N N 190 
LYS N    N N N 191 
LYS CA   C N S 192 
LYS C    C N N 193 
LYS O    O N N 194 
LYS CB   C N N 195 
LYS CG   C N N 196 
LYS CD   C N N 197 
LYS CE   C N N 198 
LYS NZ   N N N 199 
LYS OXT  O N N 200 
LYS H    H N N 201 
LYS H2   H N N 202 
LYS HA   H N N 203 
LYS HB2  H N N 204 
LYS HB3  H N N 205 
LYS HG2  H N N 206 
LYS HG3  H N N 207 
LYS HD2  H N N 208 
LYS HD3  H N N 209 
LYS HE2  H N N 210 
LYS HE3  H N N 211 
LYS HZ1  H N N 212 
LYS HZ2  H N N 213 
LYS HZ3  H N N 214 
LYS HXT  H N N 215 
MET N    N N N 216 
MET CA   C N S 217 
MET C    C N N 218 
MET O    O N N 219 
MET CB   C N N 220 
MET CG   C N N 221 
MET SD   S N N 222 
MET CE   C N N 223 
MET OXT  O N N 224 
MET H    H N N 225 
MET H2   H N N 226 
MET HA   H N N 227 
MET HB2  H N N 228 
MET HB3  H N N 229 
MET HG2  H N N 230 
MET HG3  H N N 231 
MET HE1  H N N 232 
MET HE2  H N N 233 
MET HE3  H N N 234 
MET HXT  H N N 235 
PHE N    N N N 236 
PHE CA   C N S 237 
PHE C    C N N 238 
PHE O    O N N 239 
PHE CB   C N N 240 
PHE CG   C Y N 241 
PHE CD1  C Y N 242 
PHE CD2  C Y N 243 
PHE CE1  C Y N 244 
PHE CE2  C Y N 245 
PHE CZ   C Y N 246 
PHE OXT  O N N 247 
PHE H    H N N 248 
PHE H2   H N N 249 
PHE HA   H N N 250 
PHE HB2  H N N 251 
PHE HB3  H N N 252 
PHE HD1  H N N 253 
PHE HD2  H N N 254 
PHE HE1  H N N 255 
PHE HE2  H N N 256 
PHE HZ   H N N 257 
PHE HXT  H N N 258 
PRO N    N N N 259 
PRO CA   C N S 260 
PRO C    C N N 261 
PRO O    O N N 262 
PRO CB   C N N 263 
PRO CG   C N N 264 
PRO CD   C N N 265 
PRO OXT  O N N 266 
PRO H    H N N 267 
PRO HA   H N N 268 
PRO HB2  H N N 269 
PRO HB3  H N N 270 
PRO HG2  H N N 271 
PRO HG3  H N N 272 
PRO HD2  H N N 273 
PRO HD3  H N N 274 
PRO HXT  H N N 275 
SER N    N N N 276 
SER CA   C N S 277 
SER C    C N N 278 
SER O    O N N 279 
SER CB   C N N 280 
SER OG   O N N 281 
SER OXT  O N N 282 
SER H    H N N 283 
SER H2   H N N 284 
SER HA   H N N 285 
SER HB2  H N N 286 
SER HB3  H N N 287 
SER HG   H N N 288 
SER HXT  H N N 289 
THR N    N N N 290 
THR CA   C N S 291 
THR C    C N N 292 
THR O    O N N 293 
THR CB   C N R 294 
THR OG1  O N N 295 
THR CG2  C N N 296 
THR OXT  O N N 297 
THR H    H N N 298 
THR H2   H N N 299 
THR HA   H N N 300 
THR HB   H N N 301 
THR HG1  H N N 302 
THR HG21 H N N 303 
THR HG22 H N N 304 
THR HG23 H N N 305 
THR HXT  H N N 306 
TYR N    N N N 307 
TYR CA   C N S 308 
TYR C    C N N 309 
TYR O    O N N 310 
TYR CB   C N N 311 
TYR CG   C Y N 312 
TYR CD1  C Y N 313 
TYR CD2  C Y N 314 
TYR CE1  C Y N 315 
TYR CE2  C Y N 316 
TYR CZ   C Y N 317 
TYR OH   O N N 318 
TYR OXT  O N N 319 
TYR H    H N N 320 
TYR H2   H N N 321 
TYR HA   H N N 322 
TYR HB2  H N N 323 
TYR HB3  H N N 324 
TYR HD1  H N N 325 
TYR HD2  H N N 326 
TYR HE1  H N N 327 
TYR HE2  H N N 328 
TYR HH   H N N 329 
TYR HXT  H N N 330 
VAL N    N N N 331 
VAL CA   C N S 332 
VAL C    C N N 333 
VAL O    O N N 334 
VAL CB   C N N 335 
VAL CG1  C N N 336 
VAL CG2  C N N 337 
VAL OXT  O N N 338 
VAL H    H N N 339 
VAL H2   H N N 340 
VAL HA   H N N 341 
VAL HB   H N N 342 
VAL HG11 H N N 343 
VAL HG12 H N N 344 
VAL HG13 H N N 345 
VAL HG21 H N N 346 
VAL HG22 H N N 347 
VAL HG23 H N N 348 
VAL HXT  H N N 349 
# 
loop_
_chem_comp_bond.comp_id 
_chem_comp_bond.atom_id_1 
_chem_comp_bond.atom_id_2 
_chem_comp_bond.value_order 
_chem_comp_bond.pdbx_aromatic_flag 
_chem_comp_bond.pdbx_stereo_config 
_chem_comp_bond.pdbx_ordinal 
ALA N   CA   sing N N 1   
ALA N   H    sing N N 2   
ALA N   H2   sing N N 3   
ALA CA  C    sing N N 4   
ALA CA  CB   sing N N 5   
ALA CA  HA   sing N N 6   
ALA C   O    doub N N 7   
ALA C   OXT  sing N N 8   
ALA CB  HB1  sing N N 9   
ALA CB  HB2  sing N N 10  
ALA CB  HB3  sing N N 11  
ALA OXT HXT  sing N N 12  
ARG N   CA   sing N N 13  
ARG N   H    sing N N 14  
ARG N   H2   sing N N 15  
ARG CA  C    sing N N 16  
ARG CA  CB   sing N N 17  
ARG CA  HA   sing N N 18  
ARG C   O    doub N N 19  
ARG C   OXT  sing N N 20  
ARG CB  CG   sing N N 21  
ARG CB  HB2  sing N N 22  
ARG CB  HB3  sing N N 23  
ARG CG  CD   sing N N 24  
ARG CG  HG2  sing N N 25  
ARG CG  HG3  sing N N 26  
ARG CD  NE   sing N N 27  
ARG CD  HD2  sing N N 28  
ARG CD  HD3  sing N N 29  
ARG NE  CZ   sing N N 30  
ARG NE  HE   sing N N 31  
ARG CZ  NH1  sing N N 32  
ARG CZ  NH2  doub N N 33  
ARG NH1 HH11 sing N N 34  
ARG NH1 HH12 sing N N 35  
ARG NH2 HH21 sing N N 36  
ARG NH2 HH22 sing N N 37  
ARG OXT HXT  sing N N 38  
ASN N   CA   sing N N 39  
ASN N   H    sing N N 40  
ASN N   H2   sing N N 41  
ASN CA  C    sing N N 42  
ASN CA  CB   sing N N 43  
ASN CA  HA   sing N N 44  
ASN C   O    doub N N 45  
ASN C   OXT  sing N N 46  
ASN CB  CG   sing N N 47  
ASN CB  HB2  sing N N 48  
ASN CB  HB3  sing N N 49  
ASN CG  OD1  doub N N 50  
ASN CG  ND2  sing N N 51  
ASN ND2 HD21 sing N N 52  
ASN ND2 HD22 sing N N 53  
ASN OXT HXT  sing N N 54  
ASP N   CA   sing N N 55  
ASP N   H    sing N N 56  
ASP N   H2   sing N N 57  
ASP CA  C    sing N N 58  
ASP CA  CB   sing N N 59  
ASP CA  HA   sing N N 60  
ASP C   O    doub N N 61  
ASP C   OXT  sing N N 62  
ASP CB  CG   sing N N 63  
ASP CB  HB2  sing N N 64  
ASP CB  HB3  sing N N 65  
ASP CG  OD1  doub N N 66  
ASP CG  OD2  sing N N 67  
ASP OD2 HD2  sing N N 68  
ASP OXT HXT  sing N N 69  
GLN N   CA   sing N N 70  
GLN N   H    sing N N 71  
GLN N   H2   sing N N 72  
GLN CA  C    sing N N 73  
GLN CA  CB   sing N N 74  
GLN CA  HA   sing N N 75  
GLN C   O    doub N N 76  
GLN C   OXT  sing N N 77  
GLN CB  CG   sing N N 78  
GLN CB  HB2  sing N N 79  
GLN CB  HB3  sing N N 80  
GLN CG  CD   sing N N 81  
GLN CG  HG2  sing N N 82  
GLN CG  HG3  sing N N 83  
GLN CD  OE1  doub N N 84  
GLN CD  NE2  sing N N 85  
GLN NE2 HE21 sing N N 86  
GLN NE2 HE22 sing N N 87  
GLN OXT HXT  sing N N 88  
GLU N   CA   sing N N 89  
GLU N   H    sing N N 90  
GLU N   H2   sing N N 91  
GLU CA  C    sing N N 92  
GLU CA  CB   sing N N 93  
GLU CA  HA   sing N N 94  
GLU C   O    doub N N 95  
GLU C   OXT  sing N N 96  
GLU CB  CG   sing N N 97  
GLU CB  HB2  sing N N 98  
GLU CB  HB3  sing N N 99  
GLU CG  CD   sing N N 100 
GLU CG  HG2  sing N N 101 
GLU CG  HG3  sing N N 102 
GLU CD  OE1  doub N N 103 
GLU CD  OE2  sing N N 104 
GLU OE2 HE2  sing N N 105 
GLU OXT HXT  sing N N 106 
GLY N   CA   sing N N 107 
GLY N   H    sing N N 108 
GLY N   H2   sing N N 109 
GLY CA  C    sing N N 110 
GLY CA  HA2  sing N N 111 
GLY CA  HA3  sing N N 112 
GLY C   O    doub N N 113 
GLY C   OXT  sing N N 114 
GLY OXT HXT  sing N N 115 
HIS N   CA   sing N N 116 
HIS N   H    sing N N 117 
HIS N   H2   sing N N 118 
HIS CA  C    sing N N 119 
HIS CA  CB   sing N N 120 
HIS CA  HA   sing N N 121 
HIS C   O    doub N N 122 
HIS C   OXT  sing N N 123 
HIS CB  CG   sing N N 124 
HIS CB  HB2  sing N N 125 
HIS CB  HB3  sing N N 126 
HIS CG  ND1  sing Y N 127 
HIS CG  CD2  doub Y N 128 
HIS ND1 CE1  doub Y N 129 
HIS ND1 HD1  sing N N 130 
HIS CD2 NE2  sing Y N 131 
HIS CD2 HD2  sing N N 132 
HIS CE1 NE2  sing Y N 133 
HIS CE1 HE1  sing N N 134 
HIS NE2 HE2  sing N N 135 
HIS OXT HXT  sing N N 136 
HOH O   H1   sing N N 137 
HOH O   H2   sing N N 138 
ILE N   CA   sing N N 139 
ILE N   H    sing N N 140 
ILE N   H2   sing N N 141 
ILE CA  C    sing N N 142 
ILE CA  CB   sing N N 143 
ILE CA  HA   sing N N 144 
ILE C   O    doub N N 145 
ILE C   OXT  sing N N 146 
ILE CB  CG1  sing N N 147 
ILE CB  CG2  sing N N 148 
ILE CB  HB   sing N N 149 
ILE CG1 CD1  sing N N 150 
ILE CG1 HG12 sing N N 151 
ILE CG1 HG13 sing N N 152 
ILE CG2 HG21 sing N N 153 
ILE CG2 HG22 sing N N 154 
ILE CG2 HG23 sing N N 155 
ILE CD1 HD11 sing N N 156 
ILE CD1 HD12 sing N N 157 
ILE CD1 HD13 sing N N 158 
ILE OXT HXT  sing N N 159 
LEU N   CA   sing N N 160 
LEU N   H    sing N N 161 
LEU N   H2   sing N N 162 
LEU CA  C    sing N N 163 
LEU CA  CB   sing N N 164 
LEU CA  HA   sing N N 165 
LEU C   O    doub N N 166 
LEU C   OXT  sing N N 167 
LEU CB  CG   sing N N 168 
LEU CB  HB2  sing N N 169 
LEU CB  HB3  sing N N 170 
LEU CG  CD1  sing N N 171 
LEU CG  CD2  sing N N 172 
LEU CG  HG   sing N N 173 
LEU CD1 HD11 sing N N 174 
LEU CD1 HD12 sing N N 175 
LEU CD1 HD13 sing N N 176 
LEU CD2 HD21 sing N N 177 
LEU CD2 HD22 sing N N 178 
LEU CD2 HD23 sing N N 179 
LEU OXT HXT  sing N N 180 
LYS N   CA   sing N N 181 
LYS N   H    sing N N 182 
LYS N   H2   sing N N 183 
LYS CA  C    sing N N 184 
LYS CA  CB   sing N N 185 
LYS CA  HA   sing N N 186 
LYS C   O    doub N N 187 
LYS C   OXT  sing N N 188 
LYS CB  CG   sing N N 189 
LYS CB  HB2  sing N N 190 
LYS CB  HB3  sing N N 191 
LYS CG  CD   sing N N 192 
LYS CG  HG2  sing N N 193 
LYS CG  HG3  sing N N 194 
LYS CD  CE   sing N N 195 
LYS CD  HD2  sing N N 196 
LYS CD  HD3  sing N N 197 
LYS CE  NZ   sing N N 198 
LYS CE  HE2  sing N N 199 
LYS CE  HE3  sing N N 200 
LYS NZ  HZ1  sing N N 201 
LYS NZ  HZ2  sing N N 202 
LYS NZ  HZ3  sing N N 203 
LYS OXT HXT  sing N N 204 
MET N   CA   sing N N 205 
MET N   H    sing N N 206 
MET N   H2   sing N N 207 
MET CA  C    sing N N 208 
MET CA  CB   sing N N 209 
MET CA  HA   sing N N 210 
MET C   O    doub N N 211 
MET C   OXT  sing N N 212 
MET CB  CG   sing N N 213 
MET CB  HB2  sing N N 214 
MET CB  HB3  sing N N 215 
MET CG  SD   sing N N 216 
MET CG  HG2  sing N N 217 
MET CG  HG3  sing N N 218 
MET SD  CE   sing N N 219 
MET CE  HE1  sing N N 220 
MET CE  HE2  sing N N 221 
MET CE  HE3  sing N N 222 
MET OXT HXT  sing N N 223 
PHE N   CA   sing N N 224 
PHE N   H    sing N N 225 
PHE N   H2   sing N N 226 
PHE CA  C    sing N N 227 
PHE CA  CB   sing N N 228 
PHE CA  HA   sing N N 229 
PHE C   O    doub N N 230 
PHE C   OXT  sing N N 231 
PHE CB  CG   sing N N 232 
PHE CB  HB2  sing N N 233 
PHE CB  HB3  sing N N 234 
PHE CG  CD1  doub Y N 235 
PHE CG  CD2  sing Y N 236 
PHE CD1 CE1  sing Y N 237 
PHE CD1 HD1  sing N N 238 
PHE CD2 CE2  doub Y N 239 
PHE CD2 HD2  sing N N 240 
PHE CE1 CZ   doub Y N 241 
PHE CE1 HE1  sing N N 242 
PHE CE2 CZ   sing Y N 243 
PHE CE2 HE2  sing N N 244 
PHE CZ  HZ   sing N N 245 
PHE OXT HXT  sing N N 246 
PRO N   CA   sing N N 247 
PRO N   CD   sing N N 248 
PRO N   H    sing N N 249 
PRO CA  C    sing N N 250 
PRO CA  CB   sing N N 251 
PRO CA  HA   sing N N 252 
PRO C   O    doub N N 253 
PRO C   OXT  sing N N 254 
PRO CB  CG   sing N N 255 
PRO CB  HB2  sing N N 256 
PRO CB  HB3  sing N N 257 
PRO CG  CD   sing N N 258 
PRO CG  HG2  sing N N 259 
PRO CG  HG3  sing N N 260 
PRO CD  HD2  sing N N 261 
PRO CD  HD3  sing N N 262 
PRO OXT HXT  sing N N 263 
SER N   CA   sing N N 264 
SER N   H    sing N N 265 
SER N   H2   sing N N 266 
SER CA  C    sing N N 267 
SER CA  CB   sing N N 268 
SER CA  HA   sing N N 269 
SER C   O    doub N N 270 
SER C   OXT  sing N N 271 
SER CB  OG   sing N N 272 
SER CB  HB2  sing N N 273 
SER CB  HB3  sing N N 274 
SER OG  HG   sing N N 275 
SER OXT HXT  sing N N 276 
THR N   CA   sing N N 277 
THR N   H    sing N N 278 
THR N   H2   sing N N 279 
THR CA  C    sing N N 280 
THR CA  CB   sing N N 281 
THR CA  HA   sing N N 282 
THR C   O    doub N N 283 
THR C   OXT  sing N N 284 
THR CB  OG1  sing N N 285 
THR CB  CG2  sing N N 286 
THR CB  HB   sing N N 287 
THR OG1 HG1  sing N N 288 
THR CG2 HG21 sing N N 289 
THR CG2 HG22 sing N N 290 
THR CG2 HG23 sing N N 291 
THR OXT HXT  sing N N 292 
TYR N   CA   sing N N 293 
TYR N   H    sing N N 294 
TYR N   H2   sing N N 295 
TYR CA  C    sing N N 296 
TYR CA  CB   sing N N 297 
TYR CA  HA   sing N N 298 
TYR C   O    doub N N 299 
TYR C   OXT  sing N N 300 
TYR CB  CG   sing N N 301 
TYR CB  HB2  sing N N 302 
TYR CB  HB3  sing N N 303 
TYR CG  CD1  doub Y N 304 
TYR CG  CD2  sing Y N 305 
TYR CD1 CE1  sing Y N 306 
TYR CD1 HD1  sing N N 307 
TYR CD2 CE2  doub Y N 308 
TYR CD2 HD2  sing N N 309 
TYR CE1 CZ   doub Y N 310 
TYR CE1 HE1  sing N N 311 
TYR CE2 CZ   sing Y N 312 
TYR CE2 HE2  sing N N 313 
TYR CZ  OH   sing N N 314 
TYR OH  HH   sing N N 315 
TYR OXT HXT  sing N N 316 
VAL N   CA   sing N N 317 
VAL N   H    sing N N 318 
VAL N   H2   sing N N 319 
VAL CA  C    sing N N 320 
VAL CA  CB   sing N N 321 
VAL CA  HA   sing N N 322 
VAL C   O    doub N N 323 
VAL C   OXT  sing N N 324 
VAL CB  CG1  sing N N 325 
VAL CB  CG2  sing N N 326 
VAL CB  HB   sing N N 327 
VAL CG1 HG11 sing N N 328 
VAL CG1 HG12 sing N N 329 
VAL CG1 HG13 sing N N 330 
VAL CG2 HG21 sing N N 331 
VAL CG2 HG22 sing N N 332 
VAL CG2 HG23 sing N N 333 
VAL OXT HXT  sing N N 334 
# 
_pdbx_audit_support.funding_organization   'German Research Foundation' 
_pdbx_audit_support.country                Germany 
_pdbx_audit_support.grant_number           EXC1074 
_pdbx_audit_support.ordinal                1 
# 
_atom_sites.entry_id                    6GV8 
_atom_sites.fract_transf_matrix[1][1]   0.01034998 
_atom_sites.fract_transf_matrix[1][2]   -0.01051492 
_atom_sites.fract_transf_matrix[1][3]   0.03398593 
_atom_sites.fract_transf_matrix[2][1]   0.03209563 
_atom_sites.fract_transf_matrix[2][2]   0.00028760 
_atom_sites.fract_transf_matrix[2][3]   0.00583373 
_atom_sites.fract_transf_matrix[3][1]   0.00299073 
_atom_sites.fract_transf_matrix[3][2]   0.02178772 
_atom_sites.fract_transf_matrix[3][3]   0.01421838 
_atom_sites.fract_transf_vector[1]      0.935868 
_atom_sites.fract_transf_vector[2]      0.315403 
_atom_sites.fract_transf_vector[3]      0.416044 
# 
loop_
_atom_type.symbol 
C 
N 
O 
S 
# 
loop_
_atom_site.group_PDB 
_atom_site.id 
_atom_site.type_symbol 
_atom_site.label_atom_id 
_atom_site.label_alt_id 
_atom_site.label_comp_id 
_atom_site.label_asym_id 
_atom_site.label_entity_id 
_atom_site.label_seq_id 
_atom_site.pdbx_PDB_ins_code 
_atom_site.Cartn_x 
_atom_site.Cartn_y 
_atom_site.Cartn_z 
_atom_site.occupancy 
_atom_site.B_iso_or_equiv 
_atom_site.pdbx_formal_charge 
_atom_site.auth_seq_id 
_atom_site.auth_comp_id 
_atom_site.auth_asym_id 
_atom_site.auth_atom_id 
_atom_site.pdbx_PDB_model_num 
ATOM   1    N N   . VAL A 1 3   ? 10.509  -9.411  -31.862 1.00 41.54 ? 6   VAL A N   1 
ATOM   2    C CA  . VAL A 1 3   ? 10.521  -10.074 -30.566 1.00 25.71 ? 6   VAL A CA  1 
ATOM   3    C C   . VAL A 1 3   ? 9.176   -9.892  -29.865 1.00 21.76 ? 6   VAL A C   1 
ATOM   4    O O   . VAL A 1 3   ? 8.522   -8.855  -30.009 1.00 28.33 ? 6   VAL A O   1 
ATOM   5    C CB  . VAL A 1 3   ? 11.687  -9.580  -29.685 1.00 20.43 ? 6   VAL A CB  1 
ATOM   6    C CG1 . VAL A 1 3   ? 11.425  -8.165  -29.194 1.00 23.90 ? 6   VAL A CG1 1 
ATOM   7    C CG2 . VAL A 1 3   ? 11.901  -10.513 -28.505 1.00 20.73 ? 6   VAL A CG2 1 
ATOM   8    N N   . ASN A 1 4   ? 8.775   -10.902 -29.096 1.00 20.34 ? 7   ASN A N   1 
ATOM   9    C CA  . ASN A 1 4   ? 7.543   -10.848 -28.315 1.00 15.63 ? 7   ASN A CA  1 
ATOM   10   C C   . ASN A 1 4   ? 7.874   -10.259 -26.945 1.00 13.73 ? 7   ASN A C   1 
ATOM   11   O O   . ASN A 1 4   ? 8.566   -10.889 -26.143 1.00 20.35 ? 7   ASN A O   1 
ATOM   12   C CB  . ASN A 1 4   ? 6.941   -12.250 -28.206 1.00 14.13 ? 7   ASN A CB  1 
ATOM   13   C CG  . ASN A 1 4   ? 5.642   -12.273 -27.417 1.00 24.99 ? 7   ASN A CG  1 
ATOM   14   O OD1 . ASN A 1 4   ? 4.987   -11.249 -27.251 1.00 20.62 ? 7   ASN A OD1 1 
ATOM   15   N ND2 . ASN A 1 4   ? 5.268   -13.453 -26.926 1.00 43.34 ? 7   ASN A ND2 1 
ATOM   16   N N   . LYS A 1 5   ? 7.375   -9.053  -26.678 1.00 10.65 ? 8   LYS A N   1 
ATOM   17   C CA  . LYS A 1 5   ? 7.615   -8.361  -25.417 1.00 10.18 ? 8   LYS A CA  1 
ATOM   18   C C   . LYS A 1 5   ? 6.540   -8.622  -24.374 1.00 8.05  ? 8   LYS A C   1 
ATOM   19   O O   . LYS A 1 5   ? 6.586   -8.024  -23.299 1.00 8.15  ? 8   LYS A O   1 
ATOM   20   C CB  . LYS A 1 5   ? 7.689   -6.855  -25.660 1.00 8.21  ? 8   LYS A CB  1 
ATOM   21   C CG  . LYS A 1 5   ? 8.838   -6.417  -26.549 1.00 10.20 ? 8   LYS A CG  1 
ATOM   22   C CD  . LYS A 1 5   ? 8.681   -4.980  -26.964 1.00 10.44 ? 8   LYS A CD  1 
ATOM   23   C CE  . LYS A 1 5   ? 9.920   -4.476  -27.679 1.00 11.90 ? 8   LYS A CE  1 
ATOM   24   N NZ  . LYS A 1 5   ? 9.611   -3.166  -28.319 1.00 14.58 ? 8   LYS A NZ  1 
ATOM   25   N N   . THR A 1 6   ? 5.599   -9.531  -24.642 1.00 8.74  ? 9   THR A N   1 
ATOM   26   C CA  . THR A 1 6   ? 4.428   -9.686  -23.779 1.00 8.04  ? 9   THR A CA  1 
ATOM   27   C C   . THR A 1 6   ? 4.820   -9.950  -22.331 1.00 6.88  ? 9   THR A C   1 
ATOM   28   O O   . THR A 1 6   ? 4.302   -9.311  -21.413 1.00 8.11  ? 9   THR A O   1 
ATOM   29   C CB  . THR A 1 6   ? 3.566   -10.846 -24.281 1.00 7.22  ? 9   THR A CB  1 
ATOM   30   O OG1 . THR A 1 6   ? 2.993   -10.501 -25.545 1.00 11.16 ? 9   THR A OG1 1 
ATOM   31   C CG2 . THR A 1 6   ? 2.472   -11.170 -23.294 1.00 11.79 ? 9   THR A CG2 1 
ATOM   32   N N   . GLU A 1 7   ? 5.694   -10.930 -22.105 1.00 8.96  ? 10  GLU A N   1 
ATOM   33   C CA  . GLU A 1 7   ? 6.027   -11.287 -20.738 1.00 8.94  ? 10  GLU A CA  1 
ATOM   34   C C   . GLU A 1 7   ? 6.717   -10.138 -20.025 1.00 7.78  ? 10  GLU A C   1 
ATOM   35   O O   . GLU A 1 7   ? 6.495   -9.928  -18.829 1.00 8.00  ? 10  GLU A O   1 
ATOM   36   C CB  . GLU A 1 7   ? 6.894   -12.545 -20.713 1.00 10.29 ? 10  GLU A CB  1 
ATOM   37   C CG  . GLU A 1 7   ? 7.064   -13.120 -19.329 1.00 16.43 ? 10  GLU A CG  1 
ATOM   38   C CD  . GLU A 1 7   ? 7.841   -14.417 -19.337 1.00 42.70 ? 10  GLU A CD  1 
ATOM   39   O OE1 . GLU A 1 7   ? 8.417   -14.761 -20.395 1.00 36.68 ? 10  GLU A OE1 1 
ATOM   40   O OE2 . GLU A 1 7   ? 7.877   -15.088 -18.285 1.00 28.31 ? 10  GLU A OE2 1 
ATOM   41   N N   . LEU A 1 8   ? 7.589   -9.406  -20.730 1.00 7.22  ? 11  LEU A N   1 
ATOM   42   C CA  . LEU A 1 8   ? 8.265   -8.268  -20.111 1.00 5.52  ? 11  LEU A CA  1 
ATOM   43   C C   . LEU A 1 8   ? 7.277   -7.157  -19.788 1.00 5.06  ? 11  LEU A C   1 
ATOM   44   O O   . LEU A 1 8   ? 7.327   -6.568  -18.705 1.00 7.01  ? 11  LEU A O   1 
ATOM   45   C CB  . LEU A 1 8   ? 9.380   -7.759  -21.030 1.00 7.49  ? 11  LEU A CB  1 
ATOM   46   C CG  . LEU A 1 8   ? 10.096  -6.494  -20.578 1.00 6.53  ? 11  LEU A CG  1 
ATOM   47   C CD1 . LEU A 1 8   ? 10.756  -6.742  -19.229 1.00 9.56  ? 11  LEU A CD1 1 
ATOM   48   C CD2 . LEU A 1 8   ? 11.112  -6.051  -21.623 1.00 9.01  ? 11  LEU A CD2 1 
ATOM   49   N N   . ILE A 1 9   ? 6.389   -6.846  -20.727 1.00 6.77  ? 12  ILE A N   1 
ATOM   50   C CA  . ILE A 1 9   ? 5.381   -5.819  -20.487 1.00 8.00  ? 12  ILE A CA  1 
ATOM   51   C C   . ILE A 1 9   ? 4.518   -6.189  -19.292 1.00 7.74  ? 12  ILE A C   1 
ATOM   52   O O   . ILE A 1 9   ? 4.268   -5.354  -18.407 1.00 7.67  ? 12  ILE A O   1 
ATOM   53   C CB  . ILE A 1 9   ? 4.522   -5.611  -21.749 1.00 8.15  ? 12  ILE A CB  1 
ATOM   54   C CG1 . ILE A 1 9   ? 5.360   -4.967  -22.840 1.00 7.21  ? 12  ILE A CG1 1 
ATOM   55   C CG2 . ILE A 1 9   ? 3.349   -4.710  -21.445 1.00 10.53 ? 12  ILE A CG2 1 
ATOM   56   C CD1 . ILE A 1 9   ? 4.676   -5.008  -24.197 1.00 10.52 ? 12  ILE A CD1 1 
ATOM   57   N N   . ASN A 1 10  ? 4.076   -7.452  -19.226 1.00 6.41  ? 13  ASN A N   1 
ATOM   58   C CA  . ASN A 1 10  ? 3.193   -7.859  -18.144 1.00 7.46  ? 13  ASN A CA  1 
ATOM   59   C C   . ASN A 1 10  ? 3.925   -7.819  -16.817 1.00 8.28  ? 13  ASN A C   1 
ATOM   60   O O   . ASN A 1 10  ? 3.365   -7.368  -15.807 1.00 9.05  ? 13  ASN A O   1 
ATOM   61   C CB  . ASN A 1 10  ? 2.632   -9.261  -18.405 1.00 7.09  ? 13  ASN A CB  1 
ATOM   62   C CG  . ASN A 1 10  ? 1.607   -9.270  -19.522 1.00 7.04  ? 13  ASN A CG  1 
ATOM   63   O OD1 . ASN A 1 10  ? 0.976   -8.253  -19.793 1.00 8.10  ? 13  ASN A OD1 1 
ATOM   64   N ND2 . ASN A 1 10  ? 1.444   -10.414 -20.187 1.00 9.34  ? 13  ASN A ND2 1 
ATOM   65   N N   . ALA A 1 11  ? 5.180   -8.270  -16.800 1.00 7.46  ? 14  ALA A N   1 
ATOM   66   C CA  . ALA A 1 11  ? 5.931   -8.253  -15.551 1.00 6.20  ? 14  ALA A CA  1 
ATOM   67   C C   . ALA A 1 11  ? 6.241   -6.820  -15.130 1.00 5.91  ? 14  ALA A C   1 
ATOM   68   O O   . ALA A 1 11  ? 6.178   -6.485  -13.940 1.00 7.03  ? 14  ALA A O   1 
ATOM   69   C CB  . ALA A 1 11  ? 7.199   -9.087  -15.692 1.00 7.28  ? 14  ALA A CB  1 
ATOM   70   N N   . ARG A 1 12  ? 6.531   -5.950  -16.098 1.00 6.18  ? 15  ARG A N   1 
ATOM   71   C CA  . ARG A 1 12  ? 6.794   -4.548  -15.774 1.00 6.06  ? 15  ARG A CA  1 
ATOM   72   C C   . ARG A 1 12  ? 5.561   -3.876  -15.166 1.00 7.22  ? 15  ARG A C   1 
ATOM   73   O O   . ARG A 1 12  ? 5.665   -3.109  -14.201 1.00 8.00  ? 15  ARG A O   1 
ATOM   74   C CB  . ARG A 1 12  ? 7.256   -3.814  -17.037 1.00 5.99  ? 15  ARG A CB  1 
ATOM   75   C CG  . ARG A 1 12  ? 7.295   -2.310  -16.904 1.00 7.02  ? 15  ARG A CG  1 
ATOM   76   C CD  . ARG A 1 12  ? 8.288   -1.877  -15.824 1.00 7.23  ? 15  ARG A CD  1 
ATOM   77   N NE  . ARG A 1 12  ? 8.331   -0.419  -15.786 1.00 7.11  ? 15  ARG A NE  1 
ATOM   78   C CZ  . ARG A 1 12  ? 7.510   0.328   -15.060 1.00 6.57  ? 15  ARG A CZ  1 
ATOM   79   N NH1 . ARG A 1 12  ? 6.620   -0.245  -14.247 1.00 7.68  ? 15  ARG A NH1 1 
ATOM   80   N NH2 . ARG A 1 12  ? 7.633   1.656   -15.113 1.00 10.03 ? 15  ARG A NH2 1 
ATOM   81   N N   . ARG A 1 13  ? 4.384   -4.156  -15.714 1.00 7.41  ? 16  ARG A N   1 
ATOM   82   C CA  . ARG A 1 13  ? 3.154   -3.593  -15.171 1.00 8.85  ? 16  ARG A CA  1 
ATOM   83   C C   . ARG A 1 13  ? 2.902   -4.092  -13.757 1.00 9.35  ? 16  ARG A C   1 
ATOM   84   O O   . ARG A 1 13  ? 2.425   -3.334  -12.902 1.00 10.53 ? 16  ARG A O   1 
ATOM   85   C CB  . ARG A 1 13  ? 2.006   -3.967  -16.100 1.00 9.02  ? 16  ARG A CB  1 
ATOM   86   C CG  . ARG A 1 13  ? 0.699   -3.278  -15.773 1.00 13.13 ? 16  ARG A CG  1 
ATOM   87   C CD  . ARG A 1 13  ? -0.402  -3.737  -16.708 1.00 16.89 ? 16  ARG A CD  1 
ATOM   88   N NE  . ARG A 1 13  ? -0.779  -5.119  -16.453 1.00 18.23 ? 16  ARG A NE  1 
ATOM   89   C CZ  . ARG A 1 13  ? -0.566  -6.122  -17.304 1.00 22.67 ? 16  ARG A CZ  1 
ATOM   90   N NH1 . ARG A 1 13  ? -0.004  -5.883  -18.481 1.00 21.14 ? 16  ARG A NH1 1 
ATOM   91   N NH2 . ARG A 1 13  ? -0.933  -7.355  -16.978 1.00 24.25 ? 16  ARG A NH2 1 
ATOM   92   N N   . ARG A 1 14  ? 3.250   -5.362  -13.481 1.00 6.93  ? 17  ARG A N   1 
ATOM   93   C CA  . ARG A 1 14  ? 3.011   -5.908  -12.154 1.00 9.08  ? 17  ARG A CA  1 
ATOM   94   C C   . ARG A 1 14  ? 3.818   -5.182  -11.090 1.00 8.16  ? 17  ARG A C   1 
ATOM   95   O O   . ARG A 1 14  ? 3.360   -5.075  -9.951  1.00 7.92  ? 17  ARG A O   1 
ATOM   96   C CB  . ARG A 1 14  ? 3.282   -7.402  -12.133 1.00 8.61  ? 17  ARG A CB  1 
ATOM   97   C CG  . ARG A 1 14  ? 2.958   -8.048  -10.791 1.00 10.94 ? 17  ARG A CG  1 
ATOM   98   C CD  . ARG A 1 14  ? 3.325   -9.507  -10.840 1.00 13.65 ? 17  ARG A CD  1 
ATOM   99   N NE  . ARG A 1 14  ? 3.245   -10.130 -9.516  1.00 17.15 ? 17  ARG A NE  1 
ATOM   100  C CZ  . ARG A 1 14  ? 3.801   -11.299 -9.203  1.00 19.00 ? 17  ARG A CZ  1 
ATOM   101  N NH1 . ARG A 1 14  ? 4.485   -11.988 -10.110 1.00 17.83 ? 17  ARG A NH1 1 
ATOM   102  N NH2 . ARG A 1 14  ? 3.691   -11.766 -7.962  1.00 23.91 ? 17  ARG A NH2 1 
ATOM   103  N N   . LEU A 1 15  ? 4.991   -4.647  -11.445 1.00 6.66  ? 18  LEU A N   1 
ATOM   104  C CA  . LEU A 1 15  ? 5.778   -3.900  -10.461 1.00 9.30  ? 18  LEU A CA  1 
ATOM   105  C C   . LEU A 1 15  ? 5.016   -2.710  -9.893  1.00 10.14 ? 18  LEU A C   1 
ATOM   106  O O   . LEU A 1 15  ? 5.297   -2.290  -8.771  1.00 10.55 ? 18  LEU A O   1 
ATOM   107  C CB  . LEU A 1 15  ? 7.078   -3.383  -11.069 1.00 7.01  ? 18  LEU A CB  1 
ATOM   108  C CG  . LEU A 1 15  ? 8.080   -4.463  -11.484 1.00 6.06  ? 18  LEU A CG  1 
ATOM   109  C CD1 . LEU A 1 15  ? 9.326   -3.788  -12.079 1.00 9.88  ? 18  LEU A CD1 1 
ATOM   110  C CD2 . LEU A 1 15  ? 8.493   -5.382  -10.348 1.00 7.67  ? 18  LEU A CD2 1 
ATOM   111  N N   . ASP A 1 16  ? 4.082   -2.135  -10.658 1.00 8.76  ? 19  ASP A N   1 
ATOM   112  C CA  . ASP A 1 16  ? 3.315   -0.964  -10.247 1.00 11.64 ? 19  ASP A CA  1 
ATOM   113  C C   . ASP A 1 16  ? 2.059   -1.304  -9.460  1.00 10.44 ? 19  ASP A C   1 
ATOM   114  O O   . ASP A 1 16  ? 1.374   -0.378  -9.000  1.00 13.17 ? 19  ASP A O   1 
ATOM   115  C CB  . ASP A 1 16  ? 2.922   -0.139  -11.475 1.00 13.14 ? 19  ASP A CB  1 
ATOM   116  C CG  . ASP A 1 16  ? 4.077   0.643   -12.048 1.00 15.63 ? 19  ASP A CG  1 
ATOM   117  O OD1 . ASP A 1 16  ? 4.913   1.108   -11.262 1.00 18.18 ? 19  ASP A OD1 1 
ATOM   118  O OD2 . ASP A 1 16  ? 4.118   0.840   -13.282 1.00 15.87 ? 19  ASP A OD2 1 
ATOM   119  N N   . GLU A 1 17  ? 1.713   -2.573  -9.323  1.00 9.59  ? 20  GLU A N   1 
ATOM   120  C CA  . GLU A 1 17  ? 0.458   -2.937  -8.674  1.00 11.23 ? 20  GLU A CA  1 
ATOM   121  C C   . GLU A 1 17  ? 0.470   -2.512  -7.214  1.00 14.80 ? 20  GLU A C   1 
ATOM   122  O O   . GLU A 1 17  ? 1.477   -2.645  -6.516  1.00 13.64 ? 20  GLU A O   1 
ATOM   123  C CB  . GLU A 1 17  ? 0.266   -4.449  -8.723  1.00 12.12 ? 20  GLU A CB  1 
ATOM   124  C CG  . GLU A 1 17  ? -0.181  -4.982  -10.054 1.00 18.87 ? 20  GLU A CG  1 
ATOM   125  C CD  . GLU A 1 17  ? -0.500  -6.469  -10.020 1.00 30.43 ? 20  GLU A CD  1 
ATOM   126  O OE1 . GLU A 1 17  ? -0.607  -7.047  -8.913  1.00 28.07 ? 20  GLU A OE1 1 
ATOM   127  O OE2 . GLU A 1 17  ? -0.640  -7.060  -11.112 1.00 29.03 ? 20  GLU A OE2 1 
ATOM   128  N N   . GLU A 1 18  ? -0.666  -2.000  -6.746  1.00 12.16 ? 21  GLU A N   1 
ATOM   129  C CA  A GLU A 1 18  ? -0.815  -1.728  -5.327  0.53 12.41 ? 21  GLU A CA  1 
ATOM   130  C CA  B GLU A 1 18  ? -0.811  -1.732  -5.324  0.47 12.40 ? 21  GLU A CA  1 
ATOM   131  C C   . GLU A 1 18  ? -0.677  -3.020  -4.527  1.00 11.75 ? 21  GLU A C   1 
ATOM   132  O O   . GLU A 1 18  ? -1.254  -4.050  -4.886  1.00 11.92 ? 21  GLU A O   1 
ATOM   133  C CB  A GLU A 1 18  ? -2.180  -1.077  -5.081  0.53 13.09 ? 21  GLU A CB  1 
ATOM   134  C CB  B GLU A 1 18  ? -2.175  -1.121  -5.038  0.47 13.05 ? 21  GLU A CB  1 
ATOM   135  C CG  A GLU A 1 18  ? -3.311  -1.556  -6.001  0.53 22.59 ? 21  GLU A CG  1 
ATOM   136  C CG  B GLU A 1 18  ? -2.481  -1.102  -3.551  0.47 7.25  ? 21  GLU A CG  1 
ATOM   137  C CD  A GLU A 1 18  ? -3.439  -0.752  -7.296  0.53 18.72 ? 21  GLU A CD  1 
ATOM   138  C CD  B GLU A 1 18  ? -3.944  -1.234  -3.248  0.47 12.71 ? 21  GLU A CD  1 
ATOM   139  O OE1 A GLU A 1 18  ? -2.845  -1.163  -8.315  0.53 14.57 ? 21  GLU A OE1 1 
ATOM   140  O OE1 B GLU A 1 18  ? -4.741  -1.426  -4.192  0.47 12.19 ? 21  GLU A OE1 1 
ATOM   141  O OE2 A GLU A 1 18  ? -4.147  0.283   -7.307  0.53 23.06 ? 21  GLU A OE2 1 
ATOM   142  O OE2 B GLU A 1 18  ? -4.303  -1.109  -2.062  0.47 14.99 ? 21  GLU A OE2 1 
ATOM   143  N N   . ILE A 1 19  ? 0.110   -2.961  -3.457  1.00 8.49  ? 22  ILE A N   1 
ATOM   144  C CA  . ILE A 1 19  ? 0.149   -4.011  -2.446  1.00 7.95  ? 22  ILE A CA  1 
ATOM   145  C C   . ILE A 1 19  ? -0.795  -3.549  -1.340  1.00 11.13 ? 22  ILE A C   1 
ATOM   146  O O   . ILE A 1 19  ? -0.542  -2.537  -0.685  1.00 8.46  ? 22  ILE A O   1 
ATOM   147  C CB  . ILE A 1 19  ? 1.568   -4.235  -1.905  1.00 8.99  ? 22  ILE A CB  1 
ATOM   148  C CG1 . ILE A 1 19  ? 2.601   -4.415  -3.039  1.00 11.64 ? 22  ILE A CG1 1 
ATOM   149  C CG2 . ILE A 1 19  ? 1.574   -5.398  -0.883  1.00 9.55  ? 22  ILE A CG2 1 
ATOM   150  C CD1 . ILE A 1 19  ? 2.300   -5.524  -3.975  1.00 13.31 ? 22  ILE A CD1 1 
ATOM   151  N N   . SER A 1 20  ? -1.899  -4.252  -1.128  1.00 9.22  ? 23  SER A N   1 
ATOM   152  C CA  . SER A 1 20  ? -2.923  -3.736  -0.230  1.00 9.32  ? 23  SER A CA  1 
ATOM   153  C C   . SER A 1 20  ? -2.449  -3.688  1.221   1.00 8.83  ? 23  SER A C   1 
ATOM   154  O O   . SER A 1 20  ? -1.987  -4.694  1.778   1.00 9.44  ? 23  SER A O   1 
ATOM   155  C CB  . SER A 1 20  ? -4.161  -4.623  -0.304  1.00 14.52 ? 23  SER A CB  1 
ATOM   156  O OG  . SER A 1 20  ? -5.148  -4.169  0.612   1.00 14.90 ? 23  SER A OG  1 
ATOM   157  N N   . LYS A 1 21  ? -2.612  -2.521  1.848   1.00 9.85  ? 24  LYS A N   1 
ATOM   158  C CA  . LYS A 1 21  ? -2.393  -2.348  3.280   1.00 7.49  ? 24  LYS A CA  1 
ATOM   159  C C   . LYS A 1 21  ? -3.697  -2.401  4.049   1.00 6.82  ? 24  LYS A C   1 
ATOM   160  O O   . LYS A 1 21  ? -3.698  -2.192  5.267   1.00 8.96  ? 24  LYS A O   1 
ATOM   161  C CB  . LYS A 1 21  ? -1.671  -1.030  3.574   1.00 7.61  ? 24  LYS A CB  1 
ATOM   162  C CG  . LYS A 1 21  ? -0.227  -0.974  3.046   1.00 9.72  ? 24  LYS A CG  1 
ATOM   163  C CD  . LYS A 1 21  ? 0.365   0.380   3.306   1.00 11.44 ? 24  LYS A CD  1 
ATOM   164  C CE  . LYS A 1 21  ? 1.798   0.426   2.836   1.00 8.88  ? 24  LYS A CE  1 
ATOM   165  N NZ  . LYS A 1 21  ? 2.280   1.842   2.870   1.00 15.17 ? 24  LYS A NZ  1 
ATOM   166  N N   . GLU A 1 22  ? -4.802  -2.683  3.367   1.00 8.79  ? 25  GLU A N   1 
ATOM   167  C CA  . GLU A 1 22  ? -6.088  -2.736  4.043   1.00 9.72  ? 25  GLU A CA  1 
ATOM   168  C C   . GLU A 1 22  ? -6.052  -3.775  5.157   1.00 8.98  ? 25  GLU A C   1 
ATOM   169  O O   . GLU A 1 22  ? -5.676  -4.927  4.932   1.00 9.95  ? 25  GLU A O   1 
ATOM   170  C CB  . GLU A 1 22  ? -7.192  -3.063  3.035   1.00 10.16 ? 25  GLU A CB  1 
ATOM   171  C CG  . GLU A 1 22  ? -8.559  -2.963  3.687   1.00 10.50 ? 25  GLU A CG  1 
ATOM   172  C CD  . GLU A 1 22  ? -9.694  -3.231  2.749   1.00 19.04 ? 25  GLU A CD  1 
ATOM   173  O OE1 . GLU A 1 22  ? -9.475  -3.811  1.662   1.00 23.32 ? 25  GLU A OE1 1 
ATOM   174  O OE2 . GLU A 1 22  ? -10.824 -2.845  3.119   1.00 19.44 ? 25  GLU A OE2 1 
ATOM   175  N N   . ASN A 1 23  ? -6.446  -3.354  6.361   1.00 12.16 ? 26  ASN A N   1 
ATOM   176  C CA  . ASN A 1 23  ? -6.568  -4.250  7.509   1.00 10.90 ? 26  ASN A CA  1 
ATOM   177  C C   . ASN A 1 23  ? -5.229  -4.870  7.901   1.00 9.47  ? 26  ASN A C   1 
ATOM   178  O O   . ASN A 1 23  ? -5.187  -5.963  8.468   1.00 10.64 ? 26  ASN A O   1 
ATOM   179  C CB  . ASN A 1 23  ? -7.622  -5.341  7.268   1.00 14.09 ? 26  ASN A CB  1 
ATOM   180  C CG  . ASN A 1 23  ? -8.053  -6.032  8.545   1.00 21.82 ? 26  ASN A CG  1 
ATOM   181  O OD1 . ASN A 1 23  ? -8.357  -5.387  9.550   1.00 33.64 ? 26  ASN A OD1 1 
ATOM   182  N ND2 . ASN A 1 23  ? -8.061  -7.360  8.516   1.00 26.87 ? 26  ASN A ND2 1 
ATOM   183  N N   . LYS A 1 24  ? -4.121  -4.208  7.584   1.00 7.93  ? 27  LYS A N   1 
ATOM   184  C CA  . LYS A 1 24  ? -2.813  -4.661  8.044   1.00 6.60  ? 27  LYS A CA  1 
ATOM   185  C C   . LYS A 1 24  ? -2.375  -3.879  9.280   1.00 6.60  ? 27  LYS A C   1 
ATOM   186  O O   . LYS A 1 24  ? -2.727  -2.706  9.450   1.00 8.88  ? 27  LYS A O   1 
ATOM   187  C CB  . LYS A 1 24  ? -1.760  -4.502  6.938   1.00 7.02  ? 27  LYS A CB  1 
ATOM   188  C CG  . LYS A 1 24  ? -2.117  -5.203  5.628   1.00 9.99  ? 27  LYS A CG  1 
ATOM   189  C CD  . LYS A 1 24  ? -2.257  -6.718  5.787   1.00 9.41  ? 27  LYS A CD  1 
ATOM   190  C CE  . LYS A 1 24  ? -2.598  -7.355  4.458   1.00 11.18 ? 27  LYS A CE  1 
ATOM   191  N NZ  . LYS A 1 24  ? -2.656  -8.850  4.523   1.00 14.84 ? 27  LYS A NZ  1 
ATOM   192  N N   . THR A 1 25  ? -1.578  -4.515  10.137  1.00 6.97  ? 28  THR A N   1 
ATOM   193  C CA  . THR A 1 25  ? -1.191  -3.840  11.371  1.00 8.05  ? 28  THR A CA  1 
ATOM   194  C C   . THR A 1 25  ? -0.281  -2.651  11.075  1.00 5.90  ? 28  THR A C   1 
ATOM   195  O O   . THR A 1 25  ? 0.492   -2.680  10.114  1.00 7.99  ? 28  THR A O   1 
ATOM   196  C CB  . THR A 1 25  ? -0.449  -4.768  12.324  1.00 6.41  ? 28  THR A CB  1 
ATOM   197  O OG1 . THR A 1 25  ? 0.798   -5.138  11.730  1.00 7.80  ? 28  THR A OG1 1 
ATOM   198  C CG2 . THR A 1 25  ? -1.248  -6.036  12.664  1.00 8.14  ? 28  THR A CG2 1 
ATOM   199  N N   . PRO A 1 26  ? -0.333  -1.606  11.905  1.00 6.37  ? 29  PRO A N   1 
ATOM   200  C CA  . PRO A 1 26  ? 0.551   -0.456  11.670  1.00 7.99  ? 29  PRO A CA  1 
ATOM   201  C C   . PRO A 1 26  ? 2.022   -0.799  11.754  1.00 7.69  ? 29  PRO A C   1 
ATOM   202  O O   . PRO A 1 26  ? 2.807   -0.268  10.952  1.00 9.72  ? 29  PRO A O   1 
ATOM   203  C CB  . PRO A 1 26  ? 0.099   0.575   12.714  1.00 12.27 ? 29  PRO A CB  1 
ATOM   204  C CG  . PRO A 1 26  ? -0.773  -0.176  13.673  1.00 13.91 ? 29  PRO A CG  1 
ATOM   205  C CD  . PRO A 1 26  ? -1.359  -1.337  12.927  1.00 6.79  ? 29  PRO A CD  1 
ATOM   206  N N   . SER A 1 27  ? 2.440   -1.684  12.668  1.00 7.90  ? 30  SER A N   1 
ATOM   207  C CA  . SER A 1 27  ? 3.847   -2.074  12.709  1.00 9.07  ? 30  SER A CA  1 
ATOM   208  C C   . SER A 1 27  ? 4.262   -2.794  11.435  1.00 8.15  ? 30  SER A C   1 
ATOM   209  O O   . SER A 1 27  ? 5.355   -2.558  10.911  1.00 8.95  ? 30  SER A O   1 
ATOM   210  C CB  . SER A 1 27  ? 4.095   -2.977  13.908  1.00 10.96 ? 30  SER A CB  1 
ATOM   211  O OG  . SER A 1 27  ? 4.247   -2.213  15.082  1.00 21.29 ? 30  SER A OG  1 
ATOM   212  N N   . SER A 1 28  ? 3.412   -3.681  10.915  1.00 7.55  ? 31  SER A N   1 
ATOM   213  C CA  . SER A 1 28  ? 3.809   -4.415  9.719   1.00 6.17  ? 31  SER A CA  1 
ATOM   214  C C   . SER A 1 28  ? 3.845   -3.496  8.507   1.00 7.16  ? 31  SER A C   1 
ATOM   215  O O   . SER A 1 28  ? 4.674   -3.685  7.610   1.00 8.09  ? 31  SER A O   1 
ATOM   216  C CB  . SER A 1 28  ? 2.884   -5.615  9.485   1.00 6.24  ? 31  SER A CB  1 
ATOM   217  O OG  . SER A 1 28  ? 1.631   -5.232  8.923   1.00 6.88  ? 31  SER A OG  1 
ATOM   218  N N   . ILE A 1 29  ? 2.988   -2.479  8.477   1.00 8.97  ? 32  ILE A N   1 
ATOM   219  C CA  . ILE A 1 29  ? 3.034   -1.511  7.391   1.00 6.04  ? 32  ILE A CA  1 
ATOM   220  C C   . ILE A 1 29  ? 4.339   -0.730  7.435   1.00 7.62  ? 32  ILE A C   1 
ATOM   221  O O   . ILE A 1 29  ? 4.951   -0.470  6.394   1.00 7.94  ? 32  ILE A O   1 
ATOM   222  C CB  . ILE A 1 29  ? 1.820   -0.579  7.474   1.00 6.36  ? 32  ILE A CB  1 
ATOM   223  C CG1 . ILE A 1 29  ? 0.565   -1.301  7.015   1.00 6.85  ? 32  ILE A CG1 1 
ATOM   224  C CG2 . ILE A 1 29  ? 2.030   0.671   6.611   1.00 7.97  ? 32  ILE A CG2 1 
ATOM   225  C CD1 . ILE A 1 29  ? -0.723  -0.571  7.434   1.00 8.65  ? 32  ILE A CD1 1 
ATOM   226  N N   . ARG A 1 30  ? 4.784   -0.322  8.629   1.00 8.53  ? 33  ARG A N   1 
ATOM   227  C CA  A ARG A 1 30  ? 6.074   0.355   8.713   0.47 10.72 ? 33  ARG A CA  1 
ATOM   228  C CA  B ARG A 1 30  ? 6.078   0.348   8.731   0.53 10.77 ? 33  ARG A CA  1 
ATOM   229  C C   . ARG A 1 30  ? 7.183   -0.545  8.187   1.00 6.77  ? 33  ARG A C   1 
ATOM   230  O O   . ARG A 1 30  ? 8.050   -0.089  7.426   1.00 9.28  ? 33  ARG A O   1 
ATOM   231  C CB  A ARG A 1 30  ? 6.355   0.802   10.148  0.47 10.66 ? 33  ARG A CB  1 
ATOM   232  C CB  B ARG A 1 30  ? 6.374   0.700   10.189  0.53 10.59 ? 33  ARG A CB  1 
ATOM   233  C CG  A ARG A 1 30  ? 5.453   1.944   10.611  0.47 8.16  ? 33  ARG A CG  1 
ATOM   234  C CG  B ARG A 1 30  ? 7.822   1.054   10.447  0.53 15.56 ? 33  ARG A CG  1 
ATOM   235  C CD  A ARG A 1 30  ? 5.959   2.590   11.893  0.47 11.91 ? 33  ARG A CD  1 
ATOM   236  C CD  B ARG A 1 30  ? 8.050   1.476   11.886  0.53 14.36 ? 33  ARG A CD  1 
ATOM   237  N NE  A ARG A 1 30  ? 6.175   1.618   12.961  0.47 14.72 ? 33  ARG A NE  1 
ATOM   238  N NE  B ARG A 1 30  ? 9.452   1.822   12.087  0.53 21.08 ? 33  ARG A NE  1 
ATOM   239  C CZ  A ARG A 1 30  ? 5.234   1.217   13.810  0.47 13.60 ? 33  ARG A CZ  1 
ATOM   240  C CZ  B ARG A 1 30  ? 10.011  2.955   11.665  0.53 23.48 ? 33  ARG A CZ  1 
ATOM   241  N NH1 A ARG A 1 30  ? 4.007   1.703   13.719  0.47 14.27 ? 33  ARG A NH1 1 
ATOM   242  N NH1 B ARG A 1 30  ? 9.288   3.865   11.024  0.53 24.51 ? 33  ARG A NH1 1 
ATOM   243  N NH2 A ARG A 1 30  ? 5.523   0.327   14.748  0.47 19.18 ? 33  ARG A NH2 1 
ATOM   244  N NH2 B ARG A 1 30  ? 11.296  3.179   11.886  0.53 34.55 ? 33  ARG A NH2 1 
ATOM   245  N N   . ASN A 1 31  ? 7.165   -1.824  8.562   1.00 7.02  ? 34  ASN A N   1 
ATOM   246  C CA  . ASN A 1 31  ? 8.162   -2.777  8.073   1.00 8.06  ? 34  ASN A CA  1 
ATOM   247  C C   . ASN A 1 31  ? 8.123   -2.878  6.547   1.00 9.54  ? 34  ASN A C   1 
ATOM   248  O O   . ASN A 1 31  ? 9.168   -2.896  5.881   1.00 8.24  ? 34  ASN A O   1 
ATOM   249  C CB  . ASN A 1 31  ? 7.910   -4.147  8.697   1.00 9.82  ? 34  ASN A CB  1 
ATOM   250  C CG  . ASN A 1 31  ? 8.232   -4.197  10.179  1.00 11.38 ? 34  ASN A CG  1 
ATOM   251  O OD1 . ASN A 1 31  ? 8.898   -3.314  10.713  1.00 13.30 ? 34  ASN A OD1 1 
ATOM   252  N ND2 . ASN A 1 31  ? 7.773   -5.244  10.840  1.00 11.84 ? 34  ASN A ND2 1 
ATOM   253  N N   . PHE A 1 32  ? 6.924   -2.922  5.971   1.00 7.62  ? 35  PHE A N   1 
ATOM   254  C CA  . PHE A 1 32  ? 6.800   -2.998  4.519   1.00 6.81  ? 35  PHE A CA  1 
ATOM   255  C C   . PHE A 1 32  ? 7.405   -1.775  3.850   1.00 9.93  ? 35  PHE A C   1 
ATOM   256  O O   . PHE A 1 32  ? 8.197   -1.904  2.903   1.00 8.04  ? 35  PHE A O   1 
ATOM   257  C CB  . PHE A 1 32  ? 5.321   -3.120  4.153   1.00 6.78  ? 35  PHE A CB  1 
ATOM   258  C CG  . PHE A 1 32  ? 5.038   -2.908  2.685   1.00 7.34  ? 35  PHE A CG  1 
ATOM   259  C CD1 . PHE A 1 32  ? 4.692   -1.652  2.201   1.00 7.23  ? 35  PHE A CD1 1 
ATOM   260  C CD2 . PHE A 1 32  ? 5.071   -3.964  1.793   1.00 8.27  ? 35  PHE A CD2 1 
ATOM   261  C CE1 . PHE A 1 32  ? 4.413   -1.461  0.842   1.00 9.87  ? 35  PHE A CE1 1 
ATOM   262  C CE2 . PHE A 1 32  ? 4.788   -3.771  0.444   1.00 7.33  ? 35  PHE A CE2 1 
ATOM   263  C CZ  . PHE A 1 32  ? 4.457   -2.525  -0.022  1.00 8.57  ? 35  PHE A CZ  1 
ATOM   264  N N   . ASP A 1 33  ? 7.025   -0.579  4.316   1.00 7.79  ? 36  ASP A N   1 
ATOM   265  C CA  . ASP A 1 33  ? 7.546   0.652   3.723   1.00 7.35  ? 36  ASP A CA  1 
ATOM   266  C C   . ASP A 1 33  ? 9.061   0.715   3.845   1.00 9.87  ? 36  ASP A C   1 
ATOM   267  O O   . ASP A 1 33  ? 9.761   1.142   2.916   1.00 9.83  ? 36  ASP A O   1 
ATOM   268  C CB  . ASP A 1 33  ? 6.907   1.883   4.378   1.00 11.25 ? 36  ASP A CB  1 
ATOM   269  C CG  . ASP A 1 33  ? 5.457   2.078   3.981   1.00 11.76 ? 36  ASP A CG  1 
ATOM   270  O OD1 . ASP A 1 33  ? 5.015   1.519   2.958   1.00 11.22 ? 36  ASP A OD1 1 
ATOM   271  O OD2 . ASP A 1 33  ? 4.765   2.854   4.679   1.00 18.82 ? 36  ASP A OD2 1 
ATOM   272  N N   . GLN A 1 34  ? 9.590   0.258   4.974   1.00 7.95  ? 37  GLN A N   1 
ATOM   273  C CA  . GLN A 1 34  ? 11.032  0.269   5.186   1.00 14.40 ? 37  GLN A CA  1 
ATOM   274  C C   . GLN A 1 34  ? 11.741  -0.666  4.210   1.00 8.39  ? 37  GLN A C   1 
ATOM   275  O O   . GLN A 1 34  ? 12.762  -0.300  3.603   1.00 9.79  ? 37  GLN A O   1 
ATOM   276  C CB  . GLN A 1 34  ? 11.284  -0.133  6.630   1.00 12.82 ? 37  GLN A CB  1 
ATOM   277  C CG  . GLN A 1 34  ? 12.714  -0.128  7.056   1.00 18.31 ? 37  GLN A CG  1 
ATOM   278  C CD  . GLN A 1 34  ? 12.816  -0.507  8.498   1.00 18.53 ? 37  GLN A CD  1 
ATOM   279  O OE1 . GLN A 1 34  ? 12.746  -1.679  8.831   1.00 17.45 ? 37  GLN A OE1 1 
ATOM   280  N NE2 . GLN A 1 34  ? 12.933  0.488   9.372   1.00 19.73 ? 37  GLN A NE2 1 
ATOM   281  N N   . ALA A 1 35  ? 11.165  -1.840  3.973   1.00 6.83  ? 38  ALA A N   1 
ATOM   282  C CA  . ALA A 1 35  ? 11.757  -2.793  3.038   1.00 7.96  ? 38  ALA A CA  1 
ATOM   283  C C   . ALA A 1 35  ? 11.625  -2.282  1.613   1.00 6.50  ? 38  ALA A C   1 
ATOM   284  O O   . ALA A 1 35  ? 12.561  -2.429  0.804   1.00 7.89  ? 38  ALA A O   1 
ATOM   285  C CB  . ALA A 1 35  ? 11.079  -4.158  3.179   1.00 8.79  ? 38  ALA A CB  1 
ATOM   286  N N   . MET A 1 36  ? 10.500  -1.640  1.284   1.00 7.83  ? 39  MET A N   1 
ATOM   287  C CA  . MET A 1 36  ? 10.364  -1.102  -0.059  1.00 8.26  ? 39  MET A CA  1 
ATOM   288  C C   . MET A 1 36  ? 11.393  -0.017  -0.306  1.00 8.56  ? 39  MET A C   1 
ATOM   289  O O   . MET A 1 36  ? 11.990  0.033   -1.384  1.00 9.54  ? 39  MET A O   1 
ATOM   290  C CB  . MET A 1 36  ? 8.957   -0.565  -0.283  1.00 9.87  ? 39  MET A CB  1 
ATOM   291  C CG  . MET A 1 36  ? 7.895   -1.651  -0.457  1.00 8.83  ? 39  MET A CG  1 
ATOM   292  S SD  . MET A 1 36  ? 8.152   -2.690  -1.909  1.00 11.47 ? 39  MET A SD  1 
ATOM   293  C CE  . MET A 1 36  ? 7.859   -1.511  -3.224  1.00 15.36 ? 39  MET A CE  1 
ATOM   294  N N   . ASN A 1 37  ? 11.650  0.834   0.688   1.00 8.53  ? 40  ASN A N   1 
ATOM   295  C CA  . ASN A 1 37  ? 12.671  1.854   0.480   1.00 9.73  ? 40  ASN A CA  1 
ATOM   296  C C   . ASN A 1 37  ? 14.041  1.231   0.243   1.00 7.48  ? 40  ASN A C   1 
ATOM   297  O O   . ASN A 1 37  ? 14.808  1.708   -0.608  1.00 8.80  ? 40  ASN A O   1 
ATOM   298  C CB  . ASN A 1 37  ? 12.717  2.820   1.661   1.00 9.23  ? 40  ASN A CB  1 
ATOM   299  C CG  . ASN A 1 37  ? 13.883  3.783   1.572   1.00 8.31  ? 40  ASN A CG  1 
ATOM   300  O OD1 . ASN A 1 37  ? 13.966  4.574   0.648   1.00 11.92 ? 40  ASN A OD1 1 
ATOM   301  N ND2 . ASN A 1 37  ? 14.783  3.711   2.539   1.00 10.18 ? 40  ASN A ND2 1 
ATOM   302  N N   . ARG A 1 38  ? 14.391  0.187   0.987   1.00 7.45  ? 41  ARG A N   1 
ATOM   303  C CA  . ARG A 1 38  ? 15.679  -0.451  0.760   1.00 9.45  ? 41  ARG A CA  1 
ATOM   304  C C   . ARG A 1 38  ? 15.791  -0.998  -0.656  1.00 9.99  ? 41  ARG A C   1 
ATOM   305  O O   . ARG A 1 38  ? 16.869  -0.956  -1.259  1.00 11.06 ? 41  ARG A O   1 
ATOM   306  C CB  . ARG A 1 38  ? 15.932  -1.539  1.797   1.00 12.07 ? 41  ARG A CB  1 
ATOM   307  C CG  . ARG A 1 38  ? 16.510  -0.945  3.054   1.00 16.06 ? 41  ARG A CG  1 
ATOM   308  C CD  . ARG A 1 38  ? 16.294  -1.791  4.270   1.00 21.16 ? 41  ARG A CD  1 
ATOM   309  N NE  . ARG A 1 38  ? 16.971  -1.162  5.400   1.00 21.75 ? 41  ARG A NE  1 
ATOM   310  C CZ  . ARG A 1 38  ? 18.105  -1.602  5.934   1.00 18.67 ? 41  ARG A CZ  1 
ATOM   311  N NH1 . ARG A 1 38  ? 18.679  -2.704  5.470   1.00 19.07 ? 41  ARG A NH1 1 
ATOM   312  N NH2 . ARG A 1 38  ? 18.649  -0.951  6.946   1.00 12.58 ? 41  ARG A NH2 1 
ATOM   313  N N   . ALA A 1 39  ? 14.709  -1.527  -1.200  1.00 7.29  ? 42  ALA A N   1 
ATOM   314  C CA  . ALA A 1 39  ? 14.694  -2.121  -2.531  1.00 7.87  ? 42  ALA A CA  1 
ATOM   315  C C   . ALA A 1 39  ? 14.419  -1.100  -3.631  1.00 6.64  ? 42  ALA A C   1 
ATOM   316  O O   . ALA A 1 39  ? 14.453  -1.463  -4.809  1.00 8.05  ? 42  ALA A O   1 
ATOM   317  C CB  . ALA A 1 39  ? 13.609  -3.207  -2.588  1.00 9.63  ? 42  ALA A CB  1 
ATOM   318  N N   . GLN A 1 40  ? 14.158  0.166   -3.287  1.00 6.24  ? 43  GLN A N   1 
ATOM   319  C CA  . GLN A 1 40  ? 13.573  1.075   -4.265  1.00 7.55  ? 43  GLN A CA  1 
ATOM   320  C C   . GLN A 1 40  ? 14.498  1.325   -5.444  1.00 7.59  ? 43  GLN A C   1 
ATOM   321  O O   . GLN A 1 40  ? 14.046  1.371   -6.588  1.00 9.22  ? 43  GLN A O   1 
ATOM   322  C CB  . GLN A 1 40  ? 13.206  2.397   -3.603  1.00 10.70 ? 43  GLN A CB  1 
ATOM   323  C CG  . GLN A 1 40  ? 12.165  3.135   -4.399  1.00 14.15 ? 43  GLN A CG  1 
ATOM   324  C CD  . GLN A 1 40  ? 10.905  2.295   -4.620  1.00 13.19 ? 43  GLN A CD  1 
ATOM   325  O OE1 . GLN A 1 40  ? 10.220  1.918   -3.658  1.00 15.14 ? 43  GLN A OE1 1 
ATOM   326  N NE2 . GLN A 1 40  ? 10.591  2.007   -5.885  1.00 18.05 ? 43  GLN A NE2 1 
ATOM   327  N N   . SER A 1 41  ? 15.796  1.481   -5.194  1.00 7.57  ? 44  SER A N   1 
ATOM   328  C CA  . SER A 1 41  ? 16.688  1.752   -6.318  1.00 9.27  ? 44  SER A CA  1 
ATOM   329  C C   . SER A 1 41  ? 16.764  0.559   -7.256  1.00 8.12  ? 44  SER A C   1 
ATOM   330  O O   . SER A 1 41  ? 16.802  0.738   -8.480  1.00 8.71  ? 44  SER A O   1 
ATOM   331  C CB  . SER A 1 41  ? 18.067  2.219   -5.845  1.00 8.73  ? 44  SER A CB  1 
ATOM   332  O OG  . SER A 1 41  ? 18.797  1.169   -5.229  1.00 14.43 ? 44  SER A OG  1 
ATOM   333  N N   . GLN A 1 42  ? 16.749  -0.665  -6.714  1.00 7.58  ? 45  GLN A N   1 
ATOM   334  C CA  . GLN A 1 42  ? 16.762  -1.846  -7.576  1.00 8.22  ? 45  GLN A CA  1 
ATOM   335  C C   . GLN A 1 42  ? 15.481  -1.947  -8.388  1.00 7.65  ? 45  GLN A C   1 
ATOM   336  O O   . GLN A 1 42  ? 15.515  -2.252  -9.594  1.00 6.71  ? 45  GLN A O   1 
ATOM   337  C CB  . GLN A 1 42  ? 17.001  -3.118  -6.759  1.00 9.27  ? 45  GLN A CB  1 
ATOM   338  C CG  . GLN A 1 42  ? 16.899  -4.378  -7.589  1.00 11.05 ? 45  GLN A CG  1 
ATOM   339  C CD  . GLN A 1 42  ? 17.117  -5.639  -6.771  1.00 12.86 ? 45  GLN A CD  1 
ATOM   340  O OE1 . GLN A 1 42  ? 17.448  -5.588  -5.576  1.00 14.47 ? 45  GLN A OE1 1 
ATOM   341  N NE2 . GLN A 1 42  ? 16.933  -6.781  -7.406  1.00 12.59 ? 45  GLN A NE2 1 
ATOM   342  N N   . ILE A 1 43  ? 14.352  -1.664  -7.744  1.00 8.01  ? 46  ILE A N   1 
ATOM   343  C CA  . ILE A 1 43  ? 13.075  -1.675  -8.439  1.00 6.75  ? 46  ILE A CA  1 
ATOM   344  C C   . ILE A 1 43  ? 13.066  -0.637  -9.551  1.00 8.07  ? 46  ILE A C   1 
ATOM   345  O O   . ILE A 1 43  ? 12.669  -0.922  -10.689 1.00 7.16  ? 46  ILE A O   1 
ATOM   346  C CB  . ILE A 1 43  ? 11.935  -1.433  -7.442  1.00 7.70  ? 46  ILE A CB  1 
ATOM   347  C CG1 . ILE A 1 43  ? 11.828  -2.601  -6.472  1.00 7.94  ? 46  ILE A CG1 1 
ATOM   348  C CG2 . ILE A 1 43  ? 10.638  -1.160  -8.199  1.00 9.01  ? 46  ILE A CG2 1 
ATOM   349  C CD1 . ILE A 1 43  ? 11.084  -2.229  -5.203  1.00 8.89  ? 46  ILE A CD1 1 
ATOM   350  N N   . ASN A 1 44  ? 13.505  0.589   -9.228  1.00 8.60  ? 47  ASN A N   1 
ATOM   351  C CA  . ASN A 1 44  ? 13.485  1.664   -10.216 1.00 8.54  ? 47  ASN A CA  1 
ATOM   352  C C   . ASN A 1 44  ? 14.395  1.348   -11.390 1.00 7.42  ? 47  ASN A C   1 
ATOM   353  O O   . ASN A 1 44  ? 14.042  1.617   -12.539 1.00 9.39  ? 47  ASN A O   1 
ATOM   354  C CB  . ASN A 1 44  ? 13.877  3.001   -9.582  1.00 10.05 ? 47  ASN A CB  1 
ATOM   355  C CG  . ASN A 1 44  ? 12.851  3.505   -8.602  1.00 13.22 ? 47  ASN A CG  1 
ATOM   356  O OD1 . ASN A 1 44  ? 11.745  2.977   -8.509  1.00 15.61 ? 47  ASN A OD1 1 
ATOM   357  N ND2 . ASN A 1 44  ? 13.217  4.541   -7.848  1.00 18.13 ? 47  ASN A ND2 1 
ATOM   358  N N   . THR A 1 45  ? 15.554  0.747   -11.134 1.00 7.29  ? 48  THR A N   1 
ATOM   359  C CA  . THR A 1 45  ? 16.419  0.392   -12.244 1.00 7.28  ? 48  THR A CA  1 
ATOM   360  C C   . THR A 1 45  ? 15.772  -0.682  -13.106 1.00 8.27  ? 48  THR A C   1 
ATOM   361  O O   . THR A 1 45  ? 15.804  -0.605  -14.343 1.00 7.70  ? 48  THR A O   1 
ATOM   362  C CB  . THR A 1 45  ? 17.763  -0.053  -11.696 1.00 10.53 ? 48  THR A CB  1 
ATOM   363  O OG1 . THR A 1 45  ? 18.403  1.101   -11.122 1.00 14.31 ? 48  THR A OG1 1 
ATOM   364  C CG2 . THR A 1 45  ? 18.627  -0.659  -12.797 1.00 12.43 ? 48  THR A CG2 1 
ATOM   365  N N   . ALA A 1 46  ? 15.111  -1.656  -12.480 1.00 6.66  ? 49  ALA A N   1 
ATOM   366  C CA  . ALA A 1 46  ? 14.417  -2.659  -13.283 1.00 6.25  ? 49  ALA A CA  1 
ATOM   367  C C   . ALA A 1 46  ? 13.319  -2.020  -14.121 1.00 6.25  ? 49  ALA A C   1 
ATOM   368  O O   . ALA A 1 46  ? 13.141  -2.371  -15.299 1.00 7.08  ? 49  ALA A O   1 
ATOM   369  C CB  . ALA A 1 46  ? 13.843  -3.733  -12.361 1.00 7.81  ? 49  ALA A CB  1 
ATOM   370  N N   . LYS A 1 47  ? 12.560  -1.108  -13.520 1.00 6.40  ? 50  LYS A N   1 
ATOM   371  C CA  . LYS A 1 47  ? 11.501  -0.421  -14.251 1.00 6.96  ? 50  LYS A CA  1 
ATOM   372  C C   . LYS A 1 47  ? 12.067  0.357   -15.423 1.00 7.54  ? 50  LYS A C   1 
ATOM   373  O O   . LYS A 1 47  ? 11.522  0.299   -16.535 1.00 7.75  ? 50  LYS A O   1 
ATOM   374  C CB  . LYS A 1 47  ? 10.771  0.546   -13.321 1.00 7.03  ? 50  LYS A CB  1 
ATOM   375  C CG  . LYS A 1 47  ? 9.807   -0.100  -12.368 1.00 6.72  ? 50  LYS A CG  1 
ATOM   376  C CD  . LYS A 1 47  ? 9.194   0.988   -11.511 1.00 8.85  ? 50  LYS A CD  1 
ATOM   377  C CE  . LYS A 1 47  ? 8.159   0.430   -10.576 1.00 10.79 ? 50  LYS A CE  1 
ATOM   378  N NZ  . LYS A 1 47  ? 7.533   1.513   -9.754  1.00 14.53 ? 50  LYS A NZ  1 
ATOM   379  N N   . SER A 1 48  ? 13.159  1.093   -15.176 1.00 7.12  ? 51  SER A N   1 
ATOM   380  C CA  A SER A 1 48  ? 13.755  1.926   -16.214 0.53 8.39  ? 51  SER A CA  1 
ATOM   381  C CA  B SER A 1 48  ? 13.758  1.927   -16.211 0.47 8.41  ? 51  SER A CA  1 
ATOM   382  C C   . SER A 1 48  ? 14.313  1.085   -17.353 1.00 8.67  ? 51  SER A C   1 
ATOM   383  O O   . SER A 1 48  ? 14.092  1.393   -18.538 1.00 8.64  ? 51  SER A O   1 
ATOM   384  C CB  A SER A 1 48  ? 14.870  2.783   -15.625 0.53 12.98 ? 51  SER A CB  1 
ATOM   385  C CB  B SER A 1 48  ? 14.862  2.775   -15.587 0.47 12.94 ? 51  SER A CB  1 
ATOM   386  O OG  A SER A 1 48  ? 15.542  3.454   -16.679 0.53 13.57 ? 51  SER A OG  1 
ATOM   387  O OG  B SER A 1 48  ? 14.294  3.697   -14.680 0.47 14.36 ? 51  SER A OG  1 
ATOM   388  N N   . ASP A 1 49  ? 15.044  0.024   -17.020 1.00 8.63  ? 52  ASP A N   1 
ATOM   389  C CA  . ASP A 1 49  ? 15.619  -0.808  -18.073 1.00 8.13  ? 52  ASP A CA  1 
ATOM   390  C C   . ASP A 1 49  ? 14.507  -1.477  -18.875 1.00 7.67  ? 52  ASP A C   1 
ATOM   391  O O   . ASP A 1 49  ? 14.535  -1.516  -20.107 1.00 8.25  ? 52  ASP A O   1 
ATOM   392  C CB  . ASP A 1 49  ? 16.558  -1.858  -17.467 1.00 10.78 ? 52  ASP A CB  1 
ATOM   393  C CG  . ASP A 1 49  ? 17.832  -1.262  -16.894 1.00 16.61 ? 52  ASP A CG  1 
ATOM   394  O OD1 . ASP A 1 49  ? 18.052  -0.039  -16.969 1.00 16.15 ? 52  ASP A OD1 1 
ATOM   395  O OD2 . ASP A 1 49  ? 18.615  -2.041  -16.310 1.00 21.49 ? 52  ASP A OD2 1 
ATOM   396  N N   . ALA A 1 50  ? 13.488  -1.971  -18.189 1.00 6.85  ? 53  ALA A N   1 
ATOM   397  C CA  . ALA A 1 50  ? 12.380  -2.586  -18.901 1.00 6.68  ? 53  ALA A CA  1 
ATOM   398  C C   . ALA A 1 50  ? 11.658  -1.573  -19.795 1.00 6.23  ? 53  ALA A C   1 
ATOM   399  O O   . ALA A 1 50  ? 11.333  -1.872  -20.947 1.00 7.05  ? 53  ALA A O   1 
ATOM   400  C CB  . ALA A 1 50  ? 11.415  -3.183  -17.873 1.00 6.94  ? 53  ALA A CB  1 
ATOM   401  N N   . ASP A 1 51  ? 11.398  -0.372  -19.290 1.00 7.75  ? 54  ASP A N   1 
ATOM   402  C CA  . ASP A 1 51  ? 10.754  0.643   -20.124 1.00 7.78  ? 54  ASP A CA  1 
ATOM   403  C C   . ASP A 1 51  ? 11.561  0.921   -21.387 1.00 7.14  ? 54  ASP A C   1 
ATOM   404  O O   . ASP A 1 51  ? 10.987  1.081   -22.473 1.00 7.00  ? 54  ASP A O   1 
ATOM   405  C CB  . ASP A 1 51  ? 10.583  1.934   -19.326 1.00 7.93  ? 54  ASP A CB  1 
ATOM   406  C CG  . ASP A 1 51  ? 9.509   1.822   -18.261 1.00 11.72 ? 54  ASP A CG  1 
ATOM   407  O OD1 . ASP A 1 51  ? 8.709   0.863   -18.335 1.00 9.67  ? 54  ASP A OD1 1 
ATOM   408  O OD2 . ASP A 1 51  ? 9.460   2.704   -17.357 1.00 9.12  ? 54  ASP A OD2 1 
ATOM   409  N N   . GLN A 1 52  ? 12.890  0.997   -21.269 1.00 6.46  ? 55  GLN A N   1 
ATOM   410  C CA  . GLN A 1 52  ? 13.709  1.233   -22.456 1.00 6.45  ? 55  GLN A CA  1 
ATOM   411  C C   . GLN A 1 52  ? 13.560  0.100   -23.460 1.00 7.93  ? 55  GLN A C   1 
ATOM   412  O O   . GLN A 1 52  ? 13.430  0.341   -24.662 1.00 9.47  ? 55  GLN A O   1 
ATOM   413  C CB  . GLN A 1 52  ? 15.171  1.411   -22.059 1.00 6.22  ? 55  GLN A CB  1 
ATOM   414  C CG  . GLN A 1 52  ? 15.446  2.713   -21.351 1.00 9.44  ? 55  GLN A CG  1 
ATOM   415  C CD  . GLN A 1 52  ? 15.137  3.898   -22.219 1.00 12.34 ? 55  GLN A CD  1 
ATOM   416  O OE1 . GLN A 1 52  ? 15.541  3.945   -23.391 1.00 14.08 ? 55  GLN A OE1 1 
ATOM   417  N NE2 . GLN A 1 52  ? 14.388  4.844   -21.675 1.00 9.24  ? 55  GLN A NE2 1 
ATOM   418  N N   . VAL A 1 53  ? 13.609  -1.153  -22.996 1.00 6.41  ? 56  VAL A N   1 
ATOM   419  C CA  . VAL A 1 53  ? 13.467  -2.274  -23.916 1.00 9.45  ? 56  VAL A CA  1 
ATOM   420  C C   . VAL A 1 53  ? 12.089  -2.280  -24.553 1.00 9.00  ? 56  VAL A C   1 
ATOM   421  O O   . VAL A 1 53  ? 11.943  -2.520  -25.765 1.00 8.90  ? 56  VAL A O   1 
ATOM   422  C CB  . VAL A 1 53  ? 13.774  -3.600  -23.202 1.00 9.53  ? 56  VAL A CB  1 
ATOM   423  C CG1 . VAL A 1 53  ? 13.497  -4.736  -24.145 1.00 9.87  ? 56  VAL A CG1 1 
ATOM   424  C CG2 . VAL A 1 53  ? 15.208  -3.630  -22.744 1.00 10.49 ? 56  VAL A CG2 1 
ATOM   425  N N   . ILE A 1 54  ? 11.054  -2.044  -23.744 1.00 6.34  ? 57  ILE A N   1 
ATOM   426  C CA  . ILE A 1 54  ? 9.680   -2.005  -24.248 1.00 6.06  ? 57  ILE A CA  1 
ATOM   427  C C   . ILE A 1 54  ? 9.532   -0.950  -25.338 1.00 11.57 ? 57  ILE A C   1 
ATOM   428  O O   . ILE A 1 54  ? 8.864   -1.180  -26.363 1.00 9.96  ? 57  ILE A O   1 
ATOM   429  C CB  . ILE A 1 54  ? 8.679   -1.806  -23.095 1.00 8.26  ? 57  ILE A CB  1 
ATOM   430  C CG1 . ILE A 1 54  ? 8.697   -3.043  -22.189 1.00 7.68  ? 57  ILE A CG1 1 
ATOM   431  C CG2 . ILE A 1 54  ? 7.288   -1.569  -23.656 1.00 10.19 ? 57  ILE A CG2 1 
ATOM   432  C CD1 . ILE A 1 54  ? 8.067   -2.808  -20.862 1.00 7.94  ? 57  ILE A CD1 1 
ATOM   433  N N   . GLY A 1 55  ? 10.191  0.196   -25.162 1.00 9.95  ? 58  GLY A N   1 
ATOM   434  C CA  . GLY A 1 55  ? 10.134  1.252   -26.158 1.00 13.20 ? 58  GLY A CA  1 
ATOM   435  C C   . GLY A 1 55  ? 11.089  1.123   -27.319 1.00 11.62 ? 58  GLY A C   1 
ATOM   436  O O   . GLY A 1 55  ? 11.049  1.985   -28.210 1.00 12.57 ? 58  GLY A O   1 
ATOM   437  N N   . THR A 1 56  ? 11.955  0.111   -27.332 1.00 9.39  ? 59  THR A N   1 
ATOM   438  C CA  . THR A 1 56  ? 12.912  -0.087  -28.417 1.00 10.84 ? 59  THR A CA  1 
ATOM   439  C C   . THR A 1 56  ? 12.200  -0.769  -29.568 1.00 16.75 ? 59  THR A C   1 
ATOM   440  O O   . THR A 1 56  ? 11.752  -1.906  -29.431 1.00 14.98 ? 59  THR A O   1 
ATOM   441  C CB  . THR A 1 56  ? 14.062  -0.960  -27.928 1.00 13.73 ? 59  THR A CB  1 
ATOM   442  O OG1 . THR A 1 56  ? 14.737  -0.263  -26.885 1.00 16.27 ? 59  THR A OG1 1 
ATOM   443  C CG2 . THR A 1 56  ? 15.055  -1.252  -29.065 1.00 14.89 ? 59  THR A CG2 1 
ATOM   444  N N   . GLU A 1 57  ? 12.132  -0.099  -30.717 1.00 12.30 ? 60  GLU A N   1 
ATOM   445  C CA  . GLU A 1 57  ? 11.285  -0.602  -31.789 1.00 18.80 ? 60  GLU A CA  1 
ATOM   446  C C   . GLU A 1 57  ? 11.794  -1.940  -32.289 1.00 21.44 ? 60  GLU A C   1 
ATOM   447  O O   . GLU A 1 57  ? 11.006  -2.849  -32.571 1.00 28.73 ? 60  GLU A O   1 
ATOM   448  C CB  . GLU A 1 57  ? 11.224  0.412   -32.929 1.00 22.77 ? 60  GLU A CB  1 
ATOM   449  C CG  . GLU A 1 57  ? 10.344  -0.027  -34.080 1.00 30.46 ? 60  GLU A CG  1 
ATOM   450  C CD  . GLU A 1 57  ? 10.012  1.108   -35.015 1.00 42.15 ? 60  GLU A CD  1 
ATOM   451  O OE1 . GLU A 1 57  ? 10.387  2.259   -34.705 1.00 34.05 ? 60  GLU A OE1 1 
ATOM   452  O OE2 . GLU A 1 57  ? 9.376   0.843   -36.059 1.00 45.35 ? 60  GLU A OE2 1 
ATOM   453  N N   . PHE A 1 58  ? 13.110  -2.087  -32.371 1.00 16.05 ? 61  PHE A N   1 
ATOM   454  C CA  . PHE A 1 58  ? 13.702  -3.342  -32.815 1.00 22.53 ? 61  PHE A CA  1 
ATOM   455  C C   . PHE A 1 58  ? 14.502  -3.967  -31.682 1.00 20.19 ? 61  PHE A C   1 
ATOM   456  O O   . PHE A 1 58  ? 15.714  -4.168  -31.780 1.00 23.61 ? 61  PHE A O   1 
ATOM   457  C CB  . PHE A 1 58  ? 14.515  -3.112  -34.089 1.00 24.25 ? 61  PHE A CB  1 
ATOM   458  C CG  . PHE A 1 58  ? 13.704  -2.496  -35.201 1.00 44.94 ? 61  PHE A CG  1 
ATOM   459  C CD1 . PHE A 1 58  ? 12.739  -3.242  -35.863 1.00 50.57 ? 61  PHE A CD1 1 
ATOM   460  C CD2 . PHE A 1 58  ? 13.879  -1.167  -35.558 1.00 40.50 ? 61  PHE A CD2 1 
ATOM   461  C CE1 . PHE A 1 58  ? 11.977  -2.683  -36.878 1.00 45.16 ? 61  PHE A CE1 1 
ATOM   462  C CE2 . PHE A 1 58  ? 13.122  -0.602  -36.569 1.00 43.34 ? 61  PHE A CE2 1 
ATOM   463  C CZ  . PHE A 1 58  ? 12.169  -1.362  -37.230 1.00 49.12 ? 61  PHE A CZ  1 
ATOM   464  N N   . ALA A 1 59  ? 13.810  -4.255  -30.588 1.00 20.28 ? 62  ALA A N   1 
ATOM   465  C CA  . ALA A 1 59  ? 14.440  -4.869  -29.433 1.00 15.96 ? 62  ALA A CA  1 
ATOM   466  C C   . ALA A 1 59  ? 14.833  -6.308  -29.745 1.00 14.25 ? 62  ALA A C   1 
ATOM   467  O O   . ALA A 1 59  ? 14.207  -6.987  -30.559 1.00 16.65 ? 62  ALA A O   1 
ATOM   468  C CB  . ALA A 1 59  ? 13.471  -4.842  -28.257 1.00 14.88 ? 62  ALA A CB  1 
ATOM   469  N N   . THR A 1 60  ? 15.884  -6.768  -29.102 1.00 17.34 ? 63  THR A N   1 
ATOM   470  C CA  . THR A 1 60  ? 16.274  -8.145  -29.352 1.00 15.57 ? 63  THR A CA  1 
ATOM   471  C C   . THR A 1 60  ? 15.750  -9.040  -28.246 1.00 15.19 ? 63  THR A C   1 
ATOM   472  O O   . THR A 1 60  ? 15.482  -8.577  -27.131 1.00 16.01 ? 63  THR A O   1 
ATOM   473  C CB  . THR A 1 60  ? 17.797  -8.264  -29.374 1.00 12.74 ? 63  THR A CB  1 
ATOM   474  O OG1 . THR A 1 60  ? 18.312  -7.953  -28.083 1.00 16.24 ? 63  THR A OG1 1 
ATOM   475  C CG2 . THR A 1 60  ? 18.414  -7.323  -30.415 1.00 13.19 ? 63  THR A CG2 1 
ATOM   476  N N   . PRO A 1 61  ? 15.593  -10.338 -28.521 1.00 13.00 ? 64  PRO A N   1 
ATOM   477  C CA  . PRO A 1 61  ? 15.246  -11.271 -27.437 1.00 11.87 ? 64  PRO A CA  1 
ATOM   478  C C   . PRO A 1 61  ? 16.214  -11.215 -26.280 1.00 13.72 ? 64  PRO A C   1 
ATOM   479  O O   . PRO A 1 61  ? 15.798  -11.369 -25.129 1.00 15.67 ? 64  PRO A O   1 
ATOM   480  C CB  . PRO A 1 61  ? 15.274  -12.646 -28.130 1.00 17.04 ? 64  PRO A CB  1 
ATOM   481  C CG  . PRO A 1 61  ? 14.977  -12.343 -29.551 1.00 16.88 ? 64  PRO A CG  1 
ATOM   482  C CD  . PRO A 1 61  ? 15.620  -11.009 -29.836 1.00 16.80 ? 64  PRO A CD  1 
ATOM   483  N N   . GLN A 1 62  ? 17.499  -10.994 -26.544 1.00 13.82 ? 65  GLN A N   1 
ATOM   484  C CA  . GLN A 1 62  ? 18.461  -10.896 -25.456 1.00 11.93 ? 65  GLN A CA  1 
ATOM   485  C C   . GLN A 1 62  ? 18.155  -9.698  -24.566 1.00 11.36 ? 65  GLN A C   1 
ATOM   486  O O   . GLN A 1 62  ? 18.226  -9.789  -23.334 1.00 12.63 ? 65  GLN A O   1 
ATOM   487  C CB  . GLN A 1 62  ? 19.880  -10.806 -26.023 1.00 17.16 ? 65  GLN A CB  1 
ATOM   488  C CG  . GLN A 1 62  ? 20.980  -10.777 -24.967 1.00 18.92 ? 65  GLN A CG  1 
ATOM   489  C CD  . GLN A 1 62  ? 21.216  -9.379  -24.412 1.00 15.80 ? 65  GLN A CD  1 
ATOM   490  O OE1 . GLN A 1 62  ? 21.108  -8.394  -25.137 1.00 22.08 ? 65  GLN A OE1 1 
ATOM   491  N NE2 . GLN A 1 62  ? 21.519  -9.292  -23.121 1.00 21.51 ? 65  GLN A NE2 1 
ATOM   492  N N   . GLN A 1 63  ? 17.821  -8.560  -25.173 1.00 14.12 ? 66  GLN A N   1 
ATOM   493  C CA  . GLN A 1 63  ? 17.515  -7.379  -24.372 1.00 13.55 ? 66  GLN A CA  1 
ATOM   494  C C   . GLN A 1 63  ? 16.246  -7.605  -23.561 1.00 10.73 ? 66  GLN A C   1 
ATOM   495  O O   . GLN A 1 63  ? 16.174  -7.216  -22.386 1.00 10.74 ? 66  GLN A O   1 
ATOM   496  C CB  . GLN A 1 63  ? 17.380  -6.164  -25.281 1.00 16.40 ? 66  GLN A CB  1 
ATOM   497  C CG  . GLN A 1 63  ? 18.712  -5.694  -25.849 1.00 19.94 ? 66  GLN A CG  1 
ATOM   498  C CD  . GLN A 1 63  ? 18.597  -4.991  -27.201 1.00 25.74 ? 66  GLN A CD  1 
ATOM   499  O OE1 . GLN A 1 63  ? 17.509  -4.598  -27.646 1.00 21.85 ? 66  GLN A OE1 1 
ATOM   500  N NE2 . GLN A 1 63  ? 19.740  -4.825  -27.866 1.00 34.98 ? 66  GLN A NE2 1 
ATOM   501  N N   . VAL A 1 64  ? 15.257  -8.268  -24.166 1.00 9.73  ? 67  VAL A N   1 
ATOM   502  C CA  . VAL A 1 64  ? 14.011  -8.569  -23.466 1.00 10.51 ? 67  VAL A CA  1 
ATOM   503  C C   . VAL A 1 64  ? 14.275  -9.496  -22.292 1.00 13.19 ? 67  VAL A C   1 
ATOM   504  O O   . VAL A 1 64  ? 13.774  -9.285  -21.176 1.00 10.75 ? 67  VAL A O   1 
ATOM   505  C CB  . VAL A 1 64  ? 12.987  -9.166  -24.441 1.00 11.33 ? 67  VAL A CB  1 
ATOM   506  C CG1 . VAL A 1 64  ? 11.835  -9.762  -23.666 1.00 11.84 ? 67  VAL A CG1 1 
ATOM   507  C CG2 . VAL A 1 64  ? 12.502  -8.102  -25.397 1.00 13.43 ? 67  VAL A CG2 1 
ATOM   508  N N   . ASN A 1 65  ? 15.072  -10.543 -22.518 1.00 9.51  ? 68  ASN A N   1 
ATOM   509  C CA  . ASN A 1 65  ? 15.331  -11.504 -21.452 1.00 10.50 ? 68  ASN A CA  1 
ATOM   510  C C   . ASN A 1 65  ? 16.135  -10.883 -20.319 1.00 7.73  ? 68  ASN A C   1 
ATOM   511  O O   . ASN A 1 65  ? 15.881  -11.177 -19.141 1.00 11.45 ? 68  ASN A O   1 
ATOM   512  C CB  . ASN A 1 65  ? 16.048  -12.734 -22.006 1.00 12.93 ? 68  ASN A CB  1 
ATOM   513  C CG  . ASN A 1 65  ? 15.184  -13.527 -22.973 1.00 18.24 ? 68  ASN A CG  1 
ATOM   514  O OD1 . ASN A 1 65  ? 13.956  -13.458 -22.934 1.00 24.55 ? 68  ASN A OD1 1 
ATOM   515  N ND2 . ASN A 1 65  ? 15.828  -14.295 -23.845 1.00 29.71 ? 68  ASN A ND2 1 
ATOM   516  N N   . SER A 1 66  ? 17.105  -10.030 -20.646 1.00 8.80  ? 69  SER A N   1 
ATOM   517  C CA  . SER A 1 66  ? 17.892  -9.384  -19.604 1.00 11.10 ? 69  SER A CA  1 
ATOM   518  C C   . SER A 1 66  ? 17.012  -8.474  -18.751 1.00 8.63  ? 69  SER A C   1 
ATOM   519  O O   . SER A 1 66  ? 17.065  -8.511  -17.515 1.00 10.54 ? 69  SER A O   1 
ATOM   520  C CB  . SER A 1 66  ? 19.057  -8.620  -20.242 1.00 14.10 ? 69  SER A CB  1 
ATOM   521  O OG  . SER A 1 66  ? 19.847  -7.977  -19.265 1.00 20.78 ? 69  SER A OG  1 
ATOM   522  N N   . ALA A 1 67  ? 16.179  -7.660  -19.399 1.00 8.95  ? 70  ALA A N   1 
ATOM   523  C CA  . ALA A 1 67  ? 15.269  -6.799  -18.651 1.00 10.01 ? 70  ALA A CA  1 
ATOM   524  C C   . ALA A 1 67  ? 14.271  -7.614  -17.834 1.00 7.16  ? 70  ALA A C   1 
ATOM   525  O O   . ALA A 1 67  ? 13.960  -7.258  -16.691 1.00 8.22  ? 70  ALA A O   1 
ATOM   526  C CB  . ALA A 1 67  ? 14.548  -5.859  -19.611 1.00 8.45  ? 70  ALA A CB  1 
ATOM   527  N N   . LEU A 1 68  ? 13.760  -8.711  -18.404 1.00 6.42  ? 71  LEU A N   1 
ATOM   528  C CA  . LEU A 1 68  ? 12.828  -9.555  -17.665 1.00 7.78  ? 71  LEU A CA  1 
ATOM   529  C C   . LEU A 1 68  ? 13.465  -10.116 -16.398 1.00 7.46  ? 71  LEU A C   1 
ATOM   530  O O   . LEU A 1 68  ? 12.828  -10.151 -15.335 1.00 8.31  ? 71  LEU A O   1 
ATOM   531  C CB  . LEU A 1 68  ? 12.284  -10.672 -18.561 1.00 9.98  ? 71  LEU A CB  1 
ATOM   532  C CG  . LEU A 1 68  ? 11.206  -11.548 -17.936 1.00 11.26 ? 71  LEU A CG  1 
ATOM   533  C CD1 . LEU A 1 68  ? 9.998   -10.724 -17.459 1.00 12.12 ? 71  LEU A CD1 1 
ATOM   534  C CD2 . LEU A 1 68  ? 10.768  -12.597 -18.948 1.00 14.81 ? 71  LEU A CD2 1 
ATOM   535  N N   . SER A 1 69  ? 14.716  -10.585 -16.488 1.00 7.58  ? 72  SER A N   1 
ATOM   536  C CA  . SER A 1 69  ? 15.402  -11.074 -15.294 1.00 10.65 ? 72  SER A CA  1 
ATOM   537  C C   . SER A 1 69  ? 15.475  -9.996  -14.220 1.00 8.29  ? 72  SER A C   1 
ATOM   538  O O   . SER A 1 69  ? 15.211  -10.265 -13.039 1.00 10.19 ? 72  SER A O   1 
ATOM   539  C CB  . SER A 1 69  ? 16.802  -11.566 -15.643 1.00 15.98 ? 72  SER A CB  1 
ATOM   540  O OG  . SER A 1 69  ? 16.744  -12.703 -16.475 1.00 27.69 ? 72  SER A OG  1 
ATOM   541  N N   . LYS A 1 70  ? 15.791  -8.762  -14.610 1.00 7.23  ? 73  LYS A N   1 
ATOM   542  C CA  . LYS A 1 70  ? 15.846  -7.685  -13.633 1.00 9.15  ? 73  LYS A CA  1 
ATOM   543  C C   . LYS A 1 70  ? 14.470  -7.412  -13.047 1.00 7.01  ? 73  LYS A C   1 
ATOM   544  O O   . LYS A 1 70  ? 14.345  -7.141  -11.852 1.00 6.88  ? 73  LYS A O   1 
ATOM   545  C CB  . LYS A 1 70  ? 16.431  -6.414  -14.259 1.00 10.51 ? 73  LYS A CB  1 
ATOM   546  C CG  . LYS A 1 70  ? 17.952  -6.424  -14.252 1.00 16.45 ? 73  LYS A CG  1 
ATOM   547  C CD  . LYS A 1 70  ? 18.542  -5.236  -14.956 1.00 16.90 ? 73  LYS A CD  1 
ATOM   548  C CE  . LYS A 1 70  ? 18.161  -5.275  -16.413 1.00 20.32 ? 73  LYS A CE  1 
ATOM   549  N NZ  . LYS A 1 70  ? 19.012  -4.378  -17.245 1.00 31.14 ? 73  LYS A NZ  1 
ATOM   550  N N   . VAL A 1 71  ? 13.429  -7.464  -13.874 1.00 6.69  ? 74  VAL A N   1 
ATOM   551  C CA  . VAL A 1 71  ? 12.081  -7.212  -13.367 1.00 6.07  ? 74  VAL A CA  1 
ATOM   552  C C   . VAL A 1 71  ? 11.668  -8.296  -12.387 1.00 6.57  ? 74  VAL A C   1 
ATOM   553  O O   . VAL A 1 71  ? 11.104  -8.012  -11.321 1.00 7.00  ? 74  VAL A O   1 
ATOM   554  C CB  . VAL A 1 71  ? 11.090  -7.062  -14.536 1.00 4.92  ? 74  VAL A CB  1 
ATOM   555  C CG1 . VAL A 1 71  ? 9.656   -7.129  -14.014 1.00 7.12  ? 74  VAL A CG1 1 
ATOM   556  C CG2 . VAL A 1 71  ? 11.336  -5.759  -15.270 1.00 5.71  ? 74  VAL A CG2 1 
ATOM   557  N N   . GLN A 1 72  ? 11.978  -9.551  -12.711 1.00 6.97  ? 75  GLN A N   1 
ATOM   558  C CA  . GLN A 1 72  ? 11.619  -10.660 -11.834 1.00 7.83  ? 75  GLN A CA  1 
ATOM   559  C C   . GLN A 1 72  ? 12.353  -10.561 -10.507 1.00 7.60  ? 75  GLN A C   1 
ATOM   560  O O   . GLN A 1 72  ? 11.759  -10.795 -9.446  1.00 8.95  ? 75  GLN A O   1 
ATOM   561  C CB  . GLN A 1 72  ? 11.911  -11.980 -12.552 1.00 9.89  ? 75  GLN A CB  1 
ATOM   562  C CG  . GLN A 1 72  ? 10.927  -12.230 -13.679 1.00 14.64 ? 75  GLN A CG  1 
ATOM   563  C CD  . GLN A 1 72  ? 11.312  -13.395 -14.566 1.00 23.92 ? 75  GLN A CD  1 
ATOM   564  O OE1 . GLN A 1 72  ? 12.476  -13.808 -14.608 1.00 22.07 ? 75  GLN A OE1 1 
ATOM   565  N NE2 . GLN A 1 72  ? 10.332  -13.919 -15.302 1.00 26.97 ? 75  GLN A NE2 1 
ATOM   566  N N   . ALA A 1 73  ? 13.621  -10.154 -10.529 1.00 7.10  ? 76  ALA A N   1 
ATOM   567  C CA  . ALA A 1 73  ? 14.334  -9.978  -9.267  1.00 8.32  ? 76  ALA A CA  1 
ATOM   568  C C   . ALA A 1 73  ? 13.739  -8.831  -8.458  1.00 7.99  ? 76  ALA A C   1 
ATOM   569  O O   . ALA A 1 73  ? 13.604  -8.929  -7.232  1.00 8.44  ? 76  ALA A O   1 
ATOM   570  C CB  . ALA A 1 73  ? 15.831  -9.774  -9.524  1.00 9.66  ? 76  ALA A CB  1 
ATOM   571  N N   . ALA A 1 74  ? 13.332  -7.747  -9.127  1.00 7.00  ? 77  ALA A N   1 
ATOM   572  C CA  . ALA A 1 74  ? 12.687  -6.643  -8.429  1.00 8.31  ? 77  ALA A CA  1 
ATOM   573  C C   . ALA A 1 74  ? 11.341  -7.076  -7.857  1.00 6.40  ? 77  ALA A C   1 
ATOM   574  O O   . ALA A 1 74  ? 11.003  -6.725  -6.725  1.00 6.56  ? 77  ALA A O   1 
ATOM   575  C CB  . ALA A 1 74  ? 12.528  -5.472  -9.394  1.00 8.43  ? 77  ALA A CB  1 
ATOM   576  N N   . GLN A 1 75  ? 10.574  -7.857  -8.621  1.00 6.02  ? 78  GLN A N   1 
ATOM   577  C CA  . GLN A 1 75  ? 9.315   -8.374  -8.098  1.00 5.48  ? 78  GLN A CA  1 
ATOM   578  C C   . GLN A 1 75  ? 9.542   -9.244  -6.870  1.00 5.88  ? 78  GLN A C   1 
ATOM   579  O O   . GLN A 1 75  ? 8.744   -9.209  -5.926  1.00 6.88  ? 78  GLN A O   1 
ATOM   580  C CB  . GLN A 1 75  ? 8.590   -9.185  -9.162  1.00 6.44  ? 78  GLN A CB  1 
ATOM   581  C CG  . GLN A 1 75  ? 7.190   -9.584  -8.739  1.00 7.92  ? 78  GLN A CG  1 
ATOM   582  C CD  . GLN A 1 75  ? 6.285   -8.371  -8.546  1.00 7.92  ? 78  GLN A CD  1 
ATOM   583  O OE1 . GLN A 1 75  ? 6.022   -7.610  -9.493  1.00 10.11 ? 78  GLN A OE1 1 
ATOM   584  N NE2 . GLN A 1 75  ? 5.814   -8.166  -7.323  1.00 7.55  ? 78  GLN A NE2 1 
ATOM   585  N N   . ASN A 1 76  ? 10.639  -10.006 -6.848  1.00 5.78  ? 79  ASN A N   1 
ATOM   586  C CA  . ASN A 1 76  ? 10.934  -10.800 -5.649  1.00 6.83  ? 79  ASN A CA  1 
ATOM   587  C C   . ASN A 1 76  ? 11.202  -9.901  -4.452  1.00 7.50  ? 79  ASN A C   1 
ATOM   588  O O   . ASN A 1 76  ? 10.770  -10.211 -3.342  1.00 8.20  ? 79  ASN A O   1 
ATOM   589  C CB  . ASN A 1 76  ? 12.097  -11.766 -5.894  1.00 8.47  ? 79  ASN A CB  1 
ATOM   590  C CG  . ASN A 1 76  ? 11.724  -12.866 -6.861  1.00 12.39 ? 79  ASN A CG  1 
ATOM   591  O OD1 . ASN A 1 76  ? 10.560  -13.242 -6.951  1.00 16.03 ? 79  ASN A OD1 1 
ATOM   592  N ND2 . ASN A 1 76  ? 12.702  -13.370 -7.614  1.00 18.15 ? 79  ASN A ND2 1 
ATOM   593  N N   . LYS A 1 77  ? 11.903  -8.782  -4.646  1.00 7.46  ? 80  LYS A N   1 
ATOM   594  C CA  . LYS A 1 77  ? 12.092  -7.828  -3.554  1.00 8.65  ? 80  LYS A CA  1 
ATOM   595  C C   . LYS A 1 77  ? 10.771  -7.243  -3.061  1.00 8.34  ? 80  LYS A C   1 
ATOM   596  O O   . LYS A 1 77  ? 10.562  -7.100  -1.853  1.00 7.64  ? 80  LYS A O   1 
ATOM   597  C CB  . LYS A 1 77  ? 13.030  -6.701  -3.987  1.00 7.53  ? 80  LYS A CB  1 
ATOM   598  C CG  . LYS A 1 77  ? 14.393  -7.196  -4.462  1.00 13.03 ? 80  LYS A CG  1 
ATOM   599  C CD  . LYS A 1 77  ? 15.168  -7.862  -3.367  1.00 16.81 ? 80  LYS A CD  1 
ATOM   600  C CE  . LYS A 1 77  ? 15.614  -6.873  -2.342  1.00 19.68 ? 80  LYS A CE  1 
ATOM   601  N NZ  . LYS A 1 77  ? 16.709  -7.464  -1.515  1.00 48.59 ? 80  LYS A NZ  1 
ATOM   602  N N   . ILE A 1 78  ? 9.869   -6.897  -3.974  1.00 7.55  ? 81  ILE A N   1 
ATOM   603  C CA  . ILE A 1 78  ? 8.561   -6.408  -3.566  1.00 6.84  ? 81  ILE A CA  1 
ATOM   604  C C   . ILE A 1 78  ? 7.824   -7.470  -2.774  1.00 7.28  ? 81  ILE A C   1 
ATOM   605  O O   . ILE A 1 78  ? 7.216   -7.191  -1.734  1.00 6.15  ? 81  ILE A O   1 
ATOM   606  C CB  . ILE A 1 78  ? 7.766   -5.983  -4.808  1.00 6.68  ? 81  ILE A CB  1 
ATOM   607  C CG1 . ILE A 1 78  ? 8.430   -4.764  -5.450  1.00 6.60  ? 81  ILE A CG1 1 
ATOM   608  C CG2 . ILE A 1 78  ? 6.321   -5.649  -4.441  1.00 8.72  ? 81  ILE A CG2 1 
ATOM   609  C CD1 . ILE A 1 78  ? 7.708   -4.248  -6.730  1.00 7.67  ? 81  ILE A CD1 1 
ATOM   610  N N   . ASN A 1 79  ? 7.869   -8.710  -3.253  1.00 6.41  ? 82  ASN A N   1 
ATOM   611  C CA  . ASN A 1 79  ? 7.151   -9.775  -2.566  1.00 7.86  ? 82  ASN A CA  1 
ATOM   612  C C   . ASN A 1 79  ? 7.731   -10.026 -1.183  1.00 6.83  ? 82  ASN A C   1 
ATOM   613  O O   . ASN A 1 79  ? 6.980   -10.335 -0.254  1.00 6.71  ? 82  ASN A O   1 
ATOM   614  C CB  . ASN A 1 79  ? 7.204   -11.024 -3.426  1.00 7.15  ? 82  ASN A CB  1 
ATOM   615  C CG  . ASN A 1 79  ? 6.356   -10.911 -4.664  1.00 9.46  ? 82  ASN A CG  1 
ATOM   616  O OD1 . ASN A 1 79  ? 5.547   -9.993  -4.806  1.00 11.09 ? 82  ASN A OD1 1 
ATOM   617  N ND2 . ASN A 1 79  ? 6.507   -11.880 -5.555  1.00 10.86 ? 82  ASN A ND2 1 
ATOM   618  N N   . GLU A 1 80  ? 9.051   -9.864  -1.025  1.00 6.59  ? 83  GLU A N   1 
ATOM   619  C CA  . GLU A 1 80  ? 9.667   -9.974  0.295   1.00 7.68  ? 83  GLU A CA  1 
ATOM   620  C C   . GLU A 1 80  ? 9.116   -8.912  1.229   1.00 8.90  ? 83  GLU A C   1 
ATOM   621  O O   . GLU A 1 80  ? 8.840   -9.186  2.402   1.00 9.09  ? 83  GLU A O   1 
ATOM   622  C CB  . GLU A 1 80  ? 11.184  -9.796  0.184   1.00 9.10  ? 83  GLU A CB  1 
ATOM   623  C CG  . GLU A 1 80  ? 11.940  -10.941 -0.432  1.00 12.68 ? 83  GLU A CG  1 
ATOM   624  C CD  . GLU A 1 80  ? 13.408  -10.608 -0.658  1.00 18.12 ? 83  GLU A CD  1 
ATOM   625  O OE1 . GLU A 1 80  ? 13.801  -9.423  -0.514  1.00 17.33 ? 83  GLU A OE1 1 
ATOM   626  O OE2 . GLU A 1 80  ? 14.171  -11.534 -0.985  1.00 27.31 ? 83  GLU A OE2 1 
ATOM   627  N N   . ALA A 1 81  ? 8.939   -7.683  0.718   1.00 7.91  ? 84  ALA A N   1 
ATOM   628  C CA  . ALA A 1 81  ? 8.368   -6.609  1.527   1.00 5.29  ? 84  ALA A CA  1 
ATOM   629  C C   . ALA A 1 81  ? 6.911   -6.891  1.848   1.00 5.49  ? 84  ALA A C   1 
ATOM   630  O O   . ALA A 1 81  ? 6.487   -6.740  2.999   1.00 6.23  ? 84  ALA A O   1 
ATOM   631  C CB  . ALA A 1 81  ? 8.504   -5.266  0.803   1.00 7.14  ? 84  ALA A CB  1 
ATOM   632  N N   . LYS A 1 82  ? 6.146   -7.357  0.852   1.00 5.30  ? 85  LYS A N   1 
ATOM   633  C CA  . LYS A 1 82  ? 4.731   -7.665  1.037   1.00 6.40  ? 85  LYS A CA  1 
ATOM   634  C C   . LYS A 1 82  ? 4.538   -8.713  2.120   1.00 6.16  ? 85  LYS A C   1 
ATOM   635  O O   . LYS A 1 82  ? 3.583   -8.639  2.910   1.00 7.43  ? 85  LYS A O   1 
ATOM   636  C CB  . LYS A 1 82  ? 4.138   -8.147  -0.289  1.00 7.25  ? 85  LYS A CB  1 
ATOM   637  C CG  . LYS A 1 82  ? 2.749   -8.736  -0.167  1.00 8.90  ? 85  LYS A CG  1 
ATOM   638  C CD  . LYS A 1 82  ? 2.241   -9.182  -1.550  1.00 10.88 ? 85  LYS A CD  1 
ATOM   639  C CE  . LYS A 1 82  ? 0.895   -9.880  -1.451  1.00 18.49 ? 85  LYS A CE  1 
ATOM   640  N NZ  . LYS A 1 82  ? 0.445   -10.325 -2.808  1.00 20.72 ? 85  LYS A NZ  1 
ATOM   641  N N   . ALA A 1 83  ? 5.478   -9.658  2.201   1.00 5.64  ? 86  ALA A N   1 
ATOM   642  C CA  . ALA A 1 83  ? 5.410   -10.754 3.172   1.00 5.59  ? 86  ALA A CA  1 
ATOM   643  C C   . ALA A 1 83  ? 5.544   -10.261 4.597   1.00 4.67  ? 86  ALA A C   1 
ATOM   644  O O   . ALA A 1 83  ? 5.108   -10.959 5.519   1.00 7.11  ? 86  ALA A O   1 
ATOM   645  C CB  . ALA A 1 83  ? 6.494   -11.797 2.884   1.00 6.38  ? 86  ALA A CB  1 
ATOM   646  N N   . LEU A 1 84  ? 6.052   -9.045  4.800   1.00 6.30  ? 87  LEU A N   1 
ATOM   647  C CA  . LEU A 1 84  ? 6.084   -8.457  6.135   1.00 5.95  ? 87  LEU A CA  1 
ATOM   648  C C   . LEU A 1 84  ? 4.718   -7.973  6.610   1.00 7.01  ? 87  LEU A C   1 
ATOM   649  O O   . LEU A 1 84  ? 4.510   -7.852  7.819   1.00 7.87  ? 87  LEU A O   1 
ATOM   650  C CB  . LEU A 1 84  ? 7.056   -7.280  6.170   1.00 7.08  ? 87  LEU A CB  1 
ATOM   651  C CG  . LEU A 1 84  ? 8.498   -7.671  5.861   1.00 8.47  ? 87  LEU A CG  1 
ATOM   652  C CD1 . LEU A 1 84  ? 9.335   -6.443  5.582   1.00 7.86  ? 87  LEU A CD1 1 
ATOM   653  C CD2 . LEU A 1 84  ? 9.072   -8.398  7.040   1.00 9.26  ? 87  LEU A CD2 1 
ATOM   654  N N   . LEU A 1 85  ? 3.796   -7.685  5.699   1.00 7.30  ? 88  LEU A N   1 
ATOM   655  C CA  . LEU A 1 85  ? 2.487   -7.201  6.115   1.00 6.57  ? 88  LEU A CA  1 
ATOM   656  C C   . LEU A 1 85  ? 1.754   -8.292  6.882   1.00 7.10  ? 88  LEU A C   1 
ATOM   657  O O   . LEU A 1 85  ? 1.794   -9.469  6.507   1.00 9.37  ? 88  LEU A O   1 
ATOM   658  C CB  . LEU A 1 85  ? 1.659   -6.832  4.891   1.00 7.85  ? 88  LEU A CB  1 
ATOM   659  C CG  . LEU A 1 85  ? 2.189   -5.634  4.124   1.00 7.17  ? 88  LEU A CG  1 
ATOM   660  C CD1 . LEU A 1 85  ? 1.479   -5.509  2.782   1.00 9.34  ? 88  LEU A CD1 1 
ATOM   661  C CD2 . LEU A 1 85  ? 2.040   -4.335  4.934   1.00 7.54  ? 88  LEU A CD2 1 
ATOM   662  N N   . GLN A 1 86  ? 1.077   -7.899  7.961   1.00 5.43  ? 89  GLN A N   1 
ATOM   663  C CA  . GLN A 1 86  ? 0.352   -8.830  8.817   1.00 8.12  ? 89  GLN A CA  1 
ATOM   664  C C   . GLN A 1 86  ? -1.077  -8.359  8.988   1.00 8.61  ? 89  GLN A C   1 
ATOM   665  O O   . GLN A 1 86  ? -1.309  -7.180  9.228   1.00 6.91  ? 89  GLN A O   1 
ATOM   666  C CB  . GLN A 1 86  ? 0.973   -8.886  10.215  1.00 7.42  ? 89  GLN A CB  1 
ATOM   667  C CG  . GLN A 1 86  ? 2.442   -9.345  10.234  1.00 7.38  ? 89  GLN A CG  1 
ATOM   668  C CD  . GLN A 1 86  ? 2.630   -10.733 9.667   1.00 11.45 ? 89  GLN A CD  1 
ATOM   669  O OE1 . GLN A 1 86  ? 1.892   -11.652 10.003  1.00 13.34 ? 89  GLN A OE1 1 
ATOM   670  N NE2 . GLN A 1 86  ? 3.635   -10.895 8.806   1.00 11.99 ? 89  GLN A NE2 1 
ATOM   671  N N   . ASN A 1 87  ? -2.024  -9.289  8.944   1.00 9.42  ? 90  ASN A N   1 
ATOM   672  C CA  . ASN A 1 87  ? -3.423  -8.933  9.159   1.00 6.41  ? 90  ASN A CA  1 
ATOM   673  C C   . ASN A 1 87  ? -3.700  -8.520  10.598  1.00 7.74  ? 90  ASN A C   1 
ATOM   674  O O   . ASN A 1 87  ? -3.193  -9.122  11.556  1.00 8.54  ? 90  ASN A O   1 
ATOM   675  C CB  . ASN A 1 87  ? -4.312  -10.126 8.830   1.00 8.74  ? 90  ASN A CB  1 
ATOM   676  C CG  . ASN A 1 87  ? -4.422  -10.361 7.356   1.00 13.23 ? 90  ASN A CG  1 
ATOM   677  O OD1 . ASN A 1 87  ? -4.446  -9.421  6.580   1.00 16.15 ? 90  ASN A OD1 1 
ATOM   678  N ND2 . ASN A 1 87  ? -4.482  -11.624 6.956   1.00 25.64 ? 90  ASN A ND2 1 
ATOM   679  N N   . LYS A 1 88  ? -4.506  -7.467  10.743  1.00 8.57  ? 91  LYS A N   1 
ATOM   680  C CA  . LYS A 1 88  ? -5.060  -7.126  12.043  1.00 7.54  ? 91  LYS A CA  1 
ATOM   681  C C   . LYS A 1 88  ? -5.960  -8.254  12.501  1.00 6.89  ? 91  LYS A C   1 
ATOM   682  O O   . LYS A 1 88  ? -6.542  -8.980  11.694  1.00 11.38 ? 91  LYS A O   1 
ATOM   683  C CB  . LYS A 1 88  ? -5.907  -5.854  11.948  1.00 8.72  ? 91  LYS A CB  1 
ATOM   684  C CG  . LYS A 1 88  ? -5.086  -4.564  11.799  1.00 9.25  ? 91  LYS A CG  1 
ATOM   685  C CD  . LYS A 1 88  ? -6.004  -3.344  11.716  1.00 15.14 ? 91  LYS A CD  1 
ATOM   686  C CE  . LYS A 1 88  ? -5.205  -2.055  11.768  1.00 22.92 ? 91  LYS A CE  1 
ATOM   687  N NZ  . LYS A 1 88  ? -6.087  -0.853  11.717  1.00 31.52 ? 91  LYS A NZ  1 
ATOM   688  N N   . ALA A 1 89  ? -6.071  -8.396  13.801  1.00 8.71  ? 92  ALA A N   1 
ATOM   689  C CA  . ALA A 1 89  ? -7.007  -9.360  14.351  1.00 7.83  ? 92  ALA A CA  1 
ATOM   690  C C   . ALA A 1 89  ? -8.336  -8.680  14.676  1.00 8.09  ? 92  ALA A C   1 
ATOM   691  O O   . ALA A 1 89  ? -8.384  -7.498  15.038  1.00 10.79 ? 92  ALA A O   1 
ATOM   692  C CB  . ALA A 1 89  ? -6.440  -9.961  15.630  1.00 8.44  ? 92  ALA A CB  1 
ATOM   693  N N   . ASP A 1 90  ? -9.418  -9.439  14.531  1.00 8.33  ? 93  ASP A N   1 
ATOM   694  C CA  . ASP A 1 90  ? -10.766 -8.884  14.673  1.00 8.12  ? 93  ASP A CA  1 
ATOM   695  C C   . ASP A 1 90  ? -11.100 -8.719  16.151  1.00 11.45 ? 93  ASP A C   1 
ATOM   696  O O   . ASP A 1 90  ? -11.076 -9.693  16.910  1.00 13.15 ? 93  ASP A O   1 
ATOM   697  C CB  . ASP A 1 90  ? -11.765 -9.842  14.024  1.00 11.63 ? 93  ASP A CB  1 
ATOM   698  C CG  . ASP A 1 90  ? -13.207 -9.351  14.101  1.00 17.74 ? 93  ASP A CG  1 
ATOM   699  O OD1 . ASP A 1 90  ? -13.447 -8.191  14.491  1.00 20.58 ? 93  ASP A OD1 1 
ATOM   700  O OD2 . ASP A 1 90  ? -14.105 -10.147 13.755  1.00 31.71 ? 93  ASP A OD2 1 
ATOM   701  N N   . ASN A 1 91  ? -11.396 -7.492  16.567  1.00 8.81  ? 94  ASN A N   1 
ATOM   702  C CA  . ASN A 1 91  ? -11.731 -7.219  17.952  1.00 8.06  ? 94  ASN A CA  1 
ATOM   703  C C   . ASN A 1 91  ? -13.224 -7.010  18.175  1.00 8.63  ? 94  ASN A C   1 
ATOM   704  O O   . ASN A 1 91  ? -13.616 -6.570  19.255  1.00 7.72  ? 94  ASN A O   1 
ATOM   705  C CB  . ASN A 1 91  ? -10.927 -6.029  18.495  1.00 8.72  ? 94  ASN A CB  1 
ATOM   706  C CG  . ASN A 1 91  ? -11.249 -4.717  17.776  1.00 11.31 ? 94  ASN A CG  1 
ATOM   707  O OD1 . ASN A 1 91  ? -12.348 -4.552  17.246  1.00 11.48 ? 94  ASN A OD1 1 
ATOM   708  N ND2 . ASN A 1 91  ? -10.305 -3.781  17.768  1.00 8.77  ? 94  ASN A ND2 1 
ATOM   709  N N   . SER A 1 92  ? -14.060 -7.334  17.187  1.00 8.91  ? 95  SER A N   1 
ATOM   710  C CA  . SER A 1 92  ? -15.482 -6.994  17.280  1.00 9.19  ? 95  SER A CA  1 
ATOM   711  C C   . SER A 1 92  ? -16.168 -7.656  18.473  1.00 10.09 ? 95  SER A C   1 
ATOM   712  O O   . SER A 1 92  ? -17.046 -7.055  19.103  1.00 9.67  ? 95  SER A O   1 
ATOM   713  C CB  . SER A 1 92  ? -16.196 -7.360  15.975  1.00 10.15 ? 95  SER A CB  1 
ATOM   714  O OG  . SER A 1 92  ? -16.147 -8.764  15.764  1.00 16.36 ? 95  SER A OG  1 
ATOM   715  N N   . GLN A 1 93  ? -15.812 -8.902  18.787  1.00 8.06  ? 96  GLN A N   1 
ATOM   716  C CA  . GLN A 1 93  ? -16.431 -9.557  19.937  1.00 9.95  ? 96  GLN A CA  1 
ATOM   717  C C   . GLN A 1 93  ? -15.950 -8.961  21.249  1.00 8.68  ? 96  GLN A C   1 
ATOM   718  O O   . GLN A 1 93  ? -16.710 -8.902  22.225  1.00 11.17 ? 96  GLN A O   1 
ATOM   719  C CB  . GLN A 1 93  ? -16.147 -11.053 19.919  1.00 12.00 ? 96  GLN A CB  1 
ATOM   720  C CG  . GLN A 1 93  ? -16.730 -11.750 18.705  1.00 14.03 ? 96  GLN A CG  1 
ATOM   721  C CD  . GLN A 1 93  ? -16.624 -13.265 18.819  1.00 19.64 ? 96  GLN A CD  1 
ATOM   722  O OE1 . GLN A 1 93  ? -15.681 -13.792 19.412  1.00 38.11 ? 96  GLN A OE1 1 
ATOM   723  N NE2 . GLN A 1 93  ? -17.602 -13.967 18.265  1.00 32.49 ? 96  GLN A NE2 1 
ATOM   724  N N   . LEU A 1 94  ? -14.702 -8.503  21.286  1.00 7.61  ? 97  LEU A N   1 
ATOM   725  C CA  . LEU A 1 94  ? -14.210 -7.813  22.467  1.00 7.61  ? 97  LEU A CA  1 
ATOM   726  C C   . LEU A 1 94  ? -14.950 -6.496  22.677  1.00 9.54  ? 97  LEU A C   1 
ATOM   727  O O   . LEU A 1 94  ? -15.322 -6.163  23.810  1.00 8.55  ? 97  LEU A O   1 
ATOM   728  C CB  . LEU A 1 94  ? -12.697 -7.596  22.330  1.00 8.38  ? 97  LEU A CB  1 
ATOM   729  C CG  . LEU A 1 94  ? -12.053 -6.701  23.376  1.00 6.87  ? 97  LEU A CG  1 
ATOM   730  C CD1 . LEU A 1 94  ? -12.290 -7.255  24.780  1.00 6.62  ? 97  LEU A CD1 1 
ATOM   731  C CD2 . LEU A 1 94  ? -10.557 -6.530  23.084  1.00 8.42  ? 97  LEU A CD2 1 
ATOM   732  N N   . VAL A 1 95  ? -15.188 -5.747  21.597  1.00 9.10  ? 98  VAL A N   1 
ATOM   733  C CA  . VAL A 1 95  ? -15.984 -4.522  21.700  1.00 9.23  ? 98  VAL A CA  1 
ATOM   734  C C   . VAL A 1 95  ? -17.361 -4.831  22.287  1.00 11.16 ? 98  VAL A C   1 
ATOM   735  O O   . VAL A 1 95  ? -17.821 -4.179  23.235  1.00 9.80  ? 98  VAL A O   1 
ATOM   736  C CB  . VAL A 1 95  ? -16.088 -3.833  20.326  1.00 9.32  ? 98  VAL A CB  1 
ATOM   737  C CG1 . VAL A 1 95  ? -17.114 -2.720  20.396  1.00 10.94 ? 98  VAL A CG1 1 
ATOM   738  C CG2 . VAL A 1 95  ? -14.764 -3.255  19.917  1.00 10.95 ? 98  VAL A CG2 1 
ATOM   739  N N   . ARG A 1 96  ? -18.032 -5.853  21.753  1.00 8.86  ? 99  ARG A N   1 
ATOM   740  C CA  . ARG A 1 96  ? -19.365 -6.160  22.269  1.00 11.24 ? 99  ARG A CA  1 
ATOM   741  C C   . ARG A 1 96  ? -19.309 -6.611  23.721  1.00 12.92 ? 99  ARG A C   1 
ATOM   742  O O   . ARG A 1 96  ? -20.171 -6.237  24.519  1.00 15.45 ? 99  ARG A O   1 
ATOM   743  C CB  . ARG A 1 96  ? -20.071 -7.180  21.382  1.00 13.90 ? 99  ARG A CB  1 
ATOM   744  C CG  . ARG A 1 96  ? -20.460 -6.580  20.040  1.00 14.80 ? 99  ARG A CG  1 
ATOM   745  C CD  . ARG A 1 96  ? -21.482 -7.429  19.292  1.00 21.35 ? 99  ARG A CD  1 
ATOM   746  N NE  . ARG A 1 96  ? -20.920 -8.702  18.851  1.00 19.31 ? 99  ARG A NE  1 
ATOM   747  C CZ  . ARG A 1 96  ? -20.285 -8.895  17.697  1.00 16.87 ? 99  ARG A CZ  1 
ATOM   748  N NH1 . ARG A 1 96  ? -20.115 -7.904  16.829  1.00 12.62 ? 99  ARG A NH1 1 
ATOM   749  N NH2 . ARG A 1 96  ? -19.798 -10.096 17.410  1.00 18.91 ? 99  ARG A NH2 1 
ATOM   750  N N   . ALA A 1 97  ? -18.287 -7.387  24.094  1.00 10.39 ? 100 ALA A N   1 
ATOM   751  C CA  . ALA A 1 97  ? -18.193 -7.843  25.476  1.00 9.00  ? 100 ALA A CA  1 
ATOM   752  C C   . ALA A 1 97  ? -17.961 -6.666  26.411  1.00 8.75  ? 100 ALA A C   1 
ATOM   753  O O   . ALA A 1 97  ? -18.566 -6.590  27.495  1.00 9.44  ? 100 ALA A O   1 
ATOM   754  C CB  . ALA A 1 97  ? -17.054 -8.859  25.617  1.00 12.48 ? 100 ALA A CB  1 
ATOM   755  N N   . LYS A 1 98  ? -17.109 -5.732  25.997  1.00 10.52 ? 101 LYS A N   1 
ATOM   756  C CA  . LYS A 1 98  ? -16.836 -4.566  26.814  1.00 10.46 ? 101 LYS A CA  1 
ATOM   757  C C   . LYS A 1 98  ? -18.091 -3.734  27.004  1.00 12.64 ? 101 LYS A C   1 
ATOM   758  O O   . LYS A 1 98  ? -18.366 -3.265  28.110  1.00 11.78 ? 101 LYS A O   1 
ATOM   759  C CB  . LYS A 1 98  ? -15.746 -3.744  26.150  1.00 11.13 ? 101 LYS A CB  1 
ATOM   760  C CG  . LYS A 1 98  ? -15.501 -2.438  26.845  1.00 14.85 ? 101 LYS A CG  1 
ATOM   761  C CD  . LYS A 1 98  ? -14.749 -1.522  25.935  1.00 26.43 ? 101 LYS A CD  1 
ATOM   762  C CE  . LYS A 1 98  ? -15.585 -1.056  24.755  1.00 19.55 ? 101 LYS A CE  1 
ATOM   763  N NZ  . LYS A 1 98  ? -16.451 0.110   25.084  1.00 27.36 ? 101 LYS A NZ  1 
ATOM   764  N N   . GLU A 1 99  ? -18.865 -3.548  25.932  1.00 12.66 ? 102 GLU A N   1 
ATOM   765  C CA  . GLU A 1 99  ? -20.105 -2.788  26.044  1.00 11.97 ? 102 GLU A CA  1 
ATOM   766  C C   . GLU A 1 99  ? -21.090 -3.468  26.988  1.00 14.53 ? 102 GLU A C   1 
ATOM   767  O O   . GLU A 1 99  ? -21.750 -2.799  27.791  1.00 17.27 ? 102 GLU A O   1 
ATOM   768  C CB  . GLU A 1 99  ? -20.711 -2.587  24.658  1.00 12.62 ? 102 GLU A CB  1 
ATOM   769  C CG  . GLU A 1 99  ? -19.896 -1.674  23.789  1.00 14.63 ? 102 GLU A CG  1 
ATOM   770  C CD  . GLU A 1 99  ? -20.490 -1.469  22.410  1.00 21.10 ? 102 GLU A CD  1 
ATOM   771  O OE1 . GLU A 1 99  ? -21.491 -2.143  22.090  1.00 25.32 ? 102 GLU A OE1 1 
ATOM   772  O OE2 . GLU A 1 99  ? -19.942 -0.658  21.638  1.00 20.16 ? 102 GLU A OE2 1 
ATOM   773  N N   . GLN A 1 100 ? -21.191 -4.795  26.931  1.00 12.07 ? 103 GLN A N   1 
ATOM   774  C CA  . GLN A 1 100 ? -22.090 -5.501  27.840  1.00 14.62 ? 103 GLN A CA  1 
ATOM   775  C C   . GLN A 1 100 ? -21.653 -5.340  29.293  1.00 15.88 ? 103 GLN A C   1 
ATOM   776  O O   . GLN A 1 100 ? -22.487 -5.277  30.207  1.00 13.67 ? 103 GLN A O   1 
ATOM   777  C CB  . GLN A 1 100 ? -22.147 -6.978  27.469  1.00 17.92 ? 103 GLN A CB  1 
ATOM   778  C CG  . GLN A 1 100 ? -23.042 -7.807  28.344  1.00 30.28 ? 103 GLN A CG  1 
ATOM   779  C CD  . GLN A 1 100 ? -23.358 -9.140  27.711  1.00 42.67 ? 103 GLN A CD  1 
ATOM   780  O OE1 . GLN A 1 100 ? -23.282 -9.296  26.491  1.00 45.24 ? 103 GLN A OE1 1 
ATOM   781  N NE2 . GLN A 1 100 ? -23.699 -10.118 28.537  1.00 31.50 ? 103 GLN A NE2 1 
ATOM   782  N N   . LEU A 1 101 ? -20.346 -5.316  29.535  1.00 13.02 ? 104 LEU A N   1 
ATOM   783  C CA  . LEU A 1 101 ? -19.882 -5.131  30.900  1.00 10.03 ? 104 LEU A CA  1 
ATOM   784  C C   . LEU A 1 101 ? -20.173 -3.719  31.381  1.00 12.17 ? 104 LEU A C   1 
ATOM   785  O O   . LEU A 1 101 ? -20.597 -3.522  32.528  1.00 13.68 ? 104 LEU A O   1 
ATOM   786  C CB  . LEU A 1 101 ? -18.394 -5.466  30.995  1.00 12.12 ? 104 LEU A CB  1 
ATOM   787  C CG  . LEU A 1 101 ? -17.718 -5.170  32.340  1.00 8.28  ? 104 LEU A CG  1 
ATOM   788  C CD1 . LEU A 1 101 ? -18.425 -5.890  33.477  1.00 12.12 ? 104 LEU A CD1 1 
ATOM   789  C CD2 . LEU A 1 101 ? -16.268 -5.548  32.287  1.00 11.70 ? 104 LEU A CD2 1 
ATOM   790  N N   . GLN A 1 102 ? -19.934 -2.724  30.527  1.00 13.04 ? 105 GLN A N   1 
ATOM   791  C CA  . GLN A 1 102 ? -20.286 -1.348  30.870  1.00 13.58 ? 105 GLN A CA  1 
ATOM   792  C C   . GLN A 1 102 ? -21.751 -1.238  31.266  1.00 18.85 ? 105 GLN A C   1 
ATOM   793  O O   . GLN A 1 102 ? -22.091 -0.568  32.249  1.00 21.05 ? 105 GLN A O   1 
ATOM   794  C CB  . GLN A 1 102 ? -20.002 -0.422  29.692  1.00 18.04 ? 105 GLN A CB  1 
ATOM   795  C CG  . GLN A 1 102 ? -18.538 -0.288  29.343  1.00 19.04 ? 105 GLN A CG  1 
ATOM   796  C CD  . GLN A 1 102 ? -18.284 0.689   28.197  1.00 32.21 ? 105 GLN A CD  1 
ATOM   797  O OE1 . GLN A 1 102 ? -18.694 0.454   27.054  1.00 30.76 ? 105 GLN A OE1 1 
ATOM   798  N NE2 . GLN A 1 102 ? -17.602 1.792   28.502  1.00 27.74 ? 105 GLN A NE2 1 
ATOM   799  N N   . GLN A 1 103 ? -22.635 -1.901  30.518  1.00 14.80 ? 106 GLN A N   1 
ATOM   800  C CA  . GLN A 1 103 ? -24.053 -1.847  30.847  1.00 18.21 ? 106 GLN A CA  1 
ATOM   801  C C   . GLN A 1 103 ? -24.367 -2.619  32.116  1.00 22.22 ? 106 GLN A C   1 
ATOM   802  O O   . GLN A 1 103 ? -25.333 -2.295  32.811  1.00 26.51 ? 106 GLN A O   1 
ATOM   803  C CB  . GLN A 1 103 ? -24.885 -2.347  29.668  1.00 20.61 ? 106 GLN A CB  1 
ATOM   804  C CG  . GLN A 1 103 ? -24.821 -1.396  28.477  1.00 33.40 ? 106 GLN A CG  1 
ATOM   805  C CD  . GLN A 1 103 ? -25.147 -2.063  27.157  1.00 45.30 ? 106 GLN A CD  1 
ATOM   806  O OE1 . GLN A 1 103 ? -25.773 -3.123  27.117  1.00 49.84 ? 106 GLN A OE1 1 
ATOM   807  N NE2 . GLN A 1 103 ? -24.722 -1.440  26.061  1.00 46.73 ? 106 GLN A NE2 1 
ATOM   808  N N   . SER A 1 104 ? -23.566 -3.633  32.446  1.00 15.42 ? 107 SER A N   1 
ATOM   809  C CA  . SER A 1 104 ? -23.813 -4.380  33.674  1.00 13.90 ? 107 SER A CA  1 
ATOM   810  C C   . SER A 1 104 ? -23.540 -3.534  34.911  1.00 15.90 ? 107 SER A C   1 
ATOM   811  O O   . SER A 1 104 ? -24.160 -3.757  35.959  1.00 19.99 ? 107 SER A O   1 
ATOM   812  C CB  . SER A 1 104 ? -22.964 -5.654  33.686  1.00 19.56 ? 107 SER A CB  1 
ATOM   813  O OG  . SER A 1 104 ? -23.401 -6.567  32.691  1.00 26.21 ? 107 SER A OG  1 
ATOM   814  N N   . ILE A 1 105 ? -22.634 -2.563  34.817  1.00 21.24 ? 108 ILE A N   1 
ATOM   815  C CA  . ILE A 1 105 ? -22.293 -1.736  35.962  1.00 21.25 ? 108 ILE A CA  1 
ATOM   816  C C   . ILE A 1 105 ? -23.002 -0.394  35.839  1.00 28.92 ? 108 ILE A C   1 
ATOM   817  O O   . ILE A 1 105 ? -23.124 0.342   36.812  1.00 37.19 ? 108 ILE A O   1 
ATOM   818  C CB  . ILE A 1 105 ? -20.773 -1.564  36.120  1.00 19.15 ? 108 ILE A CB  1 
ATOM   819  C CG1 . ILE A 1 105 ? -20.234 -0.544  35.125  1.00 30.13 ? 108 ILE A CG1 1 
ATOM   820  C CG2 . ILE A 1 105 ? -20.062 -2.886  35.919  1.00 19.88 ? 108 ILE A CG2 1 
ATOM   821  C CD1 . ILE A 1 105 ? -18.718 -0.394  35.204  1.00 38.45 ? 108 ILE A CD1 1 
ATOM   822  N N   . ASP A 1 117 ? -11.824 7.091   28.483  1.00 47.45 ? 120 ASP A N   1 
ATOM   823  C CA  . ASP A 1 117 ? -12.863 8.112   28.393  1.00 28.40 ? 120 ASP A CA  1 
ATOM   824  C C   . ASP A 1 117 ? -13.409 8.249   26.967  1.00 26.83 ? 120 ASP A C   1 
ATOM   825  O O   . ASP A 1 117 ? -12.660 8.495   26.006  1.00 22.61 ? 120 ASP A O   1 
ATOM   826  C CB  . ASP A 1 117 ? -12.350 9.449   28.914  1.00 39.37 ? 120 ASP A CB  1 
ATOM   827  C CG  . ASP A 1 117 ? -13.390 10.538  28.831  1.00 40.28 ? 120 ASP A CG  1 
ATOM   828  O OD1 . ASP A 1 117 ? -13.410 11.251  27.812  1.00 34.94 ? 120 ASP A OD1 1 
ATOM   829  O OD2 . ASP A 1 117 ? -14.190 10.681  29.781  1.00 59.47 ? 120 ASP A OD2 1 
ATOM   830  N N   . SER A 1 118 ? -14.732 8.097   26.847  1.00 23.38 ? 121 SER A N   1 
ATOM   831  C CA  . SER A 1 118 ? -15.362 8.036   25.534  1.00 21.30 ? 121 SER A CA  1 
ATOM   832  C C   . SER A 1 118 ? -15.278 9.364   24.802  1.00 15.08 ? 121 SER A C   1 
ATOM   833  O O   . SER A 1 118 ? -15.252 9.378   23.568  1.00 14.52 ? 121 SER A O   1 
ATOM   834  C CB  . SER A 1 118 ? -16.821 7.591   25.654  1.00 21.35 ? 121 SER A CB  1 
ATOM   835  O OG  . SER A 1 118 ? -17.646 8.658   26.083  1.00 27.04 ? 121 SER A OG  1 
ATOM   836  N N   . THR A 1 119 ? -15.263 10.484  25.533  1.00 18.66 ? 122 THR A N   1 
ATOM   837  C CA  . THR A 1 119 ? -15.171 11.797  24.902  1.00 17.24 ? 122 THR A CA  1 
ATOM   838  C C   . THR A 1 119 ? -13.778 12.012  24.324  1.00 12.83 ? 122 THR A C   1 
ATOM   839  O O   . THR A 1 119 ? -13.629 12.461  23.179  1.00 13.36 ? 122 THR A O   1 
ATOM   840  C CB  . THR A 1 119 ? -15.493 12.892  25.926  1.00 20.46 ? 122 THR A CB  1 
ATOM   841  O OG1 . THR A 1 119 ? -16.817 12.700  26.441  1.00 26.14 ? 122 THR A OG1 1 
ATOM   842  C CG2 . THR A 1 119 ? -15.397 14.285  25.301  1.00 19.38 ? 122 THR A CG2 1 
ATOM   843  N N   . ARG A 1 120 ? -12.746 11.684  25.095  1.00 16.77 ? 123 ARG A N   1 
ATOM   844  C CA  . ARG A 1 120 ? -11.390 11.800  24.571  1.00 15.11 ? 123 ARG A CA  1 
ATOM   845  C C   . ARG A 1 120 ? -11.210 10.907  23.347  1.00 11.40 ? 123 ARG A C   1 
ATOM   846  O O   . ARG A 1 120 ? -10.586 11.309  22.356  1.00 11.17 ? 123 ARG A O   1 
ATOM   847  C CB  . ARG A 1 120 ? -10.360 11.462  25.657  1.00 14.91 ? 123 ARG A CB  1 
ATOM   848  C CG  . ARG A 1 120 ? -8.914  11.704  25.218  1.00 21.80 ? 123 ARG A CG  1 
ATOM   849  C CD  . ARG A 1 120 ? -7.905  11.142  26.217  1.00 24.36 ? 123 ARG A CD  1 
ATOM   850  N NE  . ARG A 1 120 ? -7.961  11.842  27.495  1.00 27.97 ? 123 ARG A NE  1 
ATOM   851  C CZ  . ARG A 1 120 ? -8.580  11.384  28.578  1.00 48.24 ? 123 ARG A CZ  1 
ATOM   852  N NH1 . ARG A 1 120 ? -9.206  10.214  28.544  1.00 42.43 ? 123 ARG A NH1 1 
ATOM   853  N NH2 . ARG A 1 120 ? -8.577  12.100  29.694  1.00 50.10 ? 123 ARG A NH2 1 
ATOM   854  N N   . ASN A 1 121 ? -11.769 9.698   23.391  1.00 12.75 ? 124 ASN A N   1 
ATOM   855  C CA  . ASN A 1 121 ? -11.649 8.781   22.265  1.00 12.90 ? 124 ASN A CA  1 
ATOM   856  C C   . ASN A 1 121 ? -12.347 9.330   21.027  1.00 10.39 ? 124 ASN A C   1 
ATOM   857  O O   . ASN A 1 121 ? -11.805 9.265   19.915  1.00 9.13  ? 124 ASN A O   1 
ATOM   858  C CB  . ASN A 1 121 ? -12.223 7.420   22.641  1.00 11.76 ? 124 ASN A CB  1 
ATOM   859  C CG  . ASN A 1 121 ? -12.072 6.422   21.532  1.00 13.42 ? 124 ASN A CG  1 
ATOM   860  O OD1 . ASN A 1 121 ? -10.952 6.070   21.145  1.00 17.77 ? 124 ASN A OD1 1 
ATOM   861  N ND2 . ASN A 1 121 ? -13.193 5.958   21.006  1.00 19.22 ? 124 ASN A ND2 1 
ATOM   862  N N   . TYR A 1 122 ? -13.545 9.886   21.194  1.00 10.44 ? 125 TYR A N   1 
ATOM   863  C CA  . TYR A 1 122 ? -14.205 10.542  20.079  1.00 9.86  ? 125 TYR A CA  1 
ATOM   864  C C   . TYR A 1 122 ? -13.330 11.652  19.507  1.00 8.38  ? 125 TYR A C   1 
ATOM   865  O O   . TYR A 1 122 ? -13.138 11.736  18.294  1.00 9.82  ? 125 TYR A O   1 
ATOM   866  C CB  . TYR A 1 122 ? -15.558 11.107  20.520  1.00 10.08 ? 125 TYR A CB  1 
ATOM   867  C CG  . TYR A 1 122 ? -16.132 11.978  19.430  1.00 10.79 ? 125 TYR A CG  1 
ATOM   868  C CD1 . TYR A 1 122 ? -16.704 11.406  18.303  1.00 13.13 ? 125 TYR A CD1 1 
ATOM   869  C CD2 . TYR A 1 122 ? -16.021 13.365  19.479  1.00 12.14 ? 125 TYR A CD2 1 
ATOM   870  C CE1 . TYR A 1 122 ? -17.199 12.181  17.277  1.00 12.23 ? 125 TYR A CE1 1 
ATOM   871  C CE2 . TYR A 1 122 ? -16.505 14.148  18.455  1.00 15.65 ? 125 TYR A CE2 1 
ATOM   872  C CZ  . TYR A 1 122 ? -17.098 13.545  17.358  1.00 15.00 ? 125 TYR A CZ  1 
ATOM   873  O OH  . TYR A 1 122 ? -17.581 14.327  16.334  1.00 17.43 ? 125 TYR A OH  1 
ATOM   874  N N   . LYS A 1 123 ? -12.799 12.522  20.364  1.00 7.98  ? 126 LYS A N   1 
ATOM   875  C CA  . LYS A 1 123 ? -11.999 13.635  19.861  1.00 10.06 ? 126 LYS A CA  1 
ATOM   876  C C   . LYS A 1 123 ? -10.749 13.139  19.145  1.00 8.70  ? 126 LYS A C   1 
ATOM   877  O O   . LYS A 1 123 ? -10.334 13.711  18.130  1.00 9.23  ? 126 LYS A O   1 
ATOM   878  C CB  . LYS A 1 123 ? -11.626 14.573  21.008  1.00 13.37 ? 126 LYS A CB  1 
ATOM   879  C CG  . LYS A 1 123 ? -12.807 15.338  21.545  1.00 13.32 ? 126 LYS A CG  1 
ATOM   880  C CD  . LYS A 1 123 ? -12.403 16.220  22.715  1.00 38.04 ? 126 LYS A CD  1 
ATOM   881  C CE  . LYS A 1 123 ? -13.572 17.074  23.181  1.00 42.95 ? 126 LYS A CE  1 
ATOM   882  N NZ  . LYS A 1 123 ? -13.256 17.806  24.435  1.00 53.99 ? 126 LYS A NZ  1 
ATOM   883  N N   . ASN A 1 124 ? -10.146 12.052  19.644  1.00 8.60  ? 127 ASN A N   1 
ATOM   884  C CA  . ASN A 1 124 ? -8.966  11.484  18.997  1.00 7.53  ? 127 ASN A CA  1 
ATOM   885  C C   . ASN A 1 124 ? -9.305  10.965  17.605  1.00 6.37  ? 127 ASN A C   1 
ATOM   886  O O   . ASN A 1 124 ? -8.537  11.159  16.649  1.00 8.30  ? 127 ASN A O   1 
ATOM   887  C CB  . ASN A 1 124 ? -8.402  10.338  19.838  1.00 8.38  ? 127 ASN A CB  1 
ATOM   888  C CG  . ASN A 1 124 ? -7.738  10.801  21.115  1.00 9.51  ? 127 ASN A CG  1 
ATOM   889  O OD1 . ASN A 1 124 ? -7.462  11.976  21.298  1.00 12.01 ? 127 ASN A OD1 1 
ATOM   890  N ND2 . ASN A 1 124 ? -7.449  9.849   21.992  1.00 14.92 ? 127 ASN A ND2 1 
ATOM   891  N N   . LYS A 1 125 ? -10.444 10.274  17.471  1.00 7.22  ? 128 LYS A N   1 
ATOM   892  C CA  . LYS A 1 125 ? -10.842 9.748   16.172  1.00 7.72  ? 128 LYS A CA  1 
ATOM   893  C C   . LYS A 1 125 ? -11.351 10.834  15.228  1.00 6.94  ? 128 LYS A C   1 
ATOM   894  O O   . LYS A 1 125 ? -11.184 10.711  14.010  1.00 8.08  ? 128 LYS A O   1 
ATOM   895  C CB  . LYS A 1 125 ? -11.882 8.630   16.351  1.00 9.77  ? 128 LYS A CB  1 
ATOM   896  C CG  . LYS A 1 125 ? -11.352 7.401   17.111  1.00 14.23 ? 128 LYS A CG  1 
ATOM   897  C CD  . LYS A 1 125 ? -10.063 6.860   16.529  1.00 22.57 ? 128 LYS A CD  1 
ATOM   898  C CE  . LYS A 1 125 ? -9.696  5.504   17.138  1.00 21.65 ? 128 LYS A CE  1 
ATOM   899  N NZ  . LYS A 1 125 ? -9.283  5.582   18.562  1.00 28.91 ? 128 LYS A NZ  1 
ATOM   900  N N   . ARG A 1 126 ? -11.947 11.909  15.748  1.00 7.39  ? 129 ARG A N   1 
ATOM   901  C CA  . ARG A 1 126 ? -12.270 13.043  14.891  1.00 8.04  ? 129 ARG A CA  1 
ATOM   902  C C   . ARG A 1 126 ? -10.999 13.665  14.326  1.00 8.78  ? 129 ARG A C   1 
ATOM   903  O O   . ARG A 1 126 ? -10.923 13.989  13.131  1.00 7.36  ? 129 ARG A O   1 
ATOM   904  C CB  . ARG A 1 126 ? -13.049 14.068  15.697  1.00 9.26  ? 129 ARG A CB  1 
ATOM   905  C CG  . ARG A 1 126 ? -13.483 15.256  14.896  1.00 16.24 ? 129 ARG A CG  1 
ATOM   906  C CD  . ARG A 1 126 ? -14.423 16.139  15.681  1.00 15.39 ? 129 ARG A CD  1 
ATOM   907  N NE  . ARG A 1 126 ? -14.892 17.234  14.840  1.00 27.00 ? 129 ARG A NE  1 
ATOM   908  C CZ  . ARG A 1 126 ? -15.948 17.167  14.035  1.00 32.92 ? 129 ARG A CZ  1 
ATOM   909  N NH1 . ARG A 1 126 ? -16.675 16.060  13.966  1.00 31.09 ? 129 ARG A NH1 1 
ATOM   910  N NH2 . ARG A 1 126 ? -16.283 18.218  13.304  1.00 34.99 ? 129 ARG A NH2 1 
ATOM   911  N N   . GLN A 1 127 ? -9.972  13.818  15.167  1.00 6.92  ? 130 GLN A N   1 
ATOM   912  C CA  . GLN A 1 127 ? -8.701  14.346  14.683  1.00 7.73  ? 130 GLN A CA  1 
ATOM   913  C C   . GLN A 1 127 ? -8.089  13.414  13.650  1.00 9.10  ? 130 GLN A C   1 
ATOM   914  O O   . GLN A 1 127 ? -7.524  13.872  12.652  1.00 8.76  ? 130 GLN A O   1 
ATOM   915  C CB  . GLN A 1 127 ? -7.710  14.495  15.850  1.00 9.44  ? 130 GLN A CB  1 
ATOM   916  C CG  . GLN A 1 127 ? -6.456  15.273  15.472  1.00 10.54 ? 130 GLN A CG  1 
ATOM   917  C CD  . GLN A 1 127 ? -6.807  16.688  15.043  1.00 17.16 ? 130 GLN A CD  1 
ATOM   918  O OE1 . GLN A 1 127 ? -7.427  17.442  15.795  1.00 22.35 ? 130 GLN A OE1 1 
ATOM   919  N NE2 . GLN A 1 127 ? -6.447  17.039  13.818  1.00 19.43 ? 130 GLN A NE2 1 
ATOM   920  N N   . ALA A 1 128 ? -8.178  12.101  13.873  1.00 6.87  ? 131 ALA A N   1 
ATOM   921  C CA  . ALA A 1 128 ? -7.635  11.159  12.901  1.00 5.70  ? 131 ALA A CA  1 
ATOM   922  C C   . ALA A 1 128 ? -8.344  11.295  11.565  1.00 9.36  ? 131 ALA A C   1 
ATOM   923  O O   . ALA A 1 128 ? -7.721  11.198  10.501  1.00 7.28  ? 131 ALA A O   1 
ATOM   924  C CB  . ALA A 1 128 ? -7.794  9.724   13.420  1.00 8.39  ? 131 ALA A CB  1 
ATOM   925  N N   . ALA A 1 129 ? -9.656  11.526  11.597  1.00 7.67  ? 132 ALA A N   1 
ATOM   926  C CA  . ALA A 1 129 ? -10.387 11.773  10.369  1.00 7.41  ? 132 ALA A CA  1 
ATOM   927  C C   . ALA A 1 129 ? -9.911  13.043  9.675   1.00 9.04  ? 132 ALA A C   1 
ATOM   928  O O   . ALA A 1 129 ? -9.730  13.054  8.451   1.00 9.98  ? 132 ALA A O   1 
ATOM   929  C CB  . ALA A 1 129 ? -11.880 11.889  10.674  1.00 7.26  ? 132 ALA A CB  1 
ATOM   930  N N   . GLU A 1 130 ? -9.699  14.121  10.429  1.00 6.67  ? 133 GLU A N   1 
ATOM   931  C CA  . GLU A 1 130 ? -9.200  15.346  9.801   1.00 9.17  ? 133 GLU A CA  1 
ATOM   932  C C   . GLU A 1 130 ? -7.824  15.123  9.192   1.00 5.56  ? 133 GLU A C   1 
ATOM   933  O O   . GLU A 1 130 ? -7.542  15.597  8.080   1.00 10.44 ? 133 GLU A O   1 
ATOM   934  C CB  . GLU A 1 130 ? -9.207  16.514  10.795  1.00 12.28 ? 133 GLU A CB  1 
ATOM   935  C CG  . GLU A 1 130 ? -10.620 17.016  11.094  1.00 23.12 ? 133 GLU A CG  1 
ATOM   936  C CD  . GLU A 1 130 ? -10.707 17.904  12.324  1.00 62.49 ? 133 GLU A CD  1 
ATOM   937  O OE1 . GLU A 1 130 ? -9.654  18.217  12.915  1.00 63.69 ? 133 GLU A OE1 1 
ATOM   938  O OE2 . GLU A 1 130 ? -11.838 18.290  12.700  1.00 60.97 ? 133 GLU A OE2 1 
ATOM   939  N N   . GLN A 1 131 ? -6.959  14.357  9.870   1.00 6.84  ? 134 GLN A N   1 
ATOM   940  C CA  . GLN A 1 131 ? -5.638  14.106  9.316   1.00 8.30  ? 134 GLN A CA  1 
ATOM   941  C C   . GLN A 1 131 ? -5.714  13.228  8.079   1.00 8.82  ? 134 GLN A C   1 
ATOM   942  O O   . GLN A 1 131 ? -4.943  13.431  7.133   1.00 8.70  ? 134 GLN A O   1 
ATOM   943  C CB  . GLN A 1 131 ? -4.710  13.497  10.358  1.00 9.74  ? 134 GLN A CB  1 
ATOM   944  C CG  . GLN A 1 131 ? -4.418  14.406  11.543  1.00 11.25 ? 134 GLN A CG  1 
ATOM   945  C CD  . GLN A 1 131 ? -4.011  15.814  11.140  1.00 16.43 ? 134 GLN A CD  1 
ATOM   946  O OE1 . GLN A 1 131 ? -4.658  16.806  11.510  1.00 21.84 ? 134 GLN A OE1 1 
ATOM   947  N NE2 . GLN A 1 131 ? -2.924  15.912  10.404  1.00 14.58 ? 134 GLN A NE2 1 
ATOM   948  N N   . ALA A 1 132 ? -6.657  12.281  8.034   1.00 7.44  ? 135 ALA A N   1 
ATOM   949  C CA  . ALA A 1 132 ? -6.806  11.451  6.846   1.00 7.31  ? 135 ALA A CA  1 
ATOM   950  C C   . ALA A 1 132 ? -7.251  12.277  5.656   1.00 8.01  ? 135 ALA A C   1 
ATOM   951  O O   . ALA A 1 132 ? -6.798  12.048  4.537   1.00 7.77  ? 135 ALA A O   1 
ATOM   952  C CB  . ALA A 1 132 ? -7.802  10.331  7.114   1.00 6.95  ? 135 ALA A CB  1 
ATOM   953  N N   . ILE A 1 133 ? -8.137  13.247  5.885   1.00 7.51  ? 136 ILE A N   1 
ATOM   954  C CA  . ILE A 1 133 ? -8.565  14.136  4.809   1.00 8.36  ? 136 ILE A CA  1 
ATOM   955  C C   . ILE A 1 133 ? -7.403  14.980  4.323   1.00 7.30  ? 136 ILE A C   1 
ATOM   956  O O   . ILE A 1 133 ? -7.201  15.134  3.114   1.00 9.18  ? 136 ILE A O   1 
ATOM   957  C CB  . ILE A 1 133 ? -9.726  15.009  5.291   1.00 10.59 ? 136 ILE A CB  1 
ATOM   958  C CG1 . ILE A 1 133 ? -10.946 14.144  5.574   1.00 10.53 ? 136 ILE A CG1 1 
ATOM   959  C CG2 . ILE A 1 133 ? -10.035 16.082  4.251   1.00 13.59 ? 136 ILE A CG2 1 
ATOM   960  C CD1 . ILE A 1 133 ? -12.025 14.904  6.324   1.00 14.05 ? 136 ILE A CD1 1 
ATOM   961  N N   . GLN A 1 134 ? -6.593  15.506  5.243   1.00 10.30 ? 137 GLN A N   1 
ATOM   962  C CA  . GLN A 1 134 ? -5.431  16.285  4.808   1.00 10.42 ? 137 GLN A CA  1 
ATOM   963  C C   . GLN A 1 134 ? -4.455  15.432  4.015   1.00 9.76  ? 137 GLN A C   1 
ATOM   964  O O   . GLN A 1 134 ? -3.901  15.889  3.002   1.00 11.27 ? 137 GLN A O   1 
ATOM   965  C CB  . GLN A 1 134 ? -4.746  16.930  6.012   1.00 14.43 ? 137 GLN A CB  1 
ATOM   966  C CG  . GLN A 1 134 ? -5.585  18.027  6.659   1.00 21.07 ? 137 GLN A CG  1 
ATOM   967  C CD  . GLN A 1 134 ? -4.828  18.780  7.736   1.00 43.69 ? 137 GLN A CD  1 
ATOM   968  O OE1 . GLN A 1 134 ? -3.598  18.720  7.804   1.00 30.83 ? 137 GLN A OE1 1 
ATOM   969  N NE2 . GLN A 1 134 ? -5.559  19.492  8.587   1.00 54.78 ? 137 GLN A NE2 1 
ATOM   970  N N   . HIS A 1 135 ? -4.215  14.192  4.463   1.00 9.19  ? 138 HIS A N   1 
ATOM   971  C CA  . HIS A 1 135 ? -3.343  13.284  3.729   1.00 11.08 ? 138 HIS A CA  1 
ATOM   972  C C   . HIS A 1 135 ? -3.909  12.988  2.349   1.00 8.94  ? 138 HIS A C   1 
ATOM   973  O O   . HIS A 1 135 ? -3.183  13.045  1.353   1.00 9.41  ? 138 HIS A O   1 
ATOM   974  C CB  . HIS A 1 135 ? -3.135  11.986  4.505   1.00 12.39 ? 138 HIS A CB  1 
ATOM   975  C CG  . HIS A 1 135 ? -2.287  10.987  3.780   1.00 11.85 ? 138 HIS A CG  1 
ATOM   976  N ND1 . HIS A 1 135 ? -0.925  11.149  3.628   1.00 28.35 ? 138 HIS A ND1 1 
ATOM   977  C CD2 . HIS A 1 135 ? -2.603  9.838   3.137   1.00 19.42 ? 138 HIS A CD2 1 
ATOM   978  C CE1 . HIS A 1 135 ? -0.438  10.130  2.944   1.00 21.61 ? 138 HIS A CE1 1 
ATOM   979  N NE2 . HIS A 1 135 ? -1.434  9.327   2.624   1.00 16.24 ? 138 HIS A NE2 1 
ATOM   980  N N   . ALA A 1 136 ? -5.212  12.698  2.258   1.00 8.87  ? 139 ALA A N   1 
ATOM   981  C CA  . ALA A 1 136 ? -5.806  12.428  0.955   1.00 6.75  ? 139 ALA A CA  1 
ATOM   982  C C   . ALA A 1 136 ? -5.640  13.620  0.018   1.00 9.86  ? 139 ALA A C   1 
ATOM   983  O O   . ALA A 1 136 ? -5.296  13.447  -1.160  1.00 9.68  ? 139 ALA A O   1 
ATOM   984  C CB  . ALA A 1 136 ? -7.281  12.069  1.110   1.00 9.48  ? 139 ALA A CB  1 
ATOM   985  N N   . ASN A 1 137 ? -5.838  14.841  0.536   1.00 7.57  ? 140 ASN A N   1 
ATOM   986  C CA  . ASN A 1 137 ? -5.728  16.019  -0.322  1.00 8.67  ? 140 ASN A CA  1 
ATOM   987  C C   . ASN A 1 137 ? -4.312  16.169  -0.853  1.00 9.86  ? 140 ASN A C   1 
ATOM   988  O O   . ASN A 1 137 ? -4.117  16.484  -2.035  1.00 10.44 ? 140 ASN A O   1 
ATOM   989  C CB  . ASN A 1 137 ? -6.159  17.273  0.441   1.00 12.30 ? 140 ASN A CB  1 
ATOM   990  C CG  . ASN A 1 137 ? -7.659  17.401  0.522   1.00 13.45 ? 140 ASN A CG  1 
ATOM   991  O OD1 . ASN A 1 137 ? -8.370  16.890  -0.329  1.00 20.29 ? 140 ASN A OD1 1 
ATOM   992  N ND2 . ASN A 1 137 ? -8.144  18.115  1.529   1.00 17.02 ? 140 ASN A ND2 1 
ATOM   993  N N   . SER A 1 138 ? -3.317  15.898  -0.016  1.00 9.07  ? 141 SER A N   1 
ATOM   994  C CA  . SER A 1 138 ? -1.926  15.975  -0.469  1.00 9.48  ? 141 SER A CA  1 
ATOM   995  C C   . SER A 1 138 ? -1.649  14.977  -1.581  1.00 13.52 ? 141 SER A C   1 
ATOM   996  O O   . SER A 1 138 ? -0.970  15.300  -2.559  1.00 14.07 ? 141 SER A O   1 
ATOM   997  C CB  . SER A 1 138 ? -0.970  15.766  0.705   1.00 13.76 ? 141 SER A CB  1 
ATOM   998  O OG  . SER A 1 138 ? -0.946  14.416  1.134   1.00 27.88 ? 141 SER A OG  1 
ATOM   999  N N   . VAL A 1 139 ? -2.180  13.763  -1.460  1.00 8.95  ? 142 VAL A N   1 
ATOM   1000 C CA  . VAL A 1 139 ? -1.990  12.757  -2.495  1.00 9.16  ? 142 VAL A CA  1 
ATOM   1001 C C   . VAL A 1 139 ? -2.743  13.126  -3.767  1.00 8.42  ? 142 VAL A C   1 
ATOM   1002 O O   . VAL A 1 139 ? -2.189  13.044  -4.872  1.00 9.05  ? 142 VAL A O   1 
ATOM   1003 C CB  . VAL A 1 139 ? -2.403  11.375  -1.969  1.00 7.33  ? 142 VAL A CB  1 
ATOM   1004 C CG1 . VAL A 1 139 ? -2.355  10.373  -3.105  1.00 9.51  ? 142 VAL A CG1 1 
ATOM   1005 C CG2 . VAL A 1 139 ? -1.437  10.942  -0.845  1.00 11.99 ? 142 VAL A CG2 1 
ATOM   1006 N N   . ILE A 1 140 ? -3.999  13.561  -3.629  1.00 9.84  ? 143 ILE A N   1 
ATOM   1007 C CA  . ILE A 1 140 ? -4.807  13.945  -4.784  1.00 10.28 ? 143 ILE A CA  1 
ATOM   1008 C C   . ILE A 1 140 ? -4.103  15.021  -5.598  1.00 8.36  ? 143 ILE A C   1 
ATOM   1009 O O   . ILE A 1 140 ? -4.082  14.976  -6.837  1.00 10.89 ? 143 ILE A O   1 
ATOM   1010 C CB  . ILE A 1 140 ? -6.195  14.408  -4.308  1.00 8.19  ? 143 ILE A CB  1 
ATOM   1011 C CG1 . ILE A 1 140 ? -7.014  13.207  -3.824  1.00 9.20  ? 143 ILE A CG1 1 
ATOM   1012 C CG2 . ILE A 1 140 ? -6.935  15.140  -5.441  1.00 11.12 ? 143 ILE A CG2 1 
ATOM   1013 C CD1 . ILE A 1 140 ? -8.154  13.593  -2.896  1.00 9.64  ? 143 ILE A CD1 1 
ATOM   1014 N N   . ASN A 1 141 ? -3.503  15.993  -4.918  1.00 10.03 ? 144 ASN A N   1 
ATOM   1015 C CA  . ASN A 1 141 ? -2.840  17.099  -5.589  1.00 10.28 ? 144 ASN A CA  1 
ATOM   1016 C C   . ASN A 1 141 ? -1.442  16.769  -6.092  1.00 13.18 ? 144 ASN A C   1 
ATOM   1017 O O   . ASN A 1 141 ? -0.806  17.643  -6.699  1.00 17.12 ? 144 ASN A O   1 
ATOM   1018 C CB  . ASN A 1 141 ? -2.853  18.322  -4.683  1.00 16.55 ? 144 ASN A CB  1 
ATOM   1019 C CG  . ASN A 1 141 ? -4.250  18.895  -4.524  1.00 24.43 ? 144 ASN A CG  1 
ATOM   1020 O OD1 . ASN A 1 141 ? -4.736  19.071  -3.408  1.00 38.88 ? 144 ASN A OD1 1 
ATOM   1021 N ND2 . ASN A 1 141 ? -4.923  19.154  -5.651  1.00 21.14 ? 144 ASN A ND2 1 
ATOM   1022 N N   . ASN A 1 142 ? -0.954  15.550  -5.899  1.00 10.09 ? 145 ASN A N   1 
ATOM   1023 C CA  . ASN A 1 142 ? 0.397   15.177  -6.323  1.00 11.02 ? 145 ASN A CA  1 
ATOM   1024 C C   . ASN A 1 142 ? 0.286   14.426  -7.645  1.00 10.11 ? 145 ASN A C   1 
ATOM   1025 O O   . ASN A 1 142 ? -0.066  13.244  -7.674  1.00 8.89  ? 145 ASN A O   1 
ATOM   1026 C CB  . ASN A 1 142 ? 1.053   14.302  -5.257  1.00 10.07 ? 145 ASN A CB  1 
ATOM   1027 C CG  . ASN A 1 142 ? 2.412   13.778  -5.681  1.00 12.52 ? 145 ASN A CG  1 
ATOM   1028 O OD1 . ASN A 1 142 ? 2.989   14.245  -6.669  1.00 13.48 ? 145 ASN A OD1 1 
ATOM   1029 N ND2 . ASN A 1 142 ? 2.933   12.806  -4.937  1.00 15.32 ? 145 ASN A ND2 1 
ATOM   1030 N N   . GLY A 1 143 ? 0.636   15.101  -8.747  1.00 9.23  ? 146 GLY A N   1 
ATOM   1031 C CA  . GLY A 1 143 ? 0.600   14.460  -10.054 1.00 9.82  ? 146 GLY A CA  1 
ATOM   1032 C C   . GLY A 1 143 ? 1.540   13.276  -10.201 1.00 7.92  ? 146 GLY A C   1 
ATOM   1033 O O   . GLY A 1 143 ? 1.350   12.457  -11.106 1.00 8.95  ? 146 GLY A O   1 
ATOM   1034 N N   . ASP A 1 144 ? 2.545   13.167  -9.335  1.00 7.68  ? 147 ASP A N   1 
ATOM   1035 C CA  . ASP A 1 144 ? 3.478   12.054  -9.353  1.00 9.66  ? 147 ASP A CA  1 
ATOM   1036 C C   . ASP A 1 144 ? 3.012   10.884  -8.496  1.00 11.31 ? 147 ASP A C   1 
ATOM   1037 O O   . ASP A 1 144 ? 3.748   9.897   -8.369  1.00 12.00 ? 147 ASP A O   1 
ATOM   1038 C CB  . ASP A 1 144 ? 4.849   12.507  -8.846  1.00 8.98  ? 147 ASP A CB  1 
ATOM   1039 C CG  . ASP A 1 144 ? 5.575   13.406  -9.828  1.00 13.87 ? 147 ASP A CG  1 
ATOM   1040 O OD1 . ASP A 1 144 ? 5.395   13.251  -11.048 1.00 10.49 ? 147 ASP A OD1 1 
ATOM   1041 O OD2 . ASP A 1 144 ? 6.362   14.254  -9.371  1.00 17.83 ? 147 ASP A OD2 1 
ATOM   1042 N N   . ALA A 1 145 ? 1.832   10.980  -7.885  1.00 9.80  ? 148 ALA A N   1 
ATOM   1043 C CA  . ALA A 1 145 ? 1.388   9.943   -6.964  1.00 9.37  ? 148 ALA A CA  1 
ATOM   1044 C C   . ALA A 1 145 ? 1.328   8.582   -7.652  1.00 8.21  ? 148 ALA A C   1 
ATOM   1045 O O   . ALA A 1 145 ? 0.916   8.462   -8.804  1.00 10.21 ? 148 ALA A O   1 
ATOM   1046 C CB  . ALA A 1 145 ? -0.006  10.288  -6.444  1.00 9.91  ? 148 ALA A CB  1 
ATOM   1047 N N   . THR A 1 146 ? 1.752   7.540   -6.933  1.00 9.60  ? 149 THR A N   1 
ATOM   1048 C CA  . THR A 1 146 ? 1.686   6.180   -7.440  1.00 9.00  ? 149 THR A CA  1 
ATOM   1049 C C   . THR A 1 146 ? 0.357   5.529   -7.059  1.00 7.93  ? 149 THR A C   1 
ATOM   1050 O O   . THR A 1 146 ? -0.357  5.991   -6.163  1.00 9.54  ? 149 THR A O   1 
ATOM   1051 C CB  . THR A 1 146 ? 2.827   5.347   -6.849  1.00 12.06 ? 149 THR A CB  1 
ATOM   1052 O OG1 . THR A 1 146 ? 2.644   5.220   -5.430  1.00 11.16 ? 149 THR A OG1 1 
ATOM   1053 C CG2 . THR A 1 146 ? 4.186   6.002   -7.112  1.00 13.31 ? 149 THR A CG2 1 
ATOM   1054 N N   A SER A 1 147 ? 0.031   4.438   -7.757  0.17 8.74  ? 150 SER A N   1 
ATOM   1055 N N   B SER A 1 147 ? 0.021   4.449   -7.770  0.39 8.66  ? 150 SER A N   1 
ATOM   1056 N N   C SER A 1 147 ? 0.028   4.447   -7.771  0.44 8.65  ? 150 SER A N   1 
ATOM   1057 C CA  A SER A 1 147 ? -1.164  3.683   -7.397  0.17 9.93  ? 150 SER A CA  1 
ATOM   1058 C CA  B SER A 1 147 ? -1.160  3.679   -7.393  0.39 9.90  ? 150 SER A CA  1 
ATOM   1059 C CA  C SER A 1 147 ? -1.146  3.662   -7.408  0.44 9.90  ? 150 SER A CA  1 
ATOM   1060 C C   A SER A 1 147 ? -1.082  3.166   -5.968  0.17 9.76  ? 150 SER A C   1 
ATOM   1061 C C   B SER A 1 147 ? -1.071  3.234   -5.941  0.39 9.80  ? 150 SER A C   1 
ATOM   1062 C C   C SER A 1 147 ? -1.072  3.220   -5.955  0.44 9.79  ? 150 SER A C   1 
ATOM   1063 O O   A SER A 1 147 ? -2.110  3.061   -5.288  0.17 9.32  ? 150 SER A O   1 
ATOM   1064 O O   B SER A 1 147 ? -2.075  3.246   -5.219  0.39 8.95  ? 150 SER A O   1 
ATOM   1065 O O   C SER A 1 147 ? -2.082  3.226   -5.243  0.44 8.97  ? 150 SER A O   1 
ATOM   1066 C CB  A SER A 1 147 ? -1.394  2.536   -8.381  0.17 12.59 ? 150 SER A CB  1 
ATOM   1067 C CB  B SER A 1 147 ? -1.324  2.462   -8.301  0.39 12.61 ? 150 SER A CB  1 
ATOM   1068 C CB  C SER A 1 147 ? -1.261  2.446   -8.327  0.44 12.62 ? 150 SER A CB  1 
ATOM   1069 O OG  A SER A 1 147 ? -0.255  1.701   -8.476  0.17 9.41  ? 150 SER A OG  1 
ATOM   1070 O OG  B SER A 1 147 ? -2.416  1.668   -7.868  0.39 11.64 ? 150 SER A OG  1 
ATOM   1071 O OG  C SER A 1 147 ? -1.357  2.851   -9.681  0.44 10.68 ? 150 SER A OG  1 
ATOM   1072 N N   . GLN A 1 148 ? 0.128   2.856   -5.490  1.00 8.71  ? 151 GLN A N   1 
ATOM   1073 C CA  . GLN A 1 148 ? 0.301   2.453   -4.098  1.00 8.56  ? 151 GLN A CA  1 
ATOM   1074 C C   . GLN A 1 148 ? -0.055  3.594   -3.145  1.00 7.24  ? 151 GLN A C   1 
ATOM   1075 O O   . GLN A 1 148 ? -0.804  3.405   -2.172  1.00 8.22  ? 151 GLN A O   1 
ATOM   1076 C CB  . GLN A 1 148 ? 1.743   1.995   -3.848  1.00 8.66  ? 151 GLN A CB  1 
ATOM   1077 C CG  . GLN A 1 148 ? 1.977   1.524   -2.414  1.00 9.10  ? 151 GLN A CG  1 
ATOM   1078 C CD  . GLN A 1 148 ? 1.444   0.135   -2.196  1.00 9.47  ? 151 GLN A CD  1 
ATOM   1079 O OE1 . GLN A 1 148 ? 1.688   -0.765  -2.993  1.00 11.30 ? 151 GLN A OE1 1 
ATOM   1080 N NE2 . GLN A 1 148 ? 0.666   -0.038  -1.135  1.00 10.52 ? 151 GLN A NE2 1 
ATOM   1081 N N   . GLN A 1 149 ? 0.449   4.802   -3.415  1.00 8.96  ? 152 GLN A N   1 
ATOM   1082 C CA  . GLN A 1 149 ? 0.165   5.927   -2.530  1.00 6.45  ? 152 GLN A CA  1 
ATOM   1083 C C   . GLN A 1 149 ? -1.317  6.264   -2.518  1.00 6.39  ? 152 GLN A C   1 
ATOM   1084 O O   . GLN A 1 149 ? -1.875  6.584   -1.464  1.00 8.19  ? 152 GLN A O   1 
ATOM   1085 C CB  . GLN A 1 149 ? 0.962   7.154   -2.952  1.00 9.76  ? 152 GLN A CB  1 
ATOM   1086 C CG  . GLN A 1 149 ? 2.450   7.061   -2.632  1.00 11.35 ? 152 GLN A CG  1 
ATOM   1087 C CD  . GLN A 1 149 ? 3.216   8.192   -3.270  1.00 18.62 ? 152 GLN A CD  1 
ATOM   1088 O OE1 . GLN A 1 149 ? 3.004   8.507   -4.439  1.00 14.73 ? 152 GLN A OE1 1 
ATOM   1089 N NE2 . GLN A 1 149 ? 4.102   8.821   -2.502  1.00 29.83 ? 152 GLN A NE2 1 
ATOM   1090 N N   . ILE A 1 150 ? -1.967  6.194   -3.677  1.00 7.33  ? 153 ILE A N   1 
ATOM   1091 C CA  . ILE A 1 150 ? -3.391  6.509   -3.748  1.00 8.01  ? 153 ILE A CA  1 
ATOM   1092 C C   . ILE A 1 150 ? -4.189  5.490   -2.956  1.00 6.23  ? 153 ILE A C   1 
ATOM   1093 O O   . ILE A 1 150 ? -5.085  5.839   -2.175  1.00 6.20  ? 153 ILE A O   1 
ATOM   1094 C CB  . ILE A 1 150 ? -3.826  6.540   -5.218  1.00 5.40  ? 153 ILE A CB  1 
ATOM   1095 C CG1 . ILE A 1 150 ? -3.228  7.787   -5.870  1.00 8.51  ? 153 ILE A CG1 1 
ATOM   1096 C CG2 . ILE A 1 150 ? -5.358  6.441   -5.337  1.00 6.81  ? 153 ILE A CG2 1 
ATOM   1097 C CD1 . ILE A 1 150 ? -3.373  7.816   -7.379  1.00 8.57  ? 153 ILE A CD1 1 
ATOM   1098 N N   . ASN A 1 151 ? -3.864  4.210   -3.130  1.00 6.32  ? 154 ASN A N   1 
ATOM   1099 C CA  A ASN A 1 151 ? -4.607  3.139   -2.465  0.55 8.90  ? 154 ASN A CA  1 
ATOM   1100 C CA  B ASN A 1 151 ? -4.667  3.209   -2.453  0.45 9.05  ? 154 ASN A CA  1 
ATOM   1101 C C   . ASN A 1 151 ? -4.377  3.167   -0.961  1.00 7.89  ? 154 ASN A C   1 
ATOM   1102 O O   . ASN A 1 151 ? -5.303  2.933   -0.173  1.00 8.61  ? 154 ASN A O   1 
ATOM   1103 C CB  A ASN A 1 151 ? -4.187  1.791   -3.053  0.55 11.42 ? 154 ASN A CB  1 
ATOM   1104 C CB  B ASN A 1 151 ? -4.546  1.859   -3.137  0.45 10.47 ? 154 ASN A CB  1 
ATOM   1105 C CG  A ASN A 1 151 ? -5.001  0.623   -2.507  0.55 13.53 ? 154 ASN A CG  1 
ATOM   1106 C CG  B ASN A 1 151 ? -5.383  1.774   -4.401  0.45 14.85 ? 154 ASN A CG  1 
ATOM   1107 O OD1 A ASN A 1 151 ? -4.506  -0.178  -1.706  0.55 14.25 ? 154 ASN A OD1 1 
ATOM   1108 O OD1 B ASN A 1 151 ? -6.546  2.188   -4.431  0.45 17.29 ? 154 ASN A OD1 1 
ATOM   1109 N ND2 A ASN A 1 151 ? -6.241  0.510   -2.961  0.55 12.52 ? 154 ASN A ND2 1 
ATOM   1110 N ND2 B ASN A 1 151 ? -4.787  1.243   -5.462  0.45 22.40 ? 154 ASN A ND2 1 
ATOM   1111 N N   . ASP A 1 152 ? -3.139  3.439   -0.548  1.00 8.07  ? 155 ASP A N   1 
ATOM   1112 C CA  . ASP A 1 152 ? -2.843  3.591   0.872   1.00 8.39  ? 155 ASP A CA  1 
ATOM   1113 C C   . ASP A 1 152 ? -3.697  4.706   1.465   1.00 5.56  ? 155 ASP A C   1 
ATOM   1114 O O   . ASP A 1 152 ? -4.289  4.556   2.539   1.00 7.37  ? 155 ASP A O   1 
ATOM   1115 C CB  . ASP A 1 152 ? -1.361  3.943   1.072   1.00 8.22  ? 155 ASP A CB  1 
ATOM   1116 C CG  . ASP A 1 152 ? -0.423  2.794   0.781   1.00 11.12 ? 155 ASP A CG  1 
ATOM   1117 O OD1 . ASP A 1 152 ? -0.898  1.680   0.527   1.00 12.96 ? 155 ASP A OD1 1 
ATOM   1118 O OD2 . ASP A 1 152 ? 0.798   3.069   0.797   1.00 12.78 ? 155 ASP A OD2 1 
ATOM   1119 N N   . ALA A 1 153 ? -3.752  5.856   0.784   1.00 7.39  ? 156 ALA A N   1 
ATOM   1120 C CA  . ALA A 1 153 ? -4.522  6.980   1.306   1.00 6.73  ? 156 ALA A CA  1 
ATOM   1121 C C   . ALA A 1 153 ? -6.010  6.661   1.336   1.00 5.82  ? 156 ALA A C   1 
ATOM   1122 O O   . ALA A 1 153 ? -6.704  7.017   2.295   1.00 6.73  ? 156 ALA A O   1 
ATOM   1123 C CB  . ALA A 1 153 ? -4.241  8.238   0.475   1.00 8.77  ? 156 ALA A CB  1 
ATOM   1124 N N   . LYS A 1 154 ? -6.485  5.892   0.355   1.00 5.48  ? 157 LYS A N   1 
ATOM   1125 C CA  . LYS A 1 154 ? -7.889  5.510   0.351   1.00 6.80  ? 157 LYS A CA  1 
ATOM   1126 C C   . LYS A 1 154 ? -8.194  4.607   1.532   1.00 6.94  ? 157 LYS A C   1 
ATOM   1127 O O   . LYS A 1 154 ? -9.205  4.793   2.234   1.00 7.80  ? 157 LYS A O   1 
ATOM   1128 C CB  . LYS A 1 154 ? -8.212  4.824   -0.978  1.00 7.83  ? 157 LYS A CB  1 
ATOM   1129 C CG  . LYS A 1 154 ? -9.675  4.369   -1.144  1.00 10.73 ? 157 LYS A CG  1 
ATOM   1130 C CD  . LYS A 1 154 ? -9.864  3.785   -2.544  1.00 13.62 ? 157 LYS A CD  1 
ATOM   1131 C CE  . LYS A 1 154 ? -11.292 3.296   -2.748  1.00 22.39 ? 157 LYS A CE  1 
ATOM   1132 N NZ  . LYS A 1 154 ? -11.586 2.100   -1.904  1.00 22.06 ? 157 LYS A NZ  1 
ATOM   1133 N N   . ASN A 1 155 ? -7.310  3.646   1.791   1.00 6.44  ? 158 ASN A N   1 
ATOM   1134 C CA  . ASN A 1 155 ? -7.540  2.752   2.916   1.00 7.23  ? 158 ASN A CA  1 
ATOM   1135 C C   . ASN A 1 155 ? -7.481  3.508   4.234   1.00 7.29  ? 158 ASN A C   1 
ATOM   1136 O O   . ASN A 1 155 ? -8.271  3.234   5.139   1.00 8.14  ? 158 ASN A O   1 
ATOM   1137 C CB  . ASN A 1 155 ? -6.537  1.606   2.852   1.00 9.02  ? 158 ASN A CB  1 
ATOM   1138 C CG  . ASN A 1 155 ? -6.929  0.567   1.817   1.00 12.01 ? 158 ASN A CG  1 
ATOM   1139 O OD1 . ASN A 1 155 ? -8.111  0.301   1.597   1.00 17.10 ? 158 ASN A OD1 1 
ATOM   1140 N ND2 . ASN A 1 155 ? -5.939  -0.022  1.185   1.00 12.22 ? 158 ASN A ND2 1 
ATOM   1141 N N   . THR A 1 156 ? -6.574  4.479   4.359   1.00 6.81  ? 159 THR A N   1 
ATOM   1142 C CA  . THR A 1 156 ? -6.524  5.306   5.558   1.00 7.05  ? 159 THR A CA  1 
ATOM   1143 C C   . THR A 1 156 ? -7.801  6.114   5.746   1.00 6.24  ? 159 THR A C   1 
ATOM   1144 O O   . THR A 1 156 ? -8.326  6.200   6.858   1.00 7.40  ? 159 THR A O   1 
ATOM   1145 C CB  . THR A 1 156 ? -5.302  6.220   5.487   1.00 7.78  ? 159 THR A CB  1 
ATOM   1146 O OG1 . THR A 1 156 ? -4.128  5.396   5.502   1.00 12.89 ? 159 THR A OG1 1 
ATOM   1147 C CG2 . THR A 1 156 ? -5.263  7.184   6.662   1.00 10.15 ? 159 THR A CG2 1 
ATOM   1148 N N   . VAL A 1 157 ? -8.321  6.696   4.667   1.00 7.40  ? 160 VAL A N   1 
ATOM   1149 C CA  . VAL A 1 157 ? -9.581  7.432   4.740   1.00 6.91  ? 160 VAL A CA  1 
ATOM   1150 C C   . VAL A 1 157 ? -10.706 6.504   5.196   1.00 8.17  ? 160 VAL A C   1 
ATOM   1151 O O   . VAL A 1 157 ? -11.509 6.844   6.077   1.00 7.44  ? 160 VAL A O   1 
ATOM   1152 C CB  . VAL A 1 157 ? -9.883  8.047   3.371   1.00 7.47  ? 160 VAL A CB  1 
ATOM   1153 C CG1 . VAL A 1 157 ? -11.330 8.494   3.331   1.00 6.80  ? 160 VAL A CG1 1 
ATOM   1154 C CG2 . VAL A 1 157 ? -8.944  9.240   3.088   1.00 9.19  ? 160 VAL A CG2 1 
ATOM   1155 N N   . GLU A 1 158 ? -10.767 5.306   4.614   1.00 6.73  ? 161 GLU A N   1 
ATOM   1156 C CA  . GLU A 1 158 ? -11.868 4.403   4.944   1.00 9.86  ? 161 GLU A CA  1 
ATOM   1157 C C   . GLU A 1 158 ? -11.760 3.916   6.378   1.00 9.39  ? 161 GLU A C   1 
ATOM   1158 O O   . GLU A 1 158 ? -12.778 3.780   7.072   1.00 8.29  ? 161 GLU A O   1 
ATOM   1159 C CB  . GLU A 1 158 ? -11.924 3.237   3.953   1.00 7.43  ? 161 GLU A CB  1 
ATOM   1160 C CG  . GLU A 1 158 ? -12.355 3.699   2.566   1.00 8.76  ? 161 GLU A CG  1 
ATOM   1161 C CD  . GLU A 1 158 ? -12.369 2.597   1.529   1.00 14.09 ? 161 GLU A CD  1 
ATOM   1162 O OE1 . GLU A 1 158 ? -11.847 1.499   1.803   1.00 18.64 ? 161 GLU A OE1 1 
ATOM   1163 O OE2 . GLU A 1 158 ? -12.879 2.866   0.415   1.00 22.68 ? 161 GLU A OE2 1 
ATOM   1164 N N   . GLN A 1 159 ? -10.538 3.660   6.848   1.00 7.69  ? 162 GLN A N   1 
ATOM   1165 C CA  . GLN A 1 159 ? -10.355 3.271   8.238   1.00 7.30  ? 162 GLN A CA  1 
ATOM   1166 C C   . GLN A 1 159 ? -10.709 4.415   9.172   1.00 8.25  ? 162 GLN A C   1 
ATOM   1167 O O   . GLN A 1 159 ? -11.364 4.199   10.201  1.00 8.18  ? 162 GLN A O   1 
ATOM   1168 C CB  . GLN A 1 159 ? -8.908  2.814   8.465   1.00 9.89  ? 162 GLN A CB  1 
ATOM   1169 C CG  . GLN A 1 159 ? -8.598  2.558   9.941   1.00 11.01 ? 162 GLN A CG  1 
ATOM   1170 C CD  . GLN A 1 159 ? -7.164  2.136   10.197  1.00 31.28 ? 162 GLN A CD  1 
ATOM   1171 O OE1 . GLN A 1 159 ? -6.605  2.428   11.254  1.00 43.45 ? 162 GLN A OE1 1 
ATOM   1172 N NE2 . GLN A 1 159 ? -6.571  1.424   9.244   1.00 42.21 ? 162 GLN A NE2 1 
ATOM   1173 N N   . ALA A 1 160 ? -10.307 5.647   8.832   1.00 9.14  ? 163 ALA A N   1 
ATOM   1174 C CA  . ALA A 1 160 ? -10.634 6.784   9.675   1.00 8.41  ? 163 ALA A CA  1 
ATOM   1175 C C   . ALA A 1 160 ? -12.139 6.994   9.743   1.00 8.05  ? 163 ALA A C   1 
ATOM   1176 O O   . ALA A 1 160 ? -12.678 7.324   10.804  1.00 8.52  ? 163 ALA A O   1 
ATOM   1177 C CB  . ALA A 1 160 ? -9.908  8.041   9.186   1.00 9.42  ? 163 ALA A CB  1 
ATOM   1178 N N   . GLN A 1 161 ? -12.843 6.732   8.638   1.00 7.82  ? 164 GLN A N   1 
ATOM   1179 C CA  . GLN A 1 161 ? -14.296 6.867   8.661   1.00 7.09  ? 164 GLN A CA  1 
ATOM   1180 C C   . GLN A 1 161 ? -14.907 5.808   9.562   1.00 8.42  ? 164 GLN A C   1 
ATOM   1181 O O   . GLN A 1 161 ? -15.753 6.107   10.405  1.00 8.24  ? 164 GLN A O   1 
ATOM   1182 C CB  . GLN A 1 161 ? -14.866 6.746   7.251   1.00 9.57  ? 164 GLN A CB  1 
ATOM   1183 C CG  . GLN A 1 161 ? -16.371 6.998   7.199   1.00 11.96 ? 164 GLN A CG  1 
ATOM   1184 C CD  . GLN A 1 161 ? -16.872 7.235   5.799   1.00 13.91 ? 164 GLN A CD  1 
ATOM   1185 O OE1 . GLN A 1 161 ? -16.267 7.980   5.033   1.00 20.34 ? 164 GLN A OE1 1 
ATOM   1186 N NE2 . GLN A 1 161 ? -17.972 6.584   5.448   1.00 24.47 ? 164 GLN A NE2 1 
ATOM   1187 N N   . ARG A 1 162 ? -14.471 4.561   9.404   1.00 8.21  ? 165 ARG A N   1 
ATOM   1188 C CA  . ARG A 1 162 ? -14.981 3.478   10.236  1.00 8.38  ? 165 ARG A CA  1 
ATOM   1189 C C   . ARG A 1 162 ? -14.729 3.757   11.716  1.00 8.97  ? 165 ARG A C   1 
ATOM   1190 O O   . ARG A 1 162 ? -15.621 3.594   12.562  1.00 9.10  ? 165 ARG A O   1 
ATOM   1191 C CB  . ARG A 1 162 ? -14.256 2.200   9.794   1.00 13.23 ? 165 ARG A CB  1 
ATOM   1192 C CG  . ARG A 1 162 ? -14.496 0.969   10.620  1.00 17.69 ? 165 ARG A CG  1 
ATOM   1193 C CD  . ARG A 1 162 ? -13.938 -0.287  9.934   1.00 14.57 ? 165 ARG A CD  1 
ATOM   1194 N NE  . ARG A 1 162 ? -12.544 -0.198  9.514   1.00 22.01 ? 165 ARG A NE  1 
ATOM   1195 C CZ  . ARG A 1 162 ? -12.127 -0.159  8.247   1.00 17.22 ? 165 ARG A CZ  1 
ATOM   1196 N NH1 . ARG A 1 162 ? -12.982 -0.185  7.234   1.00 19.66 ? 165 ARG A NH1 1 
ATOM   1197 N NH2 . ARG A 1 162 ? -10.841 -0.073  7.992   1.00 18.66 ? 165 ARG A NH2 1 
ATOM   1198 N N   . ASP A 1 163 ? -13.525 4.210   12.042  1.00 7.43  ? 166 ASP A N   1 
ATOM   1199 C CA  . ASP A 1 163 ? -13.166 4.454   13.438  1.00 7.29  ? 166 ASP A CA  1 
ATOM   1200 C C   . ASP A 1 163 ? -13.956 5.622   13.990  1.00 8.49  ? 166 ASP A C   1 
ATOM   1201 O O   . ASP A 1 163 ? -14.353 5.620   15.157  1.00 8.71  ? 166 ASP A O   1 
ATOM   1202 C CB  . ASP A 1 163 ? -11.667 4.797   13.560  1.00 8.54  ? 166 ASP A CB  1 
ATOM   1203 C CG  . ASP A 1 163 ? -10.754 3.624   13.270  1.00 9.84  ? 166 ASP A CG  1 
ATOM   1204 O OD1 . ASP A 1 163 ? -11.227 2.471   13.185  1.00 12.86 ? 166 ASP A OD1 1 
ATOM   1205 O OD2 . ASP A 1 163 ? -9.535  3.867   13.119  1.00 12.11 ? 166 ASP A OD2 1 
ATOM   1206 N N   . TYR A 1 164 ? -14.155 6.642   13.178  1.00 9.56  ? 167 TYR A N   1 
ATOM   1207 C CA  . TYR A 1 164 ? -14.916 7.797   13.616  1.00 6.78  ? 167 TYR A CA  1 
ATOM   1208 C C   . TYR A 1 164 ? -16.353 7.425   13.932  1.00 11.88 ? 167 TYR A C   1 
ATOM   1209 O O   . TYR A 1 164 ? -16.892 7.809   14.978  1.00 8.09  ? 167 TYR A O   1 
ATOM   1210 C CB  . TYR A 1 164 ? -14.861 8.886   12.545  1.00 8.59  ? 167 TYR A CB  1 
ATOM   1211 C CG  . TYR A 1 164 ? -15.715 10.070  12.913  1.00 9.60  ? 167 TYR A CG  1 
ATOM   1212 C CD1 . TYR A 1 164 ? -15.275 10.991  13.861  1.00 12.11 ? 167 TYR A CD1 1 
ATOM   1213 C CD2 . TYR A 1 164 ? -16.984 10.250  12.354  1.00 13.67 ? 167 TYR A CD2 1 
ATOM   1214 C CE1 . TYR A 1 164 ? -16.067 12.074  14.233  1.00 13.58 ? 167 TYR A CE1 1 
ATOM   1215 C CE2 . TYR A 1 164 ? -17.787 11.313  12.731  1.00 14.09 ? 167 TYR A CE2 1 
ATOM   1216 C CZ  . TYR A 1 164 ? -17.320 12.226  13.663  1.00 12.92 ? 167 TYR A CZ  1 
ATOM   1217 O OH  . TYR A 1 164 ? -18.125 13.283  14.037  1.00 14.70 ? 167 TYR A OH  1 
ATOM   1218 N N   . VAL A 1 165 ? -16.995 6.681   13.030  1.00 8.06  ? 168 VAL A N   1 
ATOM   1219 C CA  . VAL A 1 165 ? -18.380 6.291   13.272  1.00 11.25 ? 168 VAL A CA  1 
ATOM   1220 C C   . VAL A 1 165 ? -18.478 5.458   14.538  1.00 10.42 ? 168 VAL A C   1 
ATOM   1221 O O   . VAL A 1 165 ? -19.382 5.652   15.363  1.00 10.97 ? 168 VAL A O   1 
ATOM   1222 C CB  . VAL A 1 165 ? -18.941 5.547   12.048  1.00 8.66  ? 168 VAL A CB  1 
ATOM   1223 C CG1 . VAL A 1 165 ? -20.333 4.971   12.398  1.00 9.57  ? 168 VAL A CG1 1 
ATOM   1224 C CG2 . VAL A 1 165 ? -19.023 6.502   10.879  1.00 10.31 ? 168 VAL A CG2 1 
ATOM   1225 N N   . GLU A 1 166 ? -17.522 4.547   14.743  1.00 7.63  ? 169 GLU A N   1 
ATOM   1226 C CA  . GLU A 1 166 ? -17.589 3.702   15.932  1.00 9.24  ? 169 GLU A CA  1 
ATOM   1227 C C   . GLU A 1 166 ? -17.378 4.506   17.210  1.00 11.67 ? 169 GLU A C   1 
ATOM   1228 O O   . GLU A 1 166 ? -18.040 4.246   18.226  1.00 12.47 ? 169 GLU A O   1 
ATOM   1229 C CB  . GLU A 1 166 ? -16.620 2.523   15.836  1.00 10.44 ? 169 GLU A CB  1 
ATOM   1230 C CG  . GLU A 1 166 ? -16.662 1.613   17.048  1.00 12.57 ? 169 GLU A CG  1 
ATOM   1231 C CD  . GLU A 1 166 ? -16.180 0.221   16.739  1.00 16.70 ? 169 GLU A CD  1 
ATOM   1232 O OE1 . GLU A 1 166 ? -16.669 -0.397  15.765  1.00 15.63 ? 169 GLU A OE1 1 
ATOM   1233 O OE2 . GLU A 1 166 ? -15.296 -0.257  17.464  1.00 16.99 ? 169 GLU A OE2 1 
ATOM   1234 N N   . ALA A 1 167 ? -16.485 5.493   17.182  1.00 9.05  ? 170 ALA A N   1 
ATOM   1235 C CA  . ALA A 1 167 ? -16.202 6.288   18.378  1.00 7.18  ? 170 ALA A CA  1 
ATOM   1236 C C   . ALA A 1 167 ? -17.350 7.230   18.709  1.00 11.29 ? 170 ALA A C   1 
ATOM   1237 O O   . ALA A 1 167 ? -17.603 7.512   19.886  1.00 13.81 ? 170 ALA A O   1 
ATOM   1238 C CB  . ALA A 1 167 ? -14.920 7.104   18.162  1.00 11.99 ? 170 ALA A CB  1 
ATOM   1239 N N   . LYS A 1 168 ? -18.074 7.701   17.703  1.00 12.33 ? 171 LYS A N   1 
ATOM   1240 C CA  . LYS A 1 168 ? -19.204 8.577   17.986  1.00 11.37 ? 171 LYS A CA  1 
ATOM   1241 C C   . LYS A 1 168 ? -20.449 7.803   18.370  1.00 14.95 ? 171 LYS A C   1 
ATOM   1242 O O   . LYS A 1 168 ? -21.452 8.415   18.751  1.00 15.61 ? 171 LYS A O   1 
ATOM   1243 C CB  . LYS A 1 168 ? -19.492 9.501   16.808  1.00 19.54 ? 171 LYS A CB  1 
ATOM   1244 C CG  . LYS A 1 168 ? -20.199 8.871   15.629  1.00 20.56 ? 171 LYS A CG  1 
ATOM   1245 C CD  . LYS A 1 168 ? -20.487 9.957   14.587  1.00 21.84 ? 171 LYS A CD  1 
ATOM   1246 C CE  . LYS A 1 168 ? -21.163 9.414   13.350  1.00 27.75 ? 171 LYS A CE  1 
ATOM   1247 N NZ  . LYS A 1 168 ? -22.559 9.000   13.644  1.00 31.04 ? 171 LYS A NZ  1 
ATOM   1248 N N   . SER A 1 169 ? -20.408 6.477   18.284  1.00 16.43 ? 172 SER A N   1 
ATOM   1249 C CA  . SER A 1 169 ? -21.607 5.677   18.475  1.00 16.88 ? 172 SER A CA  1 
ATOM   1250 C C   . SER A 1 169 ? -21.702 5.035   19.849  1.00 16.98 ? 172 SER A C   1 
ATOM   1251 O O   . SER A 1 169 ? -22.748 4.459   20.167  1.00 21.76 ? 172 SER A O   1 
ATOM   1252 C CB  . SER A 1 169 ? -21.745 4.636   17.355  1.00 19.75 ? 172 SER A CB  1 
ATOM   1253 O OG  . SER A 1 169 ? -21.989 5.274   16.103  1.00 22.86 ? 172 SER A OG  1 
ATOM   1254 N N   . ASN A 1 170 ? -20.665 5.135   20.675  1.00 23.73 ? 173 ASN A N   1 
ATOM   1255 C CA  . ASN A 1 170 ? -20.775 4.681   22.061  1.00 34.53 ? 173 ASN A CA  1 
ATOM   1256 C C   . ASN A 1 170 ? -20.942 5.858   23.025  1.00 29.19 ? 173 ASN A C   1 
ATOM   1257 O O   . ASN A 1 170 ? -20.312 5.909   24.081  1.00 40.82 ? 173 ASN A O   1 
ATOM   1258 C CB  . ASN A 1 170 ? -19.580 3.811   22.457  1.00 46.33 ? 173 ASN A CB  1 
ATOM   1259 C CG  . ASN A 1 170 ? -18.250 4.461   22.139  1.00 46.09 ? 173 ASN A CG  1 
ATOM   1260 O OD1 . ASN A 1 170 ? -17.845 5.429   22.787  1.00 48.12 ? 173 ASN A OD1 1 
ATOM   1261 N ND2 . ASN A 1 170 ? -17.553 3.918   21.148  1.00 40.25 ? 173 ASN A ND2 1 
HETATM 1262 O O   . HOH B 2 .   ? -4.539  3.027   -6.673  1.00 21.32 ? 201 HOH A O   1 
HETATM 1263 O O   . HOH B 2 .   ? -24.016 1.422   38.564  1.00 35.73 ? 202 HOH A O   1 
HETATM 1264 O O   . HOH B 2 .   ? 16.311  -9.033  0.066   1.00 29.97 ? 203 HOH A O   1 
HETATM 1265 O O   . HOH B 2 .   ? 12.407  3.275   -34.286 1.00 30.04 ? 204 HOH A O   1 
HETATM 1266 O O   . HOH B 2 .   ? 16.386  4.634   -18.476 1.00 26.94 ? 205 HOH A O   1 
HETATM 1267 O O   . HOH B 2 .   ? 9.434   1.494   -38.284 1.00 32.56 ? 206 HOH A O   1 
HETATM 1268 O O   . HOH B 2 .   ? 18.427  -4.885  -19.477 1.00 33.12 ? 207 HOH A O   1 
HETATM 1269 O O   . HOH B 2 .   ? -1.274  14.180  9.940   1.00 32.12 ? 208 HOH A O   1 
HETATM 1270 O O   . HOH B 2 .   ? -7.697  2.282   13.452  1.00 37.25 ? 209 HOH A O   1 
HETATM 1271 O O   . HOH B 2 .   ? 20.765  -8.179  -27.792 1.00 36.17 ? 210 HOH A O   1 
HETATM 1272 O O   . HOH B 2 .   ? 2.604   0.131   -15.135 1.00 20.52 ? 211 HOH A O   1 
HETATM 1273 O O   . HOH B 2 .   ? -1.919  18.305  9.608   1.00 37.96 ? 212 HOH A O   1 
HETATM 1274 O O   . HOH B 2 .   ? 9.261   3.302   -8.606  1.00 28.71 ? 213 HOH A O   1 
HETATM 1275 O O   . HOH B 2 .   ? 10.775  -4.808  -30.976 1.00 27.02 ? 214 HOH A O   1 
HETATM 1276 O O   . HOH B 2 .   ? 16.806  -2.788  -26.005 1.00 29.27 ? 215 HOH A O   1 
HETATM 1277 O O   . HOH B 2 .   ? 20.351  1.073   -9.481  1.00 19.98 ? 216 HOH A O   1 
HETATM 1278 O O   . HOH B 2 .   ? 14.021  -14.569 -12.718 1.00 46.62 ? 217 HOH A O   1 
HETATM 1279 O O   . HOH B 2 .   ? -0.349  -5.971  -13.410 1.00 34.39 ? 218 HOH A O   1 
HETATM 1280 O O   . HOH B 2 .   ? -9.969  17.737  15.834  1.00 36.69 ? 219 HOH A O   1 
HETATM 1281 O O   . HOH B 2 .   ? -0.748  -10.396 5.268   1.00 22.79 ? 220 HOH A O   1 
HETATM 1282 O O   . HOH B 2 .   ? -18.987 16.246  17.332  1.00 26.80 ? 221 HOH A O   1 
HETATM 1283 O O   . HOH B 2 .   ? -4.510  0.816   12.894  1.00 32.86 ? 222 HOH A O   1 
HETATM 1284 O O   . HOH B 2 .   ? 4.019   -3.119  -6.441  1.00 10.40 ? 223 HOH A O   1 
HETATM 1285 O O   . HOH B 2 .   ? 2.670   3.360   12.242  1.00 25.71 ? 224 HOH A O   1 
HETATM 1286 O O   . HOH B 2 .   ? -14.678 7.238   3.123   1.00 17.15 ? 225 HOH A O   1 
HETATM 1287 O O   . HOH B 2 .   ? -14.334 4.784   -0.556  1.00 30.71 ? 226 HOH A O   1 
HETATM 1288 O O   . HOH B 2 .   ? 5.528   3.570   7.057   1.00 28.61 ? 227 HOH A O   1 
HETATM 1289 O O   . HOH B 2 .   ? -17.768 0.620   22.302  1.00 25.82 ? 228 HOH A O   1 
HETATM 1290 O O   . HOH B 2 .   ? -0.815  -8.333  -3.926  1.00 32.32 ? 229 HOH A O   1 
HETATM 1291 O O   . HOH B 2 .   ? 8.783   -13.701 -5.084  1.00 14.54 ? 230 HOH A O   1 
HETATM 1292 O O   . HOH B 2 .   ? -3.031  0.050   0.449   1.00 12.37 ? 231 HOH A O   1 
HETATM 1293 O O   . HOH B 2 .   ? 4.676   4.142   -4.168  1.00 21.54 ? 232 HOH A O   1 
HETATM 1294 O O   . HOH B 2 .   ? -15.225 1.753   0.036   1.00 20.51 ? 233 HOH A O   1 
HETATM 1295 O O   . HOH B 2 .   ? -18.632 0.181   14.119  1.00 11.74 ? 234 HOH A O   1 
HETATM 1296 O O   . HOH B 2 .   ? -2.106  -11.461 12.094  1.00 30.45 ? 235 HOH A O   1 
HETATM 1297 O O   . HOH B 2 .   ? 8.454   -6.241  -30.357 1.00 30.14 ? 236 HOH A O   1 
HETATM 1298 O O   . HOH B 2 .   ? -20.212 8.013   25.673  1.00 26.19 ? 237 HOH A O   1 
HETATM 1299 O O   . HOH B 2 .   ? 2.649   0.780   15.792  1.00 30.97 ? 238 HOH A O   1 
HETATM 1300 O O   . HOH B 2 .   ? -11.053 -0.117  3.744   1.00 23.09 ? 239 HOH A O   1 
HETATM 1301 O O   . HOH B 2 .   ? -10.702 0.331   11.712  1.00 29.59 ? 240 HOH A O   1 
HETATM 1302 O O   . HOH B 2 .   ? 5.513   8.824   -10.031 1.00 29.78 ? 241 HOH A O   1 
HETATM 1303 O O   . HOH B 2 .   ? 2.126   -6.973  13.109  1.00 15.54 ? 242 HOH A O   1 
HETATM 1304 O O   . HOH B 2 .   ? 17.811  2.744   -24.065 1.00 29.03 ? 243 HOH A O   1 
HETATM 1305 O O   . HOH B 2 .   ? 21.941  -5.870  -25.097 1.00 33.40 ? 244 HOH A O   1 
HETATM 1306 O O   . HOH B 2 .   ? 17.614  2.188   -18.369 1.00 20.91 ? 245 HOH A O   1 
HETATM 1307 O O   . HOH B 2 .   ? -8.735  6.409   12.996  1.00 11.87 ? 246 HOH A O   1 
HETATM 1308 O O   . HOH B 2 .   ? -0.122  10.115  -10.626 1.00 10.44 ? 247 HOH A O   1 
HETATM 1309 O O   . HOH B 2 .   ? 2.937   -9.882  -5.404  1.00 19.42 ? 248 HOH A O   1 
HETATM 1310 O O   . HOH B 2 .   ? -7.102  6.990   19.247  1.00 27.99 ? 249 HOH A O   1 
HETATM 1311 O O   . HOH B 2 .   ? 14.405  6.391   -14.790 1.00 27.48 ? 250 HOH A O   1 
HETATM 1312 O O   . HOH B 2 .   ? 1.570   -10.429 3.077   1.00 16.05 ? 251 HOH A O   1 
HETATM 1313 O O   . HOH B 2 .   ? 1.077   -12.760 7.678   1.00 21.96 ? 252 HOH A O   1 
HETATM 1314 O O   . HOH B 2 .   ? 11.774  5.429   -0.688  1.00 18.55 ? 253 HOH A O   1 
HETATM 1315 O O   . HOH B 2 .   ? 18.067  -3.526  -30.601 1.00 33.36 ? 254 HOH A O   1 
HETATM 1316 O O   . HOH B 2 .   ? -18.754 -10.626 22.690  1.00 21.01 ? 255 HOH A O   1 
HETATM 1317 O O   . HOH B 2 .   ? 6.041   1.795   0.457   1.00 27.59 ? 256 HOH A O   1 
HETATM 1318 O O   . HOH B 2 .   ? 6.424   2.882   -12.666 1.00 21.77 ? 257 HOH A O   1 
HETATM 1319 O O   . HOH B 2 .   ? 14.831  -3.265  8.067   1.00 18.96 ? 258 HOH A O   1 
HETATM 1320 O O   . HOH B 2 .   ? 10.380  -13.100 -29.332 1.00 33.31 ? 259 HOH A O   1 
HETATM 1321 O O   . HOH B 2 .   ? 5.975   0.915   -18.465 1.00 20.01 ? 260 HOH A O   1 
HETATM 1322 O O   . HOH B 2 .   ? 4.065   -1.074  -4.315  1.00 14.42 ? 261 HOH A O   1 
HETATM 1323 O O   . HOH B 2 .   ? 2.745   -12.338 5.426   1.00 13.96 ? 262 HOH A O   1 
HETATM 1324 O O   . HOH B 2 .   ? 6.108   -7.386  9.993   1.00 10.55 ? 263 HOH A O   1 
HETATM 1325 O O   . HOH B 2 .   ? -15.782 7.090   21.887  1.00 17.10 ? 264 HOH A O   1 
HETATM 1326 O O   . HOH B 2 .   ? 12.045  -6.817  -32.232 1.00 26.16 ? 265 HOH A O   1 
HETATM 1327 O O   . HOH B 2 .   ? 10.062  3.242   -1.260  1.00 17.85 ? 266 HOH A O   1 
HETATM 1328 O O   . HOH B 2 .   ? 6.167   0.118   -7.778  1.00 15.78 ? 267 HOH A O   1 
HETATM 1329 O O   . HOH B 2 .   ? 7.474   1.930   -3.732  1.00 27.33 ? 268 HOH A O   1 
HETATM 1330 O O   . HOH B 2 .   ? 17.566  -3.993  -3.342  1.00 21.64 ? 269 HOH A O   1 
HETATM 1331 O O   . HOH B 2 .   ? 13.792  2.857   -25.708 1.00 19.08 ? 270 HOH A O   1 
HETATM 1332 O O   . HOH B 2 .   ? -8.348  6.932   21.396  1.00 26.15 ? 271 HOH A O   1 
HETATM 1333 O O   . HOH B 2 .   ? -0.724  -6.596  -5.801  1.00 23.73 ? 272 HOH A O   1 
HETATM 1334 O O   . HOH B 2 .   ? 3.891   -5.844  -7.354  1.00 9.39  ? 273 HOH A O   1 
HETATM 1335 O O   . HOH B 2 .   ? -9.093  0.640   5.605   1.00 15.64 ? 274 HOH A O   1 
HETATM 1336 O O   . HOH B 2 .   ? 2.270   1.752   -7.360  1.00 13.69 ? 275 HOH A O   1 
HETATM 1337 O O   . HOH B 2 .   ? -19.710 4.872   6.740   1.00 36.04 ? 276 HOH A O   1 
HETATM 1338 O O   . HOH B 2 .   ? -2.036  6.552   4.118   1.00 20.21 ? 277 HOH A O   1 
HETATM 1339 O O   . HOH B 2 .   ? 6.834   -8.449  -11.997 1.00 8.40  ? 278 HOH A O   1 
HETATM 1340 O O   . HOH B 2 .   ? 2.255   2.326   10.175  1.00 21.09 ? 279 HOH A O   1 
HETATM 1341 O O   . HOH B 2 .   ? 15.762  -12.723 -11.900 1.00 22.06 ? 280 HOH A O   1 
HETATM 1342 O O   . HOH B 2 .   ? -13.451 1.110   -3.689  1.00 26.43 ? 281 HOH A O   1 
HETATM 1343 O O   . HOH B 2 .   ? 0.913   -8.340  -14.959 1.00 20.87 ? 282 HOH A O   1 
HETATM 1344 O O   . HOH B 2 .   ? -0.355  7.680   0.594   1.00 14.52 ? 283 HOH A O   1 
HETATM 1345 O O   . HOH B 2 .   ? -6.715  -2.258  -0.668  1.00 22.24 ? 284 HOH A O   1 
HETATM 1346 O O   . HOH B 2 .   ? -1.423  -7.227  0.771   1.00 15.16 ? 285 HOH A O   1 
HETATM 1347 O O   . HOH B 2 .   ? -1.493  -11.952 8.319   1.00 20.01 ? 286 HOH A O   1 
HETATM 1348 O O   . HOH B 2 .   ? 11.463  -3.685  7.255   1.00 14.52 ? 287 HOH A O   1 
HETATM 1349 O O   . HOH B 2 .   ? 17.259  -3.852  -11.074 1.00 10.87 ? 288 HOH A O   1 
HETATM 1350 O O   . HOH B 2 .   ? -14.959 -6.446  12.923  1.00 20.80 ? 289 HOH A O   1 
HETATM 1351 O O   . HOH B 2 .   ? 15.078  -0.106  -32.384 1.00 20.41 ? 290 HOH A O   1 
HETATM 1352 O O   . HOH B 2 .   ? 17.747  -1.094  -3.910  1.00 10.47 ? 291 HOH A O   1 
HETATM 1353 O O   . HOH B 2 .   ? -13.180 3.877   17.003  1.00 21.23 ? 292 HOH A O   1 
HETATM 1354 O O   . HOH B 2 .   ? -7.041  -5.244  16.008  1.00 14.49 ? 293 HOH A O   1 
HETATM 1355 O O   . HOH B 2 .   ? -3.306  18.577  2.512   1.00 24.55 ? 294 HOH A O   1 
HETATM 1356 O O   . HOH B 2 .   ? 14.170  -4.717  0.846   1.00 12.26 ? 295 HOH A O   1 
HETATM 1357 O O   . HOH B 2 .   ? -3.285  11.580  -6.991  1.00 10.84 ? 296 HOH A O   1 
HETATM 1358 O O   . HOH B 2 .   ? 8.679   2.894   1.011   1.00 18.03 ? 297 HOH A O   1 
HETATM 1359 O O   . HOH B 2 .   ? 0.296   -11.860 12.301  1.00 35.59 ? 298 HOH A O   1 
HETATM 1360 O O   . HOH B 2 .   ? 17.966  -5.267  -21.458 1.00 29.60 ? 299 HOH A O   1 
HETATM 1361 O O   . HOH B 2 .   ? -8.473  3.436   -6.047  1.00 22.13 ? 300 HOH A O   1 
HETATM 1362 O O   . HOH B 2 .   ? -5.391  -6.278  2.487   1.00 25.50 ? 301 HOH A O   1 
HETATM 1363 O O   . HOH B 2 .   ? -10.958 16.434  17.829  1.00 18.67 ? 302 HOH A O   1 
HETATM 1364 O O   . HOH B 2 .   ? 4.589   -11.770 -0.619  1.00 11.56 ? 303 HOH A O   1 
HETATM 1365 O O   . HOH B 2 .   ? -15.399 2.998   6.404   1.00 10.19 ? 304 HOH A O   1 
HETATM 1366 O O   . HOH B 2 .   ? -2.833  14.384  -9.294  1.00 24.08 ? 305 HOH A O   1 
HETATM 1367 O O   . HOH B 2 .   ? -3.411  -0.008  9.900   1.00 25.50 ? 306 HOH A O   1 
HETATM 1368 O O   . HOH B 2 .   ? -10.953 8.125   12.906  1.00 9.64  ? 307 HOH A O   1 
HETATM 1369 O O   . HOH B 2 .   ? 0.630   17.604  -2.873  1.00 24.96 ? 308 HOH A O   1 
HETATM 1370 O O   . HOH B 2 .   ? 21.093  -2.352  -14.990 1.00 37.66 ? 309 HOH A O   1 
HETATM 1371 O O   . HOH B 2 .   ? -24.265 10.827  14.959  1.00 29.27 ? 310 HOH A O   1 
HETATM 1372 O O   . HOH B 2 .   ? 15.159  5.473   -1.753  1.00 16.22 ? 311 HOH A O   1 
HETATM 1373 O O   . HOH B 2 .   ? 16.571  -6.365  -10.289 1.00 9.50  ? 312 HOH A O   1 
HETATM 1374 O O   . HOH B 2 .   ? -8.794  18.056  7.449   1.00 26.45 ? 313 HOH A O   1 
HETATM 1375 O O   . HOH B 2 .   ? 11.395  4.762   -17.536 1.00 13.43 ? 314 HOH A O   1 
HETATM 1376 O O   . HOH B 2 .   ? 3.779   3.004   -9.487  1.00 18.97 ? 315 HOH A O   1 
HETATM 1377 O O   . HOH B 2 .   ? -11.982 -3.671  5.571   1.00 37.09 ? 316 HOH A O   1 
HETATM 1378 O O   . HOH B 2 .   ? -20.756 13.394  12.984  1.00 37.83 ? 317 HOH A O   1 
HETATM 1379 O O   . HOH B 2 .   ? -18.677 -9.367  14.621  1.00 28.04 ? 318 HOH A O   1 
HETATM 1380 O O   . HOH B 2 .   ? -7.347  -0.692  6.776   1.00 24.05 ? 319 HOH A O   1 
HETATM 1381 O O   . HOH B 2 .   ? -11.242 -5.490  14.553  1.00 16.83 ? 320 HOH A O   1 
HETATM 1382 O O   . HOH B 2 .   ? -0.076  -2.108  -12.323 1.00 25.26 ? 321 HOH A O   1 
HETATM 1383 O O   . HOH B 2 .   ? 13.655  4.249   -18.990 1.00 11.51 ? 322 HOH A O   1 
HETATM 1384 O O   . HOH B 2 .   ? 12.794  -6.739  -0.120  1.00 13.98 ? 323 HOH A O   1 
HETATM 1385 O O   . HOH B 2 .   ? -25.550 -8.152  33.688  1.00 36.95 ? 324 HOH A O   1 
HETATM 1386 O O   . HOH B 2 .   ? -12.840 -2.752  1.103   1.00 28.94 ? 325 HOH A O   1 
HETATM 1387 O O   . HOH B 2 .   ? -4.434  0.517   5.769   1.00 18.80 ? 326 HOH A O   1 
HETATM 1388 O O   . HOH B 2 .   ? 16.918  2.019   -2.508  1.00 9.68  ? 327 HOH A O   1 
HETATM 1389 O O   . HOH B 2 .   ? 5.353   9.346   -6.066  1.00 20.52 ? 328 HOH A O   1 
HETATM 1390 O O   . HOH B 2 .   ? 1.583   17.793  -8.948  1.00 26.88 ? 329 HOH A O   1 
HETATM 1391 O O   . HOH B 2 .   ? 15.467  -12.816 -7.109  1.00 21.45 ? 330 HOH A O   1 
HETATM 1392 O O   . HOH B 2 .   ? 8.248   1.936   -22.455 1.00 12.09 ? 331 HOH A O   1 
HETATM 1393 O O   . HOH B 2 .   ? 3.565   -14.310 -6.636  1.00 29.51 ? 332 HOH A O   1 
HETATM 1394 O O   . HOH B 2 .   ? -9.238  -11.892 17.085  1.00 21.45 ? 333 HOH A O   1 
HETATM 1395 O O   . HOH B 2 .   ? -6.440  -11.849 11.596  1.00 25.70 ? 334 HOH A O   1 
HETATM 1396 O O   . HOH B 2 .   ? 7.030   14.014  -6.580  1.00 43.16 ? 335 HOH A O   1 
HETATM 1397 O O   . HOH B 2 .   ? 8.701   -5.948  13.475  1.00 31.48 ? 336 HOH A O   1 
HETATM 1398 O O   . HOH B 2 .   ? -8.986  -11.876 13.038  1.00 23.96 ? 337 HOH A O   1 
HETATM 1399 O O   . HOH B 2 .   ? 1.556   5.831   1.203   1.00 22.06 ? 338 HOH A O   1 
HETATM 1400 O O   . HOH B 2 .   ? 14.819  -4.431  -16.444 1.00 25.30 ? 339 HOH A O   1 
HETATM 1401 O O   . HOH B 2 .   ? 9.128   1.505   -30.325 1.00 31.98 ? 340 HOH A O   1 
HETATM 1402 O O   . HOH B 2 .   ? -13.035 -10.026 19.029  1.00 13.33 ? 341 HOH A O   1 
HETATM 1403 O O   . HOH B 2 .   ? -5.505  9.376   10.034  1.00 20.70 ? 342 HOH A O   1 
HETATM 1404 O O   . HOH B 2 .   ? 5.111   -11.804 -17.079 1.00 18.43 ? 343 HOH A O   1 
HETATM 1405 O O   . HOH B 2 .   ? 3.878   -2.498  -18.841 1.00 17.45 ? 344 HOH A O   1 
HETATM 1406 O O   . HOH B 2 .   ? 6.625   -12.703 -24.225 1.00 25.12 ? 345 HOH A O   1 
HETATM 1407 O O   . HOH B 2 .   ? 19.480  -1.956  -0.422  1.00 21.42 ? 346 HOH A O   1 
HETATM 1408 O O   . HOH B 2 .   ? 7.284   -3.125  -30.099 1.00 41.06 ? 347 HOH A O   1 
HETATM 1409 O O   . HOH B 2 .   ? 1.626   4.232   -10.219 1.00 17.27 ? 348 HOH A O   1 
HETATM 1410 O O   . HOH B 2 .   ? 1.561   11.115  -2.974  1.00 32.36 ? 349 HOH A O   1 
HETATM 1411 O O   . HOH B 2 .   ? 15.563  -10.610 -5.831  1.00 20.24 ? 350 HOH A O   1 
HETATM 1412 O O   . HOH B 2 .   ? -1.337  0.088   -10.690 1.00 26.49 ? 351 HOH A O   1 
HETATM 1413 O O   . HOH B 2 .   ? 17.953  -9.366  -6.415  1.00 19.44 ? 352 HOH A O   1 
HETATM 1414 O O   . HOH B 2 .   ? 2.833   -12.818 -19.165 1.00 19.28 ? 353 HOH A O   1 
HETATM 1415 O O   . HOH B 2 .   ? -5.501  9.509   3.735   1.00 19.71 ? 354 HOH A O   1 
HETATM 1416 O O   . HOH B 2 .   ? 8.612   -10.799 -23.171 1.00 15.52 ? 355 HOH A O   1 
HETATM 1417 O O   . HOH B 2 .   ? 8.205   0.237   -6.046  1.00 23.70 ? 356 HOH A O   1 
HETATM 1418 O O   . HOH B 2 .   ? 15.751  -11.288 -3.494  1.00 34.48 ? 357 HOH A O   1 
HETATM 1419 O O   . HOH B 2 .   ? -17.734 -11.263 15.407  1.00 30.65 ? 358 HOH A O   1 
HETATM 1420 O O   . HOH B 2 .   ? 1.490   3.659   5.107   1.00 21.02 ? 359 HOH A O   1 
HETATM 1421 O O   . HOH B 2 .   ? -2.973  2.420   4.180   1.00 16.40 ? 360 HOH A O   1 
HETATM 1422 O O   . HOH B 2 .   ? 5.803   11.986  -5.250  1.00 21.56 ? 361 HOH A O   1 
HETATM 1423 O O   . HOH B 2 .   ? 10.041  -13.066 -2.713  1.00 11.78 ? 362 HOH A O   1 
HETATM 1424 O O   . HOH B 2 .   ? -5.667  11.403  23.860  1.00 34.56 ? 363 HOH A O   1 
HETATM 1425 O O   . HOH B 2 .   ? 7.400   -1.675  12.943  1.00 25.41 ? 364 HOH A O   1 
HETATM 1426 O O   . HOH B 2 .   ? -2.519  -9.200  14.497  1.00 20.76 ? 365 HOH A O   1 
HETATM 1427 O O   . HOH B 2 .   ? -12.557 3.434   19.459  1.00 30.75 ? 366 HOH A O   1 
HETATM 1428 O O   . HOH B 2 .   ? 5.611   -11.128 -12.791 1.00 32.95 ? 367 HOH A O   1 
HETATM 1429 O O   . HOH B 2 .   ? -25.292 4.397   18.509  1.00 29.76 ? 368 HOH A O   1 
HETATM 1430 O O   . HOH B 2 .   ? -1.909  -7.145  -2.074  1.00 24.29 ? 369 HOH A O   1 
HETATM 1431 O O   . HOH B 2 .   ? 16.657  -4.545  -0.588  1.00 27.58 ? 370 HOH A O   1 
HETATM 1432 O O   . HOH B 2 .   ? 16.237  5.044   -7.708  1.00 18.54 ? 371 HOH A O   1 
HETATM 1433 O O   . HOH B 2 .   ? 6.140   4.227   -9.321  1.00 28.99 ? 372 HOH A O   1 
HETATM 1434 O O   . HOH B 2 .   ? 8.363   -7.990  -33.568 1.00 38.83 ? 373 HOH A O   1 
HETATM 1435 O O   . HOH B 2 .   ? -9.088  -2.372  9.552   1.00 35.75 ? 374 HOH A O   1 
HETATM 1436 O O   . HOH B 2 .   ? 12.975  -13.600 -2.971  1.00 32.76 ? 375 HOH A O   1 
HETATM 1437 O O   . HOH B 2 .   ? 7.402   -12.880 -15.104 1.00 29.44 ? 376 HOH A O   1 
HETATM 1438 O O   . HOH B 2 .   ? -5.935  19.821  2.931   1.00 28.07 ? 377 HOH A O   1 
HETATM 1439 O O   . HOH B 2 .   ? -9.690  -5.785  12.357  1.00 35.58 ? 378 HOH A O   1 
HETATM 1440 O O   . HOH B 2 .   ? 10.347  -9.540  -34.992 1.00 34.46 ? 379 HOH A O   1 
HETATM 1441 O O   . HOH B 2 .   ? -0.685  -9.402  2.141   1.00 23.33 ? 380 HOH A O   1 
HETATM 1442 O O   . HOH B 2 .   ? 12.475  3.440   8.374   1.00 29.98 ? 381 HOH A O   1 
HETATM 1443 O O   . HOH B 2 .   ? 4.043   8.639   0.657   1.00 37.78 ? 382 HOH A O   1 
HETATM 1444 O O   . HOH B 2 .   ? -5.691  -13.345 9.324   1.00 41.13 ? 383 HOH A O   1 
HETATM 1445 O O   . HOH B 2 .   ? -12.847 1.153   16.032  1.00 31.35 ? 384 HOH A O   1 
HETATM 1446 O O   . HOH B 2 .   ? 8.495   3.048   7.446   1.00 24.69 ? 385 HOH A O   1 
HETATM 1447 O O   . HOH B 2 .   ? 0.884   -3.079  -19.682 1.00 29.12 ? 386 HOH A O   1 
HETATM 1448 O O   . HOH B 2 .   ? -6.396  15.405  -8.973  1.00 32.24 ? 387 HOH A O   1 
HETATM 1449 O O   . HOH B 2 .   ? -6.982  18.263  -7.906  1.00 40.71 ? 388 HOH A O   1 
HETATM 1450 O O   . HOH B 2 .   ? 0.027   3.066   -12.543 1.00 31.66 ? 389 HOH A O   1 
HETATM 1451 O O   . HOH B 2 .   ? 5.165   11.832  -2.264  1.00 42.40 ? 390 HOH A O   1 
HETATM 1452 O O   . HOH B 2 .   ? 5.449   -8.666  -30.906 1.00 31.66 ? 391 HOH A O   1 
HETATM 1453 O O   . HOH B 2 .   ? -4.104  -8.670  1.655   1.00 29.93 ? 392 HOH A O   1 
HETATM 1454 O O   . HOH B 2 .   ? 1.360   19.030  -4.762  1.00 41.36 ? 393 HOH A O   1 
HETATM 1455 O O   . HOH B 2 .   ? 17.700  -1.454  -20.800 1.00 29.46 ? 394 HOH A O   1 
HETATM 1456 O O   . HOH B 2 .   ? -22.870 2.441   14.725  1.00 21.23 ? 395 HOH A O   1 
HETATM 1457 O O   . HOH B 2 .   ? 1.771   9.506   -0.303  1.00 24.01 ? 396 HOH A O   1 
HETATM 1458 O O   . HOH B 2 .   ? -19.404 14.305  25.147  1.00 37.20 ? 397 HOH A O   1 
HETATM 1459 O O   . HOH B 2 .   ? 15.053  -13.628 -9.938  1.00 35.22 ? 398 HOH A O   1 
HETATM 1460 O O   . HOH B 2 .   ? 8.118   3.458   -28.796 1.00 29.13 ? 399 HOH A O   1 
HETATM 1461 O O   . HOH B 2 .   ? 16.218  4.141   -11.946 1.00 23.37 ? 400 HOH A O   1 
HETATM 1462 O O   . HOH B 2 .   ? -20.951 -9.854  24.055  1.00 29.74 ? 401 HOH A O   1 
HETATM 1463 O O   . HOH B 2 .   ? 6.487   -5.967  13.933  1.00 37.27 ? 402 HOH A O   1 
HETATM 1464 O O   . HOH B 2 .   ? -10.876 -2.056  14.862  1.00 37.70 ? 403 HOH A O   1 
HETATM 1465 O O   . HOH B 2 .   ? -19.048 -5.197  15.002  1.00 17.85 ? 404 HOH A O   1 
HETATM 1466 O O   . HOH B 2 .   ? 2.773   -14.580 -24.845 1.00 26.16 ? 405 HOH A O   1 
HETATM 1467 O O   . HOH B 2 .   ? 2.014   -7.609  -6.752  1.00 20.79 ? 406 HOH A O   1 
HETATM 1468 O O   . HOH B 2 .   ? -8.997  -3.736  14.525  1.00 32.66 ? 407 HOH A O   1 
HETATM 1469 O O   . HOH B 2 .   ? 0.453   -13.697 -20.922 1.00 21.21 ? 408 HOH A O   1 
HETATM 1470 O O   . HOH B 2 .   ? 18.714  -10.013 -13.038 1.00 30.45 ? 409 HOH A O   1 
HETATM 1471 O O   . HOH B 2 .   ? -20.024 -10.551 26.985  1.00 25.81 ? 410 HOH A O   1 
HETATM 1472 O O   . HOH B 2 .   ? 2.012   15.090  3.002   1.00 44.43 ? 411 HOH A O   1 
HETATM 1473 O O   . HOH B 2 .   ? 6.253   0.769   -20.918 1.00 27.87 ? 412 HOH A O   1 
HETATM 1474 O O   . HOH B 2 .   ? -19.191 -13.083 21.335  1.00 32.60 ? 413 HOH A O   1 
HETATM 1475 O O   . HOH B 2 .   ? 3.752   -10.889 -14.762 1.00 23.35 ? 414 HOH A O   1 
HETATM 1476 O O   . HOH B 2 .   ? -11.690 -6.259  11.864  1.00 36.08 ? 415 HOH A O   1 
HETATM 1477 O O   . HOH B 2 .   ? -2.173  16.811  -10.460 1.00 40.76 ? 416 HOH A O   1 
HETATM 1478 O O   . HOH B 2 .   ? 11.678  6.334   -15.313 1.00 19.42 ? 417 HOH A O   1 
HETATM 1479 O O   . HOH B 2 .   ? 13.071  3.129   -37.216 1.00 37.47 ? 418 HOH A O   1 
HETATM 1480 O O   . HOH B 2 .   ? 8.953   4.818   2.585   1.00 31.25 ? 419 HOH A O   1 
HETATM 1481 O O   . HOH B 2 .   ? -16.027 3.608   4.164   1.00 32.49 ? 420 HOH A O   1 
HETATM 1482 O O   . HOH B 2 .   ? -20.342 1.928   15.322  1.00 14.24 ? 421 HOH A O   1 
HETATM 1483 O O   . HOH B 2 .   ? 2.726   11.551  -0.169  1.00 42.07 ? 422 HOH A O   1 
HETATM 1484 O O   . HOH B 2 .   ? -1.015  3.186   5.970   1.00 32.17 ? 423 HOH A O   1 
HETATM 1485 O O   . HOH B 2 .   ? -17.839 -6.749  12.950  1.00 17.23 ? 424 HOH A O   1 
HETATM 1486 O O   . HOH B 2 .   ? 4.721   -7.026  12.386  1.00 16.91 ? 425 HOH A O   1 
HETATM 1487 O O   . HOH B 2 .   ? -2.926  -13.316 10.072  1.00 28.13 ? 426 HOH A O   1 
HETATM 1488 O O   . HOH B 2 .   ? 19.320  -9.559  -8.691  1.00 39.50 ? 427 HOH A O   1 
HETATM 1489 O O   . HOH B 2 .   ? 4.107   -0.579  -17.225 1.00 20.59 ? 428 HOH A O   1 
HETATM 1490 O O   . HOH B 2 .   ? -26.574 -10.573 24.820  1.00 39.82 ? 429 HOH A O   1 
HETATM 1491 O O   . HOH B 2 .   ? 9.954   5.386   -11.028 1.00 35.00 ? 430 HOH A O   1 
HETATM 1492 O O   . HOH B 2 .   ? 2.651   4.018   7.832   1.00 33.21 ? 431 HOH A O   1 
HETATM 1493 O O   . HOH B 2 .   ? 7.069   7.895   -7.472  1.00 33.08 ? 432 HOH A O   1 
HETATM 1494 O O   . HOH B 2 .   ? 0.438   6.086   4.027   1.00 33.92 ? 433 HOH A O   1 
HETATM 1495 O O   . HOH B 2 .   ? 2.831   -12.550 1.368   1.00 15.23 ? 434 HOH A O   1 
HETATM 1496 O O   . HOH B 2 .   ? -1.841  8.816   6.756   1.00 29.98 ? 435 HOH A O   1 
HETATM 1497 O O   . HOH B 2 .   ? -1.931  -11.190 0.337   1.00 37.66 ? 436 HOH A O   1 
HETATM 1498 O O   . HOH B 2 .   ? -1.114  19.868  -1.708  1.00 41.17 ? 437 HOH A O   1 
HETATM 1499 O O   . HOH B 2 .   ? 7.776   -11.043 -12.457 1.00 27.56 ? 438 HOH A O   1 
HETATM 1500 O O   . HOH B 2 .   ? 0.233   16.659  4.428   1.00 39.77 ? 439 HOH A O   1 
HETATM 1501 O O   . HOH B 2 .   ? 18.809  -8.090  -10.905 1.00 20.15 ? 440 HOH A O   1 
HETATM 1502 O O   . HOH B 2 .   ? 5.501   0.859   -2.246  1.00 22.49 ? 441 HOH A O   1 
HETATM 1503 O O   . HOH B 2 .   ? 6.128   2.813   -5.156  1.00 40.01 ? 442 HOH A O   1 
HETATM 1504 O O   . HOH B 2 .   ? 0.014   -0.109  -14.393 1.00 34.47 ? 443 HOH A O   1 
HETATM 1505 O O   . HOH B 2 .   ? 6.065   2.100   -26.473 1.00 36.86 ? 444 HOH A O   1 
HETATM 1506 O O   . HOH B 2 .   ? 0.506   -9.505  13.772  1.00 33.25 ? 445 HOH A O   1 
HETATM 1507 O O   . HOH B 2 .   ? -6.851  6.755   15.168  1.00 23.86 ? 446 HOH A O   1 
HETATM 1508 O O   . HOH B 2 .   ? 4.377   4.005   -1.508  1.00 24.83 ? 447 HOH A O   1 
HETATM 1509 O O   . HOH B 2 .   ? -12.969 -4.925  -0.791  1.00 22.25 ? 448 HOH A O   1 
HETATM 1510 O O   . HOH B 2 .   ? 18.818  -4.401  0.861   1.00 40.16 ? 449 HOH A O   1 
HETATM 1511 O O   . HOH B 2 .   ? 4.508   1.066   -5.892  1.00 16.05 ? 450 HOH A O   1 
HETATM 1512 O O   . HOH B 2 .   ? -0.831  2.274   9.747   1.00 29.57 ? 451 HOH A O   1 
HETATM 1513 O O   . HOH B 2 .   ? -9.697  -2.424  -3.232  1.00 35.94 ? 452 HOH A O   1 
HETATM 1514 O O   . HOH B 2 .   ? -26.812 1.787   31.441  1.00 46.19 ? 453 HOH A O   1 
HETATM 1515 O O   . HOH B 2 .   ? 0.757   18.650  0.003   1.00 39.76 ? 454 HOH A O   1 
HETATM 1516 O O   . HOH B 2 .   ? 10.639  6.013   -12.933 1.00 39.93 ? 455 HOH A O   1 
HETATM 1517 O O   . HOH B 2 .   ? 21.642  -2.526  -12.742 1.00 37.45 ? 456 HOH A O   1 
HETATM 1518 O O   . HOH B 2 .   ? 3.490   16.164  0.726   1.00 42.61 ? 457 HOH A O   1 
HETATM 1519 O O   . HOH B 2 .   ? 9.812   7.047   0.365   1.00 38.66 ? 458 HOH A O   1 
HETATM 1520 O O   . HOH B 2 .   ? -0.053  -13.153 3.883   1.00 33.61 ? 459 HOH A O   1 
HETATM 1521 O O   . HOH B 2 .   ? 17.490  -12.931 -9.141  1.00 37.57 ? 460 HOH A O   1 
HETATM 1522 O O   . HOH B 2 .   ? 4.508   -1.221  -21.200 1.00 22.14 ? 461 HOH A O   1 
HETATM 1523 O O   . HOH B 2 .   ? -2.993  -13.539 0.618   1.00 35.76 ? 462 HOH A O   1 
# 
